data_8SAX
#
_entry.id   8SAX
#
_cell.length_a   1.00
_cell.length_b   1.00
_cell.length_c   1.00
_cell.angle_alpha   90.00
_cell.angle_beta   90.00
_cell.angle_gamma   90.00
#
_symmetry.space_group_name_H-M   'P 1'
#
loop_
_entity.id
_entity.type
_entity.pdbx_description
1 polymer 'CH848.10.17.SOSIP gp120'
2 polymer 'CH848.10.17.SOSIP gp41'
3 polymer 'DH270.UCA heavy chain'
4 polymer 'DH270.UCA light chain'
5 branched alpha-D-mannopyranose-(1-3)-beta-D-mannopyranose-(1-4)-2-acetamido-2-deoxy-beta-D-glucopyranose-(1-4)-2-acetamido-2-deoxy-beta-D-glucopyranose
6 branched alpha-D-mannopyranose-(1-2)-alpha-D-mannopyranose-(1-2)-alpha-D-mannopyranose-(1-3)-[alpha-D-mannopyranose-(1-3)-[alpha-D-mannopyranose-(1-6)]alpha-D-mannopyranose-(1-6)]beta-D-mannopyranose-(1-4)-2-acetamido-2-deoxy-beta-D-glucopyranose-(1-4)-2-acetamido-2-deoxy-beta-D-glucopyranose
7 branched 2-acetamido-2-deoxy-beta-D-glucopyranose-(1-4)-2-acetamido-2-deoxy-beta-D-glucopyranose
#
loop_
_entity_poly.entity_id
_entity_poly.type
_entity_poly.pdbx_seq_one_letter_code
_entity_poly.pdbx_strand_id
1 'polypeptide(L)'
;AENLWVTVYYGVPVWKEAKTTLFCASDARAYEKEVHNVWATHACVPTDPSPQELVLGNVTENFNMWKNDMVDQMHEDIIS
LWDQSLKPCVKLTPLCVTLICSDATVKTGTVEEMKNCSFNTTTEIRDKEKKEYALFYKPDIVPLSETNNTSEYRLINCNT
SACTQACPKVTFEPIPIHYCAPAGYAILKCNDETFNGTGPCSNVSTVQCTHGIRPVVSTQLLLNGSLAEKEIVIRSENLT
NNAKIIIVHLHTPVEIVCTRPNNNTRKSVRIGPGQTFYATGDIIGDIKQAHCNISEEKWNDTLQKVGIELQKHFPNKTIK
YNQSAGGDMEITTHSFNCGGEFFYCNTSNLFNGTYNGTYISTNSSANSTSTITLQCRIKQIINMWQGVGRCMYAPPIAGN
ITCRSNITGLLLTRDGGTNSNETETFRPAGGDMRDNWRSELYKYKVVKIEPLGVAPTRCKRRVVGRRRRRR
;
A,E,I
2 'polypeptide(L)'
;AVGIGAVFLGFLGAAGSTMGAASMTLTVQARNLLSGTVWGIKQLQARVLAVERYLRDQQLLGIWGCSGKLICCTNVPWNS
SWSNRNLSEIWDNMTWLQWDKEISNYTQIIYGLLEESQNQQEKNEQDLLALD
;
B,F,J
3 'polypeptide(L)'
;QVQLVQSGAEVKKPGASVKVSCKASGYTFTGYYMHWVRQAPGQGLEWMGWINPNSGGTNYAQKFQGRVTMTRDTSISTAY
MELSRLRSDDTAVYYCARGGWISLYYDSSGYPNFDYWGQGTLVTVSG
;
C,G,K
4 'polypeptide(L)'
;QSALTQPASVSGSPGQSITISCTGTSSDVGSYNLVSWYQQHPGKAPKLMIYEVSKRPSGVSNRFSGSKSGNTASLTISGL
QAEDEADYYCCSYAGSSTVIFGGGTKLTVLG
;
D,H,L
#
# COMPACT_ATOMS: atom_id res chain seq x y z
N GLU A 2 -9.21 -34.59 -59.31
CA GLU A 2 -8.50 -35.76 -58.79
C GLU A 2 -7.49 -35.35 -57.73
N ASN A 3 -6.38 -34.76 -58.16
CA ASN A 3 -5.36 -34.30 -57.23
C ASN A 3 -5.90 -33.15 -56.38
N LEU A 4 -5.53 -33.14 -55.11
CA LEU A 4 -6.00 -32.15 -54.15
C LEU A 4 -4.82 -31.56 -53.41
N TRP A 5 -4.96 -30.28 -53.03
CA TRP A 5 -3.87 -29.51 -52.45
C TRP A 5 -4.36 -28.75 -51.22
N VAL A 6 -3.41 -28.38 -50.37
CA VAL A 6 -3.72 -27.75 -49.09
C VAL A 6 -4.27 -26.34 -49.32
N THR A 7 -5.11 -25.89 -48.38
CA THR A 7 -5.57 -24.52 -48.36
C THR A 7 -5.82 -24.12 -46.91
N VAL A 8 -5.42 -22.90 -46.55
CA VAL A 8 -5.49 -22.40 -45.18
C VAL A 8 -6.66 -21.43 -45.08
N TYR A 9 -7.44 -21.58 -44.01
CA TYR A 9 -8.61 -20.76 -43.74
C TYR A 9 -8.42 -20.04 -42.42
N TYR A 10 -8.67 -18.73 -42.41
CA TYR A 10 -8.57 -17.90 -41.22
C TYR A 10 -9.97 -17.45 -40.82
N GLY A 11 -10.28 -17.59 -39.54
CA GLY A 11 -11.60 -17.27 -39.02
C GLY A 11 -12.53 -18.44 -38.86
N VAL A 12 -12.03 -19.67 -39.00
CA VAL A 12 -12.89 -20.85 -38.87
C VAL A 12 -13.34 -20.98 -37.42
N PRO A 13 -14.64 -21.15 -37.13
CA PRO A 13 -15.06 -21.24 -35.72
C PRO A 13 -14.74 -22.60 -35.14
N VAL A 14 -13.88 -22.60 -34.11
CA VAL A 14 -13.54 -23.81 -33.37
C VAL A 14 -13.51 -23.45 -31.90
N TRP A 15 -13.97 -24.38 -31.07
CA TRP A 15 -14.08 -24.18 -29.62
C TRP A 15 -13.09 -25.09 -28.90
N LYS A 16 -12.36 -24.54 -27.93
CA LYS A 16 -11.51 -25.33 -27.05
C LYS A 16 -11.70 -24.85 -25.63
N GLU A 17 -12.15 -25.74 -24.74
CA GLU A 17 -12.36 -25.35 -23.36
C GLU A 17 -11.01 -25.12 -22.68
N ALA A 18 -10.89 -23.98 -21.99
CA ALA A 18 -9.64 -23.60 -21.35
C ALA A 18 -9.93 -22.53 -20.30
N LYS A 19 -8.91 -22.24 -19.50
CA LYS A 19 -9.03 -21.27 -18.43
C LYS A 19 -8.73 -19.87 -18.93
N THR A 20 -9.34 -18.87 -18.29
CA THR A 20 -9.14 -17.47 -18.66
C THR A 20 -9.75 -16.61 -17.55
N THR A 21 -9.73 -15.30 -17.76
CA THR A 21 -10.27 -14.33 -16.81
C THR A 21 -11.44 -13.58 -17.45
N LEU A 22 -12.39 -13.19 -16.60
CA LEU A 22 -13.62 -12.53 -17.02
C LEU A 22 -13.69 -11.14 -16.42
N PHE A 23 -14.49 -10.28 -17.06
CA PHE A 23 -14.72 -8.93 -16.60
C PHE A 23 -16.13 -8.82 -16.01
N CYS A 24 -16.34 -7.78 -15.21
CA CYS A 24 -17.62 -7.52 -14.58
C CYS A 24 -18.19 -6.21 -15.10
N ALA A 25 -19.50 -6.20 -15.34
CA ALA A 25 -20.22 -5.02 -15.81
C ALA A 25 -21.50 -4.86 -15.02
N SER A 26 -22.00 -3.63 -14.94
CA SER A 26 -23.20 -3.34 -14.18
C SER A 26 -23.97 -2.22 -14.87
N ASP A 27 -25.25 -2.09 -14.51
CA ASP A 27 -26.09 -1.07 -15.09
C ASP A 27 -25.60 0.32 -14.67
N ALA A 28 -25.89 1.31 -15.51
CA ALA A 28 -25.41 2.67 -15.30
C ALA A 28 -26.08 3.37 -14.12
N ARG A 29 -27.14 2.78 -13.54
CA ARG A 29 -27.80 3.42 -12.40
C ARG A 29 -26.85 3.55 -11.22
N ALA A 30 -25.96 2.57 -11.04
CA ALA A 30 -24.99 2.65 -9.96
C ALA A 30 -24.03 3.82 -10.14
N TYR A 31 -23.63 4.10 -11.39
CA TYR A 31 -22.75 5.22 -11.65
C TYR A 31 -23.41 6.57 -11.36
N GLU A 32 -24.74 6.60 -11.29
CA GLU A 32 -25.43 7.86 -10.99
C GLU A 32 -25.05 8.40 -9.62
N LYS A 33 -24.92 7.50 -8.63
CA LYS A 33 -24.55 7.94 -7.29
C LYS A 33 -23.17 8.57 -7.30
N GLU A 34 -23.05 9.71 -6.62
CA GLU A 34 -21.78 10.43 -6.61
C GLU A 34 -20.68 9.62 -5.93
N VAL A 35 -20.97 9.02 -4.78
CA VAL A 35 -19.98 8.26 -4.03
C VAL A 35 -20.70 7.36 -3.04
N HIS A 36 -20.02 6.29 -2.62
CA HIS A 36 -20.54 5.37 -1.61
C HIS A 36 -21.83 4.71 -2.09
N ASN A 37 -21.72 4.01 -3.22
CA ASN A 37 -22.82 3.24 -3.81
C ASN A 37 -22.26 1.88 -4.21
N VAL A 38 -22.33 0.93 -3.28
CA VAL A 38 -21.93 -0.46 -3.55
C VAL A 38 -20.46 -0.52 -3.97
N TRP A 39 -20.11 -1.53 -4.77
CA TRP A 39 -18.78 -1.65 -5.36
C TRP A 39 -18.82 -1.85 -6.87
N ALA A 40 -19.99 -2.12 -7.47
CA ALA A 40 -20.05 -2.32 -8.91
C ALA A 40 -19.66 -1.06 -9.66
N THR A 41 -20.14 0.11 -9.20
CA THR A 41 -19.78 1.36 -9.86
C THR A 41 -18.29 1.64 -9.79
N HIS A 42 -17.61 1.17 -8.74
CA HIS A 42 -16.18 1.39 -8.60
C HIS A 42 -15.34 0.36 -9.35
N ALA A 43 -15.84 -0.87 -9.51
CA ALA A 43 -15.04 -1.98 -10.00
C ALA A 43 -15.53 -2.60 -11.30
N CYS A 44 -16.62 -2.10 -11.89
CA CYS A 44 -17.20 -2.72 -13.08
C CYS A 44 -17.58 -1.64 -14.10
N VAL A 45 -17.89 -2.10 -15.30
CA VAL A 45 -18.09 -1.25 -16.47
C VAL A 45 -19.58 -1.10 -16.73
N PRO A 46 -20.04 0.00 -17.35
CA PRO A 46 -21.42 0.02 -17.84
C PRO A 46 -21.65 -1.08 -18.86
N THR A 47 -22.84 -1.67 -18.82
CA THR A 47 -23.19 -2.83 -19.61
C THR A 47 -24.19 -2.44 -20.71
N ASP A 48 -24.62 -3.45 -21.47
CA ASP A 48 -25.57 -3.29 -22.55
C ASP A 48 -26.26 -4.63 -22.83
N PRO A 49 -27.59 -4.72 -22.78
CA PRO A 49 -28.22 -6.02 -23.09
C PRO A 49 -27.89 -6.55 -24.47
N SER A 50 -27.75 -5.67 -25.46
CA SER A 50 -27.38 -6.10 -26.80
C SER A 50 -25.95 -6.64 -26.80
N PRO A 51 -25.64 -7.63 -27.65
CA PRO A 51 -26.51 -8.34 -28.61
C PRO A 51 -27.36 -9.43 -27.94
N GLN A 52 -28.37 -9.93 -28.64
CA GLN A 52 -29.21 -10.98 -28.09
C GLN A 52 -28.45 -12.31 -28.10
N GLU A 53 -28.99 -13.28 -27.35
CA GLU A 53 -28.37 -14.61 -27.29
C GLU A 53 -28.63 -15.36 -28.59
N LEU A 54 -27.69 -15.27 -29.52
CA LEU A 54 -27.84 -15.95 -30.81
C LEU A 54 -27.83 -17.45 -30.61
N VAL A 55 -28.73 -18.14 -31.30
CA VAL A 55 -28.86 -19.59 -31.21
C VAL A 55 -28.22 -20.23 -32.44
N LEU A 56 -27.40 -21.24 -32.21
CA LEU A 56 -26.69 -21.94 -33.28
C LEU A 56 -27.57 -23.03 -33.88
N GLY A 57 -27.36 -23.30 -35.16
CA GLY A 57 -28.21 -24.22 -35.89
C GLY A 57 -28.19 -25.64 -35.38
N ASN A 58 -27.05 -26.31 -35.50
CA ASN A 58 -26.91 -27.70 -35.08
C ASN A 58 -25.55 -27.86 -34.41
N VAL A 59 -25.55 -27.99 -33.09
CA VAL A 59 -24.32 -28.10 -32.30
C VAL A 59 -24.49 -29.17 -31.23
N THR A 60 -23.37 -29.69 -30.76
CA THR A 60 -23.34 -30.66 -29.66
C THR A 60 -22.14 -30.34 -28.78
N GLU A 61 -22.37 -30.39 -27.46
CA GLU A 61 -21.33 -30.03 -26.50
C GLU A 61 -21.59 -30.77 -25.20
N ASN A 62 -20.55 -30.83 -24.37
CA ASN A 62 -20.61 -31.45 -23.04
C ASN A 62 -20.43 -30.38 -21.99
N PHE A 63 -21.34 -30.34 -21.01
CA PHE A 63 -21.34 -29.35 -19.96
C PHE A 63 -21.05 -30.01 -18.61
N ASN A 64 -20.17 -29.39 -17.83
CA ASN A 64 -19.84 -29.85 -16.49
C ASN A 64 -20.00 -28.68 -15.53
N MET A 65 -20.71 -28.91 -14.43
CA MET A 65 -21.00 -27.86 -13.45
C MET A 65 -19.99 -27.83 -12.30
N TRP A 66 -19.67 -29.00 -11.73
CA TRP A 66 -18.80 -29.03 -10.56
C TRP A 66 -17.34 -28.78 -10.95
N LYS A 67 -16.90 -29.33 -12.07
CA LYS A 67 -15.51 -29.17 -12.53
C LYS A 67 -15.39 -27.88 -13.34
N ASN A 68 -15.48 -26.76 -12.63
CA ASN A 68 -15.38 -25.43 -13.23
C ASN A 68 -14.60 -24.52 -12.30
N ASP A 69 -13.87 -23.57 -12.90
CA ASP A 69 -13.05 -22.63 -12.15
C ASP A 69 -13.61 -21.22 -12.11
N MET A 70 -14.73 -20.95 -12.78
CA MET A 70 -15.30 -19.60 -12.76
C MET A 70 -15.75 -19.23 -11.35
N VAL A 71 -16.32 -20.19 -10.61
CA VAL A 71 -16.78 -19.91 -9.25
C VAL A 71 -15.61 -19.54 -8.36
N ASP A 72 -14.46 -20.21 -8.54
CA ASP A 72 -13.28 -19.87 -7.76
C ASP A 72 -12.81 -18.45 -8.07
N GLN A 73 -12.82 -18.07 -9.34
CA GLN A 73 -12.44 -16.71 -9.71
C GLN A 73 -13.40 -15.68 -9.10
N MET A 74 -14.70 -15.98 -9.13
CA MET A 74 -15.67 -15.07 -8.52
C MET A 74 -15.44 -14.94 -7.02
N HIS A 75 -15.17 -16.06 -6.35
CA HIS A 75 -14.89 -16.03 -4.92
C HIS A 75 -13.65 -15.20 -4.62
N GLU A 76 -12.59 -15.39 -5.41
CA GLU A 76 -11.37 -14.62 -5.19
C GLU A 76 -11.61 -13.12 -5.41
N ASP A 77 -12.37 -12.77 -6.45
CA ASP A 77 -12.66 -11.36 -6.72
C ASP A 77 -13.47 -10.75 -5.58
N ILE A 78 -14.48 -11.48 -5.09
CA ILE A 78 -15.31 -10.96 -4.00
C ILE A 78 -14.47 -10.80 -2.74
N ILE A 79 -13.60 -11.77 -2.46
CA ILE A 79 -12.75 -11.67 -1.27
C ILE A 79 -11.82 -10.47 -1.37
N SER A 80 -11.20 -10.27 -2.53
CA SER A 80 -10.31 -9.13 -2.71
C SER A 80 -11.06 -7.82 -2.56
N LEU A 81 -12.26 -7.72 -3.15
CA LEU A 81 -13.04 -6.49 -3.03
C LEU A 81 -13.41 -6.22 -1.59
N TRP A 82 -13.84 -7.26 -0.86
CA TRP A 82 -14.23 -7.08 0.53
C TRP A 82 -13.04 -6.65 1.38
N ASP A 83 -11.88 -7.25 1.15
CA ASP A 83 -10.69 -6.86 1.90
C ASP A 83 -10.28 -5.42 1.58
N GLN A 84 -10.37 -5.03 0.31
CA GLN A 84 -9.94 -3.68 -0.07
C GLN A 84 -10.91 -2.62 0.46
N SER A 85 -12.21 -2.94 0.52
CA SER A 85 -13.20 -1.95 0.90
C SER A 85 -13.03 -1.46 2.33
N LEU A 86 -12.43 -2.27 3.21
CA LEU A 86 -12.31 -1.92 4.63
C LEU A 86 -11.01 -1.21 4.96
N LYS A 87 -10.14 -0.96 3.98
CA LYS A 87 -8.85 -0.32 4.27
C LYS A 87 -9.01 1.09 4.84
N PRO A 88 -9.80 2.00 4.25
CA PRO A 88 -9.83 3.37 4.79
C PRO A 88 -10.69 3.53 6.03
N CYS A 89 -11.65 2.65 6.27
CA CYS A 89 -12.53 2.81 7.43
C CYS A 89 -11.75 2.62 8.71
N VAL A 90 -12.22 3.29 9.78
CA VAL A 90 -11.53 3.23 11.06
C VAL A 90 -11.45 1.80 11.55
N LYS A 91 -10.27 1.40 12.02
CA LYS A 91 -9.99 0.04 12.46
C LYS A 91 -10.18 -0.17 13.96
N LEU A 92 -10.55 0.88 14.69
CA LEU A 92 -10.71 0.81 16.16
C LEU A 92 -9.36 0.38 16.75
N THR A 93 -9.36 -0.47 17.81
CA THR A 93 -8.27 -1.09 18.57
C THR A 93 -8.23 -0.60 20.02
N PRO A 94 -8.47 0.73 20.35
CA PRO A 94 -8.43 1.15 21.76
C PRO A 94 -9.78 0.97 22.46
N LEU A 95 -10.39 -0.22 22.29
CA LEU A 95 -11.72 -0.49 22.78
C LEU A 95 -11.85 -1.82 23.51
N CYS A 96 -10.80 -2.64 23.52
CA CYS A 96 -10.83 -3.93 24.21
C CYS A 96 -10.38 -3.84 25.66
N VAL A 97 -10.51 -2.65 26.27
CA VAL A 97 -10.16 -2.46 27.68
C VAL A 97 -11.15 -3.22 28.55
N THR A 98 -10.84 -3.36 29.84
CA THR A 98 -11.72 -4.04 30.77
C THR A 98 -13.07 -3.34 30.85
N LEU A 99 -14.14 -4.05 30.47
CA LEU A 99 -15.48 -3.50 30.47
C LEU A 99 -16.21 -3.92 31.74
N ILE A 100 -16.80 -2.96 32.44
CA ILE A 100 -17.61 -3.22 33.62
C ILE A 100 -19.07 -3.29 33.16
N CYS A 101 -19.63 -4.49 33.12
CA CYS A 101 -20.94 -4.74 32.55
C CYS A 101 -21.95 -5.09 33.64
N SER A 102 -23.16 -4.57 33.49
CA SER A 102 -24.26 -4.85 34.38
C SER A 102 -25.52 -5.16 33.57
N ASP A 103 -26.54 -5.64 34.26
CA ASP A 103 -27.80 -5.98 33.60
C ASP A 103 -28.44 -4.73 33.00
N ALA A 104 -28.97 -4.88 31.80
CA ALA A 104 -29.61 -3.76 31.11
C ALA A 104 -30.96 -3.48 31.74
N THR A 105 -31.20 -2.22 32.09
CA THR A 105 -32.45 -1.77 32.71
C THR A 105 -32.90 -0.49 32.01
N VAL A 106 -33.69 -0.65 30.95
CA VAL A 106 -34.20 0.51 30.21
C VAL A 106 -35.37 1.12 30.97
N LYS A 107 -35.70 2.36 30.63
CA LYS A 107 -36.80 3.07 31.28
C LYS A 107 -38.12 2.33 31.11
N THR A 108 -38.34 1.70 29.96
CA THR A 108 -39.58 1.00 29.67
C THR A 108 -39.64 -0.41 30.25
N GLY A 109 -38.52 -0.92 30.77
CA GLY A 109 -38.51 -2.26 31.33
C GLY A 109 -37.12 -2.85 31.43
N THR A 110 -36.94 -4.08 30.97
CA THR A 110 -35.65 -4.76 30.99
C THR A 110 -35.54 -5.67 29.78
N VAL A 111 -34.30 -5.90 29.35
CA VAL A 111 -34.00 -6.74 28.20
C VAL A 111 -32.90 -7.72 28.59
N GLU A 112 -33.08 -8.98 28.19
CA GLU A 112 -32.13 -10.04 28.53
C GLU A 112 -31.02 -10.22 27.51
N GLU A 113 -31.18 -9.70 26.30
CA GLU A 113 -30.21 -9.92 25.22
C GLU A 113 -29.14 -8.84 25.16
N MET A 114 -29.12 -7.89 26.09
CA MET A 114 -28.16 -6.80 26.08
C MET A 114 -27.60 -6.58 27.48
N LYS A 115 -26.38 -6.02 27.52
CA LYS A 115 -25.71 -5.69 28.78
C LYS A 115 -25.16 -4.27 28.68
N ASN A 116 -25.24 -3.55 29.80
CA ASN A 116 -24.87 -2.14 29.89
C ASN A 116 -23.43 -2.05 30.37
N CYS A 117 -22.49 -2.00 29.42
CA CYS A 117 -21.07 -2.01 29.75
C CYS A 117 -20.51 -0.60 29.72
N SER A 118 -19.78 -0.26 30.79
CA SER A 118 -19.11 1.02 30.92
C SER A 118 -17.60 0.82 30.94
N PHE A 119 -16.89 1.76 30.35
CA PHE A 119 -15.43 1.65 30.24
C PHE A 119 -14.84 3.03 29.98
N ASN A 120 -13.54 3.13 30.21
CA ASN A 120 -12.80 4.37 29.99
C ASN A 120 -12.31 4.45 28.55
N THR A 121 -12.43 5.63 27.97
CA THR A 121 -11.99 5.88 26.59
C THR A 121 -11.18 7.17 26.55
N THR A 122 -10.20 7.19 25.64
CA THR A 122 -9.33 8.35 25.47
C THR A 122 -10.06 9.42 24.67
N THR A 123 -10.00 10.66 25.15
CA THR A 123 -10.66 11.77 24.49
C THR A 123 -9.78 12.25 23.34
N GLU A 124 -10.10 13.44 22.79
CA GLU A 124 -9.26 14.02 21.75
C GLU A 124 -7.82 14.20 22.22
N ILE A 125 -7.61 14.43 23.52
CA ILE A 125 -6.27 14.48 24.07
C ILE A 125 -5.65 13.09 24.00
N ARG A 126 -4.36 13.02 23.66
CA ARG A 126 -3.70 11.74 23.51
C ARG A 126 -3.66 10.98 24.84
N ASP A 127 -3.40 11.68 25.94
CA ASP A 127 -3.36 11.08 27.28
C ASP A 127 -4.38 11.81 28.16
N LYS A 128 -5.62 11.34 28.10
CA LYS A 128 -6.70 11.78 28.99
C LYS A 128 -7.90 10.88 28.77
N GLU A 129 -8.47 10.34 29.85
CA GLU A 129 -9.52 9.34 29.77
C GLU A 129 -10.80 9.82 30.45
N LYS A 130 -11.93 9.44 29.86
CA LYS A 130 -13.24 9.70 30.45
C LYS A 130 -14.10 8.45 30.34
N LYS A 131 -15.06 8.35 31.26
CA LYS A 131 -15.96 7.21 31.29
C LYS A 131 -17.02 7.32 30.20
N GLU A 132 -17.40 6.18 29.64
CA GLU A 132 -18.46 6.09 28.65
C GLU A 132 -19.20 4.78 28.84
N TYR A 133 -20.41 4.72 28.29
CA TYR A 133 -21.29 3.57 28.44
C TYR A 133 -21.85 3.17 27.08
N ALA A 134 -22.21 1.89 26.96
CA ALA A 134 -22.84 1.41 25.74
C ALA A 134 -23.49 0.06 26.02
N LEU A 135 -24.53 -0.24 25.23
CA LEU A 135 -25.23 -1.52 25.32
C LEU A 135 -24.65 -2.47 24.28
N PHE A 136 -24.32 -3.68 24.73
CA PHE A 136 -23.70 -4.69 23.87
C PHE A 136 -24.47 -6.00 23.97
N TYR A 137 -24.57 -6.69 22.84
CA TYR A 137 -25.24 -7.98 22.80
C TYR A 137 -24.41 -9.04 23.52
N LYS A 138 -25.11 -10.00 24.11
CA LYS A 138 -24.44 -11.02 24.92
C LYS A 138 -23.44 -11.86 24.13
N PRO A 139 -23.73 -12.33 22.90
CA PRO A 139 -22.73 -13.16 22.20
C PRO A 139 -21.40 -12.47 21.98
N ASP A 140 -21.38 -11.14 21.91
CA ASP A 140 -20.14 -10.38 21.76
C ASP A 140 -19.45 -10.13 23.10
N ILE A 141 -19.94 -10.72 24.18
CA ILE A 141 -19.38 -10.53 25.52
C ILE A 141 -18.90 -11.89 26.04
N VAL A 142 -17.69 -11.92 26.57
CA VAL A 142 -17.05 -13.15 27.05
C VAL A 142 -16.43 -12.86 28.42
N PRO A 143 -16.48 -13.80 29.38
CA PRO A 143 -15.78 -13.56 30.64
C PRO A 143 -14.28 -13.40 30.43
N LEU A 144 -13.67 -12.54 31.25
CA LEU A 144 -12.29 -12.15 31.01
C LEU A 144 -11.32 -13.27 31.35
N SER A 145 -11.30 -13.71 32.61
CA SER A 145 -10.32 -14.67 33.09
C SER A 145 -11.01 -15.73 33.93
N GLU A 146 -10.22 -16.74 34.33
CA GLU A 146 -10.75 -17.83 35.14
C GLU A 146 -11.30 -17.34 36.47
N THR A 147 -10.74 -16.24 36.99
CA THR A 147 -11.24 -15.66 38.23
C THR A 147 -12.71 -15.27 38.07
N ASN A 148 -13.59 -15.92 38.82
CA ASN A 148 -15.03 -15.77 38.64
C ASN A 148 -15.49 -14.45 39.28
N ASN A 149 -15.13 -13.35 38.61
CA ASN A 149 -15.59 -12.02 38.98
C ASN A 149 -16.63 -11.61 37.94
N THR A 150 -17.90 -11.69 38.31
CA THR A 150 -18.99 -11.50 37.37
C THR A 150 -19.13 -10.06 36.88
N SER A 151 -18.44 -9.11 37.50
CA SER A 151 -18.54 -7.71 37.11
C SER A 151 -17.57 -7.34 35.99
N GLU A 152 -16.66 -8.22 35.61
CA GLU A 152 -15.67 -7.96 34.57
C GLU A 152 -15.97 -8.81 33.35
N TYR A 153 -15.79 -8.22 32.17
CA TYR A 153 -16.05 -8.90 30.91
C TYR A 153 -15.12 -8.33 29.84
N ARG A 154 -15.10 -9.00 28.68
CA ARG A 154 -14.29 -8.58 27.55
C ARG A 154 -15.02 -8.94 26.27
N LEU A 155 -14.76 -8.17 25.22
CA LEU A 155 -15.25 -8.54 23.90
C LEU A 155 -14.69 -9.89 23.49
N ILE A 156 -15.36 -10.53 22.53
CA ILE A 156 -14.88 -11.81 22.02
C ILE A 156 -13.84 -11.51 20.95
N ASN A 157 -12.64 -11.14 21.38
CA ASN A 157 -11.57 -10.68 20.50
C ASN A 157 -10.26 -10.76 21.29
N CYS A 158 -9.16 -10.45 20.60
CA CYS A 158 -7.80 -10.44 21.11
C CYS A 158 -7.23 -11.85 21.30
N ASN A 159 -8.01 -12.90 21.03
CA ASN A 159 -7.52 -14.27 21.06
C ASN A 159 -7.28 -14.84 19.68
N THR A 160 -7.91 -14.28 18.64
CA THR A 160 -7.75 -14.73 17.27
C THR A 160 -7.06 -13.69 16.40
N SER A 161 -7.57 -12.47 16.35
CA SER A 161 -7.00 -11.40 15.53
C SER A 161 -7.66 -10.09 15.93
N ALA A 162 -7.24 -9.01 15.28
CA ALA A 162 -7.78 -7.69 15.53
C ALA A 162 -9.11 -7.53 14.78
N CYS A 163 -9.64 -6.32 14.75
CA CYS A 163 -10.93 -6.04 14.14
C CYS A 163 -10.90 -4.69 13.45
N THR A 164 -11.90 -4.45 12.61
CA THR A 164 -12.04 -3.17 11.92
C THR A 164 -13.52 -2.88 11.72
N GLN A 165 -13.86 -1.59 11.77
CA GLN A 165 -15.24 -1.14 11.60
C GLN A 165 -15.49 -0.74 10.16
N ALA A 166 -16.56 -1.28 9.58
CA ALA A 166 -16.94 -0.91 8.22
C ALA A 166 -17.41 0.53 8.17
N CYS A 167 -17.21 1.18 7.03
CA CYS A 167 -17.65 2.56 6.87
C CYS A 167 -19.18 2.61 6.92
N PRO A 168 -19.77 3.73 7.38
CA PRO A 168 -21.23 3.80 7.45
C PRO A 168 -21.88 4.15 6.12
N LYS A 169 -21.16 4.87 5.26
CA LYS A 169 -21.72 5.35 4.01
C LYS A 169 -21.76 4.28 2.92
N VAL A 170 -21.17 3.11 3.15
CA VAL A 170 -21.17 2.01 2.19
C VAL A 170 -22.19 0.97 2.64
N THR A 171 -23.02 0.52 1.70
CA THR A 171 -24.08 -0.44 1.96
C THR A 171 -23.72 -1.81 1.41
N PHE A 172 -24.40 -2.84 1.93
CA PHE A 172 -24.17 -4.22 1.54
C PHE A 172 -25.28 -4.77 0.63
N GLU A 173 -26.05 -3.88 -0.01
CA GLU A 173 -27.15 -4.33 -0.85
C GLU A 173 -26.58 -5.10 -2.05
N PRO A 174 -27.20 -6.24 -2.44
CA PRO A 174 -26.67 -7.00 -3.58
C PRO A 174 -27.11 -6.40 -4.91
N ILE A 175 -26.15 -5.87 -5.64
CA ILE A 175 -26.39 -5.31 -6.98
C ILE A 175 -26.05 -6.39 -8.00
N PRO A 176 -26.91 -6.67 -8.98
CA PRO A 176 -26.58 -7.70 -9.97
C PRO A 176 -25.33 -7.35 -10.75
N ILE A 177 -24.53 -8.37 -11.05
CA ILE A 177 -23.26 -8.22 -11.78
C ILE A 177 -23.32 -9.12 -13.00
N HIS A 178 -22.98 -8.55 -14.15
CA HIS A 178 -22.92 -9.28 -15.41
C HIS A 178 -21.47 -9.68 -15.66
N TYR A 179 -21.19 -10.99 -15.63
CA TYR A 179 -19.86 -11.49 -15.94
C TYR A 179 -19.74 -11.68 -17.44
N CYS A 180 -18.88 -10.88 -18.08
CA CYS A 180 -18.65 -10.92 -19.51
C CYS A 180 -17.27 -11.51 -19.78
N ALA A 181 -17.10 -12.08 -20.99
CA ALA A 181 -15.83 -12.67 -21.38
C ALA A 181 -15.00 -11.70 -22.21
N PRO A 182 -13.68 -11.81 -22.19
CA PRO A 182 -12.85 -10.95 -23.02
C PRO A 182 -12.87 -11.40 -24.48
N ALA A 183 -12.40 -10.51 -25.34
CA ALA A 183 -12.30 -10.83 -26.76
C ALA A 183 -11.31 -11.98 -26.97
N GLY A 184 -11.60 -12.81 -27.96
CA GLY A 184 -10.86 -14.03 -28.19
C GLY A 184 -11.44 -15.23 -27.47
N TYR A 185 -12.43 -15.05 -26.59
CA TYR A 185 -13.11 -16.13 -25.92
C TYR A 185 -14.61 -15.94 -26.09
N ALA A 186 -15.35 -17.04 -25.96
CA ALA A 186 -16.79 -17.05 -26.14
C ALA A 186 -17.47 -17.75 -24.97
N ILE A 187 -18.69 -17.31 -24.68
CA ILE A 187 -19.51 -17.88 -23.61
C ILE A 187 -20.62 -18.69 -24.26
N LEU A 188 -20.66 -19.98 -23.94
CA LEU A 188 -21.69 -20.89 -24.40
C LEU A 188 -22.68 -21.16 -23.27
N LYS A 189 -23.97 -21.19 -23.60
CA LYS A 189 -25.05 -21.30 -22.64
C LYS A 189 -25.91 -22.51 -23.00
N CYS A 190 -26.13 -23.37 -22.01
CA CYS A 190 -27.02 -24.53 -22.17
C CYS A 190 -28.45 -24.06 -21.99
N ASN A 191 -29.21 -24.00 -23.09
CA ASN A 191 -30.58 -23.50 -23.04
C ASN A 191 -31.57 -24.52 -22.49
N ASP A 192 -31.19 -25.78 -22.37
CA ASP A 192 -32.09 -26.81 -21.86
C ASP A 192 -32.42 -26.52 -20.40
N GLU A 193 -33.71 -26.45 -20.08
CA GLU A 193 -34.15 -26.19 -18.72
C GLU A 193 -34.24 -27.45 -17.87
N THR A 194 -34.16 -28.63 -18.48
CA THR A 194 -34.20 -29.91 -17.77
C THR A 194 -32.81 -30.51 -17.60
N PHE A 195 -31.78 -29.68 -17.58
CA PHE A 195 -30.41 -30.17 -17.47
C PHE A 195 -30.13 -30.59 -16.03
N ASN A 196 -29.61 -31.81 -15.87
CA ASN A 196 -29.35 -32.36 -14.54
C ASN A 196 -28.15 -31.71 -13.86
N GLY A 197 -27.26 -31.07 -14.62
CA GLY A 197 -26.04 -30.46 -14.10
C GLY A 197 -24.77 -30.98 -14.74
N THR A 198 -24.74 -32.26 -15.08
CA THR A 198 -23.63 -32.89 -15.79
C THR A 198 -24.17 -33.64 -16.99
N GLY A 199 -23.66 -33.31 -18.17
CA GLY A 199 -24.08 -33.96 -19.40
C GLY A 199 -24.21 -32.99 -20.54
N PRO A 200 -24.51 -33.49 -21.73
CA PRO A 200 -24.63 -32.62 -22.90
C PRO A 200 -25.98 -31.91 -22.96
N CYS A 201 -26.01 -30.87 -23.79
CA CYS A 201 -27.22 -30.09 -24.05
C CYS A 201 -27.45 -30.04 -25.56
N SER A 202 -28.68 -30.35 -25.98
CA SER A 202 -29.02 -30.37 -27.40
C SER A 202 -29.38 -29.00 -27.95
N ASN A 203 -29.41 -27.96 -27.11
CA ASN A 203 -29.71 -26.60 -27.56
C ASN A 203 -28.74 -25.66 -26.84
N VAL A 204 -27.66 -25.31 -27.53
CA VAL A 204 -26.59 -24.48 -26.97
C VAL A 204 -26.57 -23.16 -27.73
N SER A 205 -26.56 -22.06 -26.98
CA SER A 205 -26.52 -20.71 -27.54
C SER A 205 -25.19 -20.07 -27.19
N THR A 206 -24.93 -18.91 -27.81
CA THR A 206 -23.75 -18.10 -27.54
C THR A 206 -24.18 -16.75 -27.00
N VAL A 207 -23.52 -16.31 -25.93
CA VAL A 207 -23.90 -15.08 -25.24
C VAL A 207 -22.67 -14.19 -25.10
N GLN A 208 -22.91 -12.88 -25.18
CA GLN A 208 -21.83 -11.93 -24.96
C GLN A 208 -21.48 -11.83 -23.48
N CYS A 209 -22.44 -11.40 -22.66
CA CYS A 209 -22.27 -11.30 -21.21
C CYS A 209 -23.40 -12.03 -20.52
N THR A 210 -23.12 -12.54 -19.32
CA THR A 210 -24.10 -13.28 -18.56
C THR A 210 -25.15 -12.33 -17.97
N HIS A 211 -26.24 -12.91 -17.47
CA HIS A 211 -27.33 -12.14 -16.89
C HIS A 211 -26.95 -11.70 -15.48
N GLY A 212 -27.88 -11.09 -14.76
CA GLY A 212 -27.60 -10.59 -13.43
C GLY A 212 -27.33 -11.73 -12.45
N ILE A 213 -26.34 -11.50 -11.59
CA ILE A 213 -25.95 -12.45 -10.56
C ILE A 213 -25.92 -11.71 -9.23
N ARG A 214 -26.66 -12.21 -8.24
CA ARG A 214 -26.77 -11.56 -6.95
C ARG A 214 -25.68 -12.11 -6.02
N PRO A 215 -24.69 -11.29 -5.60
CA PRO A 215 -23.71 -11.81 -4.62
C PRO A 215 -24.25 -11.81 -3.20
N VAL A 216 -25.08 -12.81 -2.91
CA VAL A 216 -25.74 -12.91 -1.62
C VAL A 216 -24.97 -13.89 -0.74
N VAL A 217 -25.23 -13.84 0.57
CA VAL A 217 -24.58 -14.70 1.55
C VAL A 217 -25.66 -15.44 2.32
N SER A 218 -25.59 -16.76 2.33
CA SER A 218 -26.54 -17.60 3.06
C SER A 218 -25.92 -18.97 3.24
N THR A 219 -26.46 -19.71 4.21
CA THR A 219 -25.98 -21.04 4.57
C THR A 219 -26.97 -22.14 4.26
N GLN A 220 -28.20 -22.04 4.79
CA GLN A 220 -29.20 -23.09 4.60
C GLN A 220 -30.03 -22.87 3.33
N LEU A 221 -30.61 -21.69 3.17
CA LEU A 221 -31.52 -21.39 2.07
C LEU A 221 -30.88 -20.36 1.13
N LEU A 222 -31.49 -20.20 -0.04
CA LEU A 222 -31.07 -19.22 -1.03
C LEU A 222 -32.08 -18.09 -1.08
N LEU A 223 -31.59 -16.86 -1.06
CA LEU A 223 -32.43 -15.67 -1.05
C LEU A 223 -32.87 -15.38 -2.49
N ASN A 224 -33.45 -14.20 -2.71
CA ASN A 224 -33.96 -13.83 -4.03
C ASN A 224 -32.90 -13.95 -5.09
N GLY A 225 -33.29 -14.50 -6.24
CA GLY A 225 -32.37 -14.70 -7.34
C GLY A 225 -33.06 -15.30 -8.56
N SER A 226 -32.43 -16.30 -9.16
CA SER A 226 -32.98 -16.93 -10.35
C SER A 226 -34.17 -17.81 -9.99
N LEU A 227 -34.92 -18.20 -11.03
CA LEU A 227 -36.08 -19.07 -10.88
C LEU A 227 -36.01 -20.17 -11.93
N ALA A 228 -36.58 -21.33 -11.60
CA ALA A 228 -36.64 -22.43 -12.55
C ALA A 228 -37.65 -22.11 -13.65
N GLU A 229 -37.43 -22.71 -14.83
CA GLU A 229 -38.24 -22.40 -15.99
C GLU A 229 -39.50 -23.27 -16.06
N LYS A 230 -39.34 -24.58 -15.91
CA LYS A 230 -40.45 -25.52 -16.10
C LYS A 230 -40.86 -26.19 -14.79
N GLU A 231 -39.93 -26.83 -14.09
CA GLU A 231 -40.26 -27.56 -12.88
C GLU A 231 -39.01 -27.75 -12.04
N ILE A 232 -39.19 -28.32 -10.85
CA ILE A 232 -38.09 -28.45 -9.90
C ILE A 232 -37.03 -29.39 -10.47
N VAL A 233 -35.77 -29.01 -10.28
CA VAL A 233 -34.62 -29.79 -10.74
C VAL A 233 -33.66 -29.98 -9.57
N ILE A 234 -33.12 -31.19 -9.45
CA ILE A 234 -32.22 -31.57 -8.37
C ILE A 234 -30.83 -31.75 -8.97
N ARG A 235 -29.84 -31.10 -8.35
CA ARG A 235 -28.45 -31.16 -8.79
C ARG A 235 -27.59 -31.67 -7.64
N SER A 236 -26.72 -32.64 -7.93
CA SER A 236 -25.83 -33.20 -6.92
C SER A 236 -24.61 -33.79 -7.61
N GLU A 237 -23.47 -33.71 -6.93
CA GLU A 237 -22.24 -34.25 -7.48
C GLU A 237 -22.32 -35.76 -7.62
N ASN A 238 -22.78 -36.44 -6.57
CA ASN A 238 -22.98 -37.88 -6.60
C ASN A 238 -23.78 -38.30 -5.39
N LEU A 239 -24.76 -39.18 -5.59
CA LEU A 239 -25.61 -39.67 -4.52
C LEU A 239 -24.98 -40.84 -3.76
N THR A 240 -23.89 -41.41 -4.26
CA THR A 240 -23.23 -42.50 -3.54
C THR A 240 -22.69 -42.02 -2.20
N ASN A 241 -22.09 -40.82 -2.18
CA ASN A 241 -21.54 -40.24 -0.97
C ASN A 241 -22.55 -39.28 -0.36
N ASN A 242 -22.83 -39.45 0.94
CA ASN A 242 -23.80 -38.62 1.63
C ASN A 242 -23.24 -37.27 2.06
N ALA A 243 -21.92 -37.08 2.03
CA ALA A 243 -21.33 -35.83 2.48
C ALA A 243 -21.53 -34.69 1.49
N LYS A 244 -21.83 -34.98 0.23
CA LYS A 244 -22.00 -33.94 -0.77
C LYS A 244 -23.27 -33.14 -0.52
N ILE A 245 -23.28 -31.90 -0.99
CA ILE A 245 -24.38 -30.98 -0.76
C ILE A 245 -25.33 -31.07 -1.96
N ILE A 246 -26.62 -31.22 -1.67
CA ILE A 246 -27.66 -31.30 -2.69
C ILE A 246 -28.32 -29.93 -2.79
N ILE A 247 -28.35 -29.38 -4.00
CA ILE A 247 -28.99 -28.10 -4.27
C ILE A 247 -30.32 -28.36 -4.97
N VAL A 248 -31.39 -27.80 -4.42
CA VAL A 248 -32.75 -27.99 -4.94
C VAL A 248 -33.29 -26.64 -5.38
N HIS A 249 -33.79 -26.58 -6.61
CA HIS A 249 -34.39 -25.37 -7.15
C HIS A 249 -35.89 -25.38 -6.90
N LEU A 250 -36.56 -24.29 -7.28
CA LEU A 250 -37.99 -24.11 -7.06
C LEU A 250 -38.64 -23.58 -8.33
N HIS A 251 -39.84 -24.08 -8.62
CA HIS A 251 -40.60 -23.58 -9.77
C HIS A 251 -41.23 -22.23 -9.48
N THR A 252 -41.66 -22.00 -8.23
CA THR A 252 -42.24 -20.74 -7.81
C THR A 252 -41.57 -20.28 -6.52
N PRO A 253 -41.51 -18.98 -6.26
CA PRO A 253 -40.85 -18.50 -5.04
C PRO A 253 -41.75 -18.66 -3.82
N VAL A 254 -41.13 -18.48 -2.65
CA VAL A 254 -41.84 -18.50 -1.36
C VAL A 254 -41.53 -17.20 -0.64
N GLU A 255 -42.56 -16.43 -0.32
CA GLU A 255 -42.35 -15.16 0.36
C GLU A 255 -41.90 -15.38 1.81
N ILE A 256 -41.07 -14.47 2.29
CA ILE A 256 -40.58 -14.50 3.67
C ILE A 256 -40.38 -13.07 4.13
N VAL A 257 -40.77 -12.77 5.37
CA VAL A 257 -40.67 -11.42 5.91
C VAL A 257 -40.24 -11.48 7.37
N CYS A 258 -39.23 -10.69 7.72
CA CYS A 258 -38.68 -10.68 9.07
C CYS A 258 -38.46 -9.24 9.52
N THR A 259 -38.48 -9.02 10.83
CA THR A 259 -38.43 -7.67 11.36
C THR A 259 -37.92 -7.67 12.79
N ARG A 260 -37.50 -6.47 13.22
CA ARG A 260 -36.99 -6.22 14.56
C ARG A 260 -37.60 -4.90 15.05
N PRO A 261 -38.70 -4.94 15.79
CA PRO A 261 -39.38 -3.69 16.17
C PRO A 261 -38.77 -2.92 17.33
N ASN A 262 -37.53 -3.23 17.74
CA ASN A 262 -37.00 -2.64 18.95
C ASN A 262 -36.86 -1.12 18.83
N ASN A 263 -36.63 -0.62 17.63
CA ASN A 263 -36.49 0.82 17.39
C ASN A 263 -35.30 1.38 18.17
N ASN A 264 -34.11 0.86 17.87
CA ASN A 264 -32.89 1.28 18.56
C ASN A 264 -32.47 2.68 18.12
N THR A 265 -31.55 3.29 18.86
CA THR A 265 -30.98 4.59 18.51
C THR A 265 -29.47 4.52 18.69
N ARG A 266 -28.77 5.40 17.97
CA ARG A 266 -27.32 5.39 17.92
C ARG A 266 -26.73 6.49 18.79
N LYS A 267 -25.54 6.20 19.34
CA LYS A 267 -24.73 7.19 20.03
C LYS A 267 -23.55 7.59 19.15
N SER A 268 -22.73 8.51 19.64
CA SER A 268 -21.56 9.00 18.90
C SER A 268 -20.43 9.19 19.90
N VAL A 269 -19.49 8.25 19.91
CA VAL A 269 -18.30 8.31 20.77
C VAL A 269 -17.10 8.57 19.87
N ARG A 270 -16.39 9.66 20.14
CA ARG A 270 -15.23 10.06 19.34
C ARG A 270 -13.97 9.63 20.07
N ILE A 271 -13.17 8.79 19.42
CA ILE A 271 -11.89 8.32 19.95
C ILE A 271 -10.82 8.58 18.90
N GLY A 272 -9.70 9.16 19.32
CA GLY A 272 -8.62 9.45 18.40
C GLY A 272 -8.91 10.67 17.55
N PRO A 273 -7.99 10.98 16.62
CA PRO A 273 -8.14 12.18 15.78
C PRO A 273 -9.09 11.95 14.62
N GLY A 274 -10.26 12.59 14.68
CA GLY A 274 -11.18 12.61 13.55
C GLY A 274 -11.71 11.25 13.16
N GLN A 275 -12.09 10.42 14.12
CA GLN A 275 -12.73 9.14 13.85
C GLN A 275 -13.60 8.75 15.03
N THR A 276 -14.81 8.29 14.73
CA THR A 276 -15.83 8.01 15.73
C THR A 276 -16.26 6.56 15.65
N PHE A 277 -16.74 6.04 16.78
CA PHE A 277 -17.26 4.68 16.90
C PHE A 277 -18.72 4.75 17.33
N TYR A 278 -19.58 4.07 16.59
CA TYR A 278 -21.01 4.08 16.86
C TYR A 278 -21.40 2.87 17.69
N ALA A 279 -22.41 3.06 18.55
CA ALA A 279 -22.90 1.98 19.40
C ALA A 279 -24.34 2.29 19.80
N THR A 280 -25.05 1.24 20.18
CA THR A 280 -26.45 1.37 20.60
C THR A 280 -26.51 1.93 22.02
N GLY A 281 -27.34 2.95 22.21
CA GLY A 281 -27.52 3.56 23.51
C GLY A 281 -28.82 3.17 24.17
N ASP A 282 -29.70 4.15 24.38
CA ASP A 282 -30.98 3.91 25.01
C ASP A 282 -31.94 3.25 24.00
N ILE A 283 -33.03 2.69 24.52
CA ILE A 283 -34.09 2.11 23.72
C ILE A 283 -35.40 2.76 24.12
N ILE A 284 -36.13 3.27 23.13
CA ILE A 284 -37.40 3.97 23.34
C ILE A 284 -38.51 3.10 22.78
N GLY A 285 -39.52 2.85 23.59
CA GLY A 285 -40.63 1.99 23.23
C GLY A 285 -40.57 0.66 23.96
N ASP A 286 -41.67 -0.08 23.87
CA ASP A 286 -41.78 -1.36 24.54
C ASP A 286 -40.81 -2.36 23.93
N ILE A 287 -40.25 -3.21 24.78
CA ILE A 287 -39.27 -4.21 24.37
C ILE A 287 -40.02 -5.40 23.76
N LYS A 288 -39.62 -5.79 22.55
CA LYS A 288 -40.21 -6.92 21.86
C LYS A 288 -39.08 -7.74 21.24
N GLN A 289 -39.46 -8.82 20.55
CA GLN A 289 -38.53 -9.78 19.99
C GLN A 289 -38.61 -9.75 18.47
N ALA A 290 -37.43 -9.75 17.83
CA ALA A 290 -37.38 -9.88 16.38
C ALA A 290 -37.91 -11.24 15.96
N HIS A 291 -38.48 -11.31 14.76
CA HIS A 291 -39.11 -12.54 14.31
C HIS A 291 -39.05 -12.63 12.79
N CYS A 292 -39.33 -13.83 12.29
CA CYS A 292 -39.42 -14.12 10.87
C CYS A 292 -40.71 -14.87 10.59
N ASN A 293 -41.22 -14.70 9.38
CA ASN A 293 -42.56 -15.15 8.99
C ASN A 293 -42.47 -15.84 7.64
N ILE A 294 -43.04 -17.04 7.54
CA ILE A 294 -43.18 -17.77 6.28
C ILE A 294 -44.62 -18.28 6.20
N SER A 295 -45.11 -18.48 4.98
CA SER A 295 -46.42 -19.06 4.77
C SER A 295 -46.35 -20.57 4.90
N GLU A 296 -47.38 -21.16 5.54
CA GLU A 296 -47.35 -22.59 5.85
C GLU A 296 -47.78 -23.44 4.66
N GLU A 297 -48.91 -23.09 4.04
CA GLU A 297 -49.42 -23.92 2.95
C GLU A 297 -48.46 -23.95 1.77
N LYS A 298 -47.89 -22.81 1.41
CA LYS A 298 -46.93 -22.76 0.31
C LYS A 298 -45.71 -23.60 0.62
N TRP A 299 -45.20 -23.50 1.85
CA TRP A 299 -44.03 -24.29 2.24
C TRP A 299 -44.33 -25.77 2.19
N ASN A 300 -45.51 -26.18 2.67
CA ASN A 300 -45.88 -27.60 2.64
C ASN A 300 -46.02 -28.10 1.21
N ASP A 301 -46.64 -27.30 0.33
CA ASP A 301 -46.77 -27.69 -1.06
C ASP A 301 -45.40 -27.83 -1.72
N THR A 302 -44.49 -26.89 -1.46
CA THR A 302 -43.14 -26.98 -2.01
C THR A 302 -42.43 -28.22 -1.48
N LEU A 303 -42.58 -28.51 -0.19
CA LEU A 303 -41.93 -29.69 0.38
C LEU A 303 -42.47 -30.97 -0.26
N GLN A 304 -43.78 -31.04 -0.48
CA GLN A 304 -44.34 -32.22 -1.13
C GLN A 304 -43.87 -32.35 -2.56
N LYS A 305 -43.77 -31.23 -3.29
CA LYS A 305 -43.28 -31.27 -4.66
C LYS A 305 -41.83 -31.78 -4.69
N VAL A 306 -40.99 -31.25 -3.80
CA VAL A 306 -39.61 -31.71 -3.73
C VAL A 306 -39.56 -33.18 -3.34
N GLY A 307 -40.46 -33.62 -2.46
CA GLY A 307 -40.47 -35.03 -2.08
C GLY A 307 -40.80 -35.94 -3.23
N ILE A 308 -41.84 -35.61 -4.00
CA ILE A 308 -42.21 -36.45 -5.13
C ILE A 308 -41.13 -36.43 -6.19
N GLU A 309 -40.46 -35.28 -6.36
CA GLU A 309 -39.33 -35.23 -7.29
C GLU A 309 -38.16 -36.08 -6.80
N LEU A 310 -37.95 -36.17 -5.49
CA LEU A 310 -36.90 -36.99 -4.92
C LEU A 310 -37.26 -38.46 -4.86
N GLN A 311 -38.55 -38.80 -4.98
CA GLN A 311 -38.96 -40.20 -4.93
C GLN A 311 -38.40 -41.01 -6.09
N LYS A 312 -38.08 -40.35 -7.21
CA LYS A 312 -37.56 -41.08 -8.37
C LYS A 312 -36.21 -41.71 -8.06
N HIS A 313 -35.34 -40.99 -7.35
CA HIS A 313 -34.03 -41.52 -7.01
C HIS A 313 -34.10 -42.53 -5.87
N PHE A 314 -35.09 -42.42 -4.98
CA PHE A 314 -35.25 -43.31 -3.84
C PHE A 314 -36.69 -43.80 -3.79
N PRO A 315 -37.10 -44.61 -4.76
CA PRO A 315 -38.50 -45.08 -4.77
C PRO A 315 -38.79 -46.08 -3.66
N ASN A 316 -37.80 -46.81 -3.17
CA ASN A 316 -38.02 -47.84 -2.17
C ASN A 316 -38.09 -47.28 -0.75
N LYS A 317 -37.85 -45.99 -0.55
CA LYS A 317 -37.83 -45.39 0.77
C LYS A 317 -38.71 -44.15 0.79
N THR A 318 -39.31 -43.89 1.95
CA THR A 318 -40.08 -42.67 2.16
C THR A 318 -39.13 -41.50 2.43
N ILE A 319 -39.70 -40.35 2.74
CA ILE A 319 -38.93 -39.11 2.94
C ILE A 319 -39.27 -38.55 4.30
N LYS A 320 -38.25 -38.05 5.00
CA LYS A 320 -38.42 -37.42 6.30
C LYS A 320 -37.40 -36.30 6.44
N TYR A 321 -37.73 -35.32 7.28
CA TYR A 321 -36.84 -34.20 7.57
C TYR A 321 -36.60 -34.11 9.07
N ASN A 322 -35.40 -33.68 9.44
CA ASN A 322 -34.96 -33.66 10.82
C ASN A 322 -34.19 -32.37 11.09
N GLN A 323 -34.02 -32.05 12.36
CA GLN A 323 -33.32 -30.84 12.76
C GLN A 323 -31.85 -30.92 12.34
N SER A 324 -31.26 -29.73 12.17
CA SER A 324 -29.87 -29.64 11.74
C SER A 324 -28.93 -30.27 12.77
N ALA A 325 -27.67 -30.40 12.38
CA ALA A 325 -26.69 -31.03 13.25
C ALA A 325 -26.49 -30.24 14.54
N GLY A 326 -26.40 -28.92 14.44
CA GLY A 326 -26.19 -28.06 15.59
C GLY A 326 -24.76 -27.58 15.70
N GLY A 327 -24.28 -27.39 16.93
CA GLY A 327 -22.94 -26.92 17.17
C GLY A 327 -22.86 -25.42 17.30
N ASP A 328 -21.91 -24.80 16.61
CA ASP A 328 -21.73 -23.36 16.68
C ASP A 328 -22.92 -22.65 16.02
N MET A 329 -23.15 -21.41 16.47
CA MET A 329 -24.27 -20.64 15.93
C MET A 329 -24.11 -20.37 14.44
N GLU A 330 -22.89 -20.03 14.01
CA GLU A 330 -22.65 -19.69 12.62
C GLU A 330 -22.81 -20.87 11.67
N ILE A 331 -22.82 -22.10 12.18
CA ILE A 331 -22.89 -23.30 11.35
C ILE A 331 -24.32 -23.77 11.16
N THR A 332 -25.05 -24.00 12.25
CA THR A 332 -26.38 -24.60 12.18
C THR A 332 -27.50 -23.59 11.97
N THR A 333 -27.23 -22.29 12.12
CA THR A 333 -28.26 -21.27 12.06
C THR A 333 -28.29 -20.62 10.68
N HIS A 334 -29.49 -20.24 10.26
CA HIS A 334 -29.68 -19.52 9.00
C HIS A 334 -29.16 -18.09 9.18
N SER A 335 -27.97 -17.82 8.66
CA SER A 335 -27.31 -16.53 8.81
C SER A 335 -27.44 -15.74 7.52
N PHE A 336 -27.93 -14.50 7.63
CA PHE A 336 -28.07 -13.64 6.46
C PHE A 336 -27.95 -12.19 6.92
N ASN A 337 -28.09 -11.26 5.97
CA ASN A 337 -27.92 -9.83 6.21
C ASN A 337 -29.08 -9.06 5.61
N CYS A 338 -29.45 -7.96 6.27
CA CYS A 338 -30.51 -7.08 5.78
C CYS A 338 -30.23 -5.69 6.31
N GLY A 339 -30.04 -4.73 5.41
CA GLY A 339 -29.84 -3.35 5.80
C GLY A 339 -28.65 -3.14 6.72
N GLY A 340 -27.61 -3.95 6.58
CA GLY A 340 -26.45 -3.86 7.43
C GLY A 340 -26.57 -4.59 8.75
N GLU A 341 -27.71 -5.21 9.04
CA GLU A 341 -27.93 -5.97 10.27
C GLU A 341 -27.90 -7.45 9.94
N PHE A 342 -27.12 -8.21 10.71
CA PHE A 342 -26.92 -9.63 10.49
C PHE A 342 -27.88 -10.41 11.38
N PHE A 343 -28.71 -11.25 10.76
CA PHE A 343 -29.71 -12.04 11.46
C PHE A 343 -29.34 -13.51 11.42
N TYR A 344 -29.51 -14.18 12.56
CA TYR A 344 -29.27 -15.62 12.70
C TYR A 344 -30.58 -16.24 13.17
N CYS A 345 -31.26 -16.94 12.26
CA CYS A 345 -32.54 -17.57 12.54
C CYS A 345 -32.36 -19.06 12.80
N ASN A 346 -33.34 -19.63 13.49
CA ASN A 346 -33.38 -21.06 13.80
C ASN A 346 -34.44 -21.72 12.94
N THR A 347 -34.08 -22.81 12.28
CA THR A 347 -34.97 -23.53 11.37
C THR A 347 -35.49 -24.83 11.98
N SER A 348 -35.45 -24.96 13.31
CA SER A 348 -35.95 -26.18 13.95
C SER A 348 -37.44 -26.37 13.70
N ASN A 349 -38.22 -25.30 13.74
CA ASN A 349 -39.66 -25.36 13.56
C ASN A 349 -40.07 -25.54 12.09
N LEU A 350 -39.13 -25.42 11.15
CA LEU A 350 -39.43 -25.51 9.73
C LEU A 350 -39.22 -26.91 9.17
N PHE A 351 -38.02 -27.48 9.36
CA PHE A 351 -37.70 -28.80 8.83
C PHE A 351 -38.15 -29.86 9.84
N ASN A 352 -39.45 -30.14 9.81
CA ASN A 352 -40.03 -31.18 10.67
C ASN A 352 -41.25 -31.73 9.94
N GLY A 353 -41.08 -32.85 9.26
CA GLY A 353 -42.18 -33.45 8.53
C GLY A 353 -41.74 -34.73 7.84
N THR A 354 -42.70 -35.36 7.18
CA THR A 354 -42.46 -36.62 6.48
C THR A 354 -43.44 -36.72 5.33
N TYR A 355 -43.12 -37.61 4.40
CA TYR A 355 -43.93 -37.82 3.20
C TYR A 355 -43.69 -39.24 2.70
N ASN A 356 -44.76 -39.99 2.50
CA ASN A 356 -44.71 -41.39 2.08
C ASN A 356 -45.32 -41.62 0.70
N GLY A 357 -45.32 -40.60 -0.15
CA GLY A 357 -45.90 -40.70 -1.47
C GLY A 357 -47.38 -40.38 -1.55
N THR A 358 -48.04 -40.13 -0.42
CA THR A 358 -49.46 -39.81 -0.39
C THR A 358 -49.62 -38.30 -0.52
N TYR A 359 -49.91 -37.83 -1.73
CA TYR A 359 -50.10 -36.40 -1.96
C TYR A 359 -51.35 -35.92 -1.24
N ILE A 360 -51.24 -34.75 -0.61
CA ILE A 360 -52.34 -34.11 0.11
C ILE A 360 -52.60 -32.77 -0.55
N SER A 361 -53.85 -32.54 -0.95
CA SER A 361 -54.22 -31.28 -1.59
C SER A 361 -54.44 -30.20 -0.55
N THR A 362 -53.93 -29.00 -0.85
CA THR A 362 -54.06 -27.83 0.02
C THR A 362 -54.95 -26.76 -0.60
N ASN A 363 -55.93 -27.18 -1.40
CA ASN A 363 -56.83 -26.24 -2.06
C ASN A 363 -58.02 -25.84 -1.19
N SER A 364 -58.14 -26.39 0.02
CA SER A 364 -59.26 -26.04 0.88
C SER A 364 -59.24 -24.56 1.24
N SER A 365 -58.06 -24.04 1.59
CA SER A 365 -57.91 -22.64 1.97
C SER A 365 -58.85 -22.26 3.11
N ALA A 366 -58.93 -23.12 4.11
CA ALA A 366 -59.82 -22.86 5.25
C ALA A 366 -59.40 -21.60 6.00
N ASN A 367 -58.09 -21.41 6.19
CA ASN A 367 -57.57 -20.22 6.87
C ASN A 367 -56.35 -19.74 6.09
N SER A 368 -56.55 -18.77 5.20
CA SER A 368 -55.47 -18.25 4.39
C SER A 368 -54.45 -17.45 5.19
N THR A 369 -54.77 -17.05 6.42
CA THR A 369 -53.88 -16.26 7.25
C THR A 369 -52.93 -17.11 8.08
N SER A 370 -52.99 -18.44 7.97
CA SER A 370 -52.08 -19.29 8.73
C SER A 370 -50.65 -19.06 8.27
N THR A 371 -49.72 -19.09 9.24
CA THR A 371 -48.32 -18.82 8.96
C THR A 371 -47.46 -19.50 10.00
N ILE A 372 -46.17 -19.62 9.70
CA ILE A 372 -45.19 -20.19 10.62
C ILE A 372 -44.19 -19.10 10.98
N THR A 373 -43.89 -19.00 12.27
CA THR A 373 -43.06 -17.95 12.83
C THR A 373 -41.78 -18.55 13.39
N LEU A 374 -40.68 -17.80 13.28
CA LEU A 374 -39.38 -18.21 13.77
C LEU A 374 -38.78 -17.08 14.59
N GLN A 375 -38.03 -17.45 15.63
CA GLN A 375 -37.31 -16.50 16.47
C GLN A 375 -35.85 -16.46 16.06
N CYS A 376 -35.27 -15.26 16.07
CA CYS A 376 -33.93 -15.04 15.54
C CYS A 376 -33.14 -14.16 16.50
N ARG A 377 -31.81 -14.27 16.39
CA ARG A 377 -30.87 -13.47 17.17
C ARG A 377 -30.07 -12.56 16.25
N ILE A 378 -29.37 -11.60 16.86
CA ILE A 378 -28.63 -10.56 16.15
C ILE A 378 -27.20 -10.53 16.70
N LYS A 379 -26.24 -10.34 15.80
CA LYS A 379 -24.83 -10.19 16.16
C LYS A 379 -24.24 -9.00 15.42
N GLN A 380 -23.23 -8.39 16.06
CA GLN A 380 -22.48 -7.29 15.46
C GLN A 380 -21.11 -7.73 14.97
N ILE A 381 -20.35 -8.44 15.80
CA ILE A 381 -19.08 -8.99 15.36
C ILE A 381 -19.34 -10.14 14.40
N ILE A 382 -18.70 -10.09 13.23
CA ILE A 382 -18.92 -11.06 12.16
C ILE A 382 -17.58 -11.58 11.68
N ASN A 383 -17.50 -12.89 11.48
CA ASN A 383 -16.36 -13.55 10.85
C ASN A 383 -16.88 -14.18 9.56
N MET A 384 -16.87 -13.40 8.48
CA MET A 384 -17.49 -13.84 7.24
C MET A 384 -16.75 -15.02 6.64
N TRP A 385 -15.42 -14.91 6.54
CA TRP A 385 -14.58 -15.95 5.96
C TRP A 385 -13.35 -16.14 6.82
N GLN A 386 -12.47 -17.04 6.37
CA GLN A 386 -11.29 -17.44 7.13
C GLN A 386 -10.03 -16.84 6.51
N GLY A 387 -9.19 -16.26 7.36
CA GLY A 387 -7.92 -15.72 6.90
C GLY A 387 -8.04 -14.58 5.93
N VAL A 388 -9.00 -13.68 6.17
CA VAL A 388 -9.20 -12.49 5.34
C VAL A 388 -9.27 -11.27 6.24
N GLY A 389 -8.84 -11.41 7.50
CA GLY A 389 -9.20 -10.44 8.49
C GLY A 389 -10.67 -10.58 8.82
N ARG A 390 -11.01 -11.73 9.42
CA ARG A 390 -12.41 -12.15 9.51
C ARG A 390 -13.25 -11.18 10.33
N CYS A 391 -12.70 -10.67 11.44
CA CYS A 391 -13.50 -9.85 12.34
C CYS A 391 -13.94 -8.57 11.65
N MET A 392 -15.24 -8.28 11.75
CA MET A 392 -15.81 -7.06 11.21
C MET A 392 -16.94 -6.60 12.12
N TYR A 393 -17.09 -5.29 12.25
CA TYR A 393 -18.11 -4.68 13.10
C TYR A 393 -19.18 -4.03 12.23
N ALA A 394 -20.43 -4.37 12.48
CA ALA A 394 -21.56 -3.82 11.74
C ALA A 394 -22.22 -2.74 12.57
N PRO A 395 -22.20 -1.46 12.16
CA PRO A 395 -22.81 -0.42 13.01
C PRO A 395 -24.32 -0.56 13.04
N PRO A 396 -24.98 -0.06 14.08
CA PRO A 396 -26.43 -0.18 14.19
C PRO A 396 -27.13 0.82 13.28
N ILE A 397 -28.46 0.69 13.19
CA ILE A 397 -29.30 1.57 12.38
C ILE A 397 -30.52 1.94 13.19
N ALA A 398 -30.91 3.21 13.12
CA ALA A 398 -32.09 3.68 13.84
C ALA A 398 -33.37 3.22 13.15
N GLY A 399 -34.45 3.20 13.93
CA GLY A 399 -35.73 2.75 13.43
C GLY A 399 -35.83 1.24 13.40
N ASN A 400 -36.96 0.76 12.88
CA ASN A 400 -37.19 -0.67 12.69
C ASN A 400 -37.36 -0.97 11.21
N ILE A 401 -36.88 -2.14 10.80
CA ILE A 401 -36.68 -2.49 9.40
C ILE A 401 -37.62 -3.62 9.00
N THR A 402 -37.83 -3.73 7.69
CA THR A 402 -38.56 -4.83 7.09
C THR A 402 -37.71 -5.42 5.99
N CYS A 403 -37.68 -6.75 5.91
CA CYS A 403 -36.78 -7.49 5.04
C CYS A 403 -37.55 -8.50 4.19
N ARG A 404 -38.65 -8.03 3.58
CA ARG A 404 -39.44 -8.88 2.70
C ARG A 404 -38.57 -9.37 1.55
N SER A 405 -38.65 -10.67 1.27
CA SER A 405 -37.82 -11.29 0.25
C SER A 405 -38.46 -12.59 -0.20
N ASN A 406 -37.79 -13.27 -1.14
CA ASN A 406 -38.28 -14.49 -1.73
C ASN A 406 -37.26 -15.61 -1.57
N ILE A 407 -37.76 -16.84 -1.58
CA ILE A 407 -36.95 -18.05 -1.46
C ILE A 407 -37.16 -18.86 -2.74
N THR A 408 -36.05 -19.27 -3.35
CA THR A 408 -36.09 -20.02 -4.61
C THR A 408 -35.18 -21.23 -4.63
N GLY A 409 -34.54 -21.59 -3.52
CA GLY A 409 -33.67 -22.75 -3.51
C GLY A 409 -33.37 -23.20 -2.10
N LEU A 410 -32.93 -24.45 -1.99
CA LEU A 410 -32.62 -25.06 -0.70
C LEU A 410 -31.36 -25.91 -0.82
N LEU A 411 -30.67 -26.06 0.31
CA LEU A 411 -29.49 -26.91 0.42
C LEU A 411 -29.81 -28.03 1.42
N LEU A 412 -29.69 -29.27 0.96
CA LEU A 412 -29.99 -30.45 1.77
C LEU A 412 -28.77 -31.37 1.77
N THR A 413 -28.76 -32.30 2.73
CA THR A 413 -27.67 -33.26 2.84
C THR A 413 -28.23 -34.58 3.36
N ARG A 414 -27.74 -35.68 2.78
CA ARG A 414 -28.13 -37.01 3.21
C ARG A 414 -27.60 -37.31 4.62
N ASP A 415 -28.39 -38.05 5.38
CA ASP A 415 -28.00 -38.52 6.70
C ASP A 415 -27.42 -39.93 6.60
N GLY A 416 -26.57 -40.26 7.57
CA GLY A 416 -25.96 -41.57 7.61
C GLY A 416 -26.97 -42.68 7.82
N GLY A 417 -27.21 -43.48 6.78
CA GLY A 417 -28.15 -44.56 6.89
C GLY A 417 -27.66 -45.65 7.82
N THR A 418 -28.60 -46.35 8.44
CA THR A 418 -28.27 -47.42 9.37
C THR A 418 -29.45 -48.37 9.46
N ASN A 419 -29.15 -49.67 9.57
CA ASN A 419 -30.13 -50.73 9.75
C ASN A 419 -31.10 -50.84 8.58
N SER A 420 -30.73 -50.29 7.41
CA SER A 420 -31.61 -50.29 6.24
C SER A 420 -32.95 -49.65 6.58
N ASN A 421 -32.88 -48.49 7.24
CA ASN A 421 -34.09 -47.82 7.70
C ASN A 421 -35.00 -47.45 6.53
N GLU A 422 -36.30 -47.64 6.72
CA GLU A 422 -37.28 -47.36 5.69
C GLU A 422 -37.51 -45.87 5.49
N THR A 423 -37.00 -45.01 6.38
CA THR A 423 -37.31 -43.59 6.40
C THR A 423 -36.04 -42.75 6.49
N GLU A 424 -35.10 -43.02 5.58
CA GLU A 424 -33.87 -42.22 5.52
C GLU A 424 -34.22 -40.75 5.34
N THR A 425 -33.55 -39.89 6.11
CA THR A 425 -33.93 -38.49 6.23
C THR A 425 -32.94 -37.60 5.47
N PHE A 426 -33.27 -36.30 5.43
CA PHE A 426 -32.38 -35.27 4.93
C PHE A 426 -32.28 -34.17 5.97
N ARG A 427 -31.14 -33.48 5.98
CA ARG A 427 -30.88 -32.42 6.95
C ARG A 427 -30.40 -31.16 6.25
N PRO A 428 -30.79 -29.97 6.71
CA PRO A 428 -30.14 -28.76 6.21
C PRO A 428 -28.68 -28.72 6.60
N ALA A 429 -27.86 -28.13 5.73
CA ALA A 429 -26.43 -28.01 5.99
C ALA A 429 -25.84 -26.99 5.04
N GLY A 430 -25.17 -25.98 5.61
CA GLY A 430 -24.51 -24.95 4.84
C GLY A 430 -23.05 -25.24 4.61
N GLY A 431 -22.31 -24.19 4.27
CA GLY A 431 -20.88 -24.31 4.03
C GLY A 431 -20.29 -23.09 3.37
N ASP A 432 -19.35 -23.29 2.46
CA ASP A 432 -18.72 -22.18 1.77
C ASP A 432 -19.69 -21.54 0.78
N MET A 433 -19.37 -20.30 0.39
CA MET A 433 -20.16 -19.60 -0.61
C MET A 433 -20.00 -20.16 -2.01
N ARG A 434 -19.06 -21.09 -2.21
CA ARG A 434 -18.88 -21.70 -3.53
C ARG A 434 -20.14 -22.45 -3.94
N ASP A 435 -20.77 -23.16 -3.00
CA ASP A 435 -22.02 -23.85 -3.30
C ASP A 435 -23.11 -22.87 -3.68
N ASN A 436 -23.20 -21.74 -2.97
CA ASN A 436 -24.21 -20.74 -3.30
C ASN A 436 -23.99 -20.16 -4.70
N TRP A 437 -22.74 -19.85 -5.04
CA TRP A 437 -22.44 -19.21 -6.31
C TRP A 437 -22.41 -20.19 -7.48
N ARG A 438 -22.28 -21.49 -7.23
CA ARG A 438 -22.25 -22.47 -8.31
C ARG A 438 -23.64 -22.78 -8.86
N SER A 439 -24.71 -22.50 -8.10
CA SER A 439 -26.06 -22.77 -8.55
C SER A 439 -26.54 -21.78 -9.61
N GLU A 440 -25.89 -20.63 -9.75
CA GLU A 440 -26.28 -19.59 -10.68
C GLU A 440 -25.32 -19.46 -11.87
N LEU A 441 -24.32 -20.33 -11.98
CA LEU A 441 -23.37 -20.32 -13.09
C LEU A 441 -23.27 -21.67 -13.78
N TYR A 442 -24.31 -22.52 -13.65
CA TYR A 442 -24.24 -23.85 -14.25
C TYR A 442 -24.44 -23.80 -15.76
N LYS A 443 -25.14 -22.78 -16.26
CA LYS A 443 -25.44 -22.74 -17.69
C LYS A 443 -24.22 -22.35 -18.53
N TYR A 444 -23.33 -21.54 -17.98
CA TYR A 444 -22.29 -20.87 -18.76
C TYR A 444 -21.00 -21.67 -18.78
N LYS A 445 -20.36 -21.70 -19.96
CA LYS A 445 -19.03 -22.26 -20.13
C LYS A 445 -18.23 -21.30 -21.01
N VAL A 446 -16.90 -21.31 -20.82
CA VAL A 446 -15.99 -20.42 -21.52
C VAL A 446 -15.13 -21.24 -22.46
N VAL A 447 -14.97 -20.77 -23.70
CA VAL A 447 -14.20 -21.46 -24.71
C VAL A 447 -13.28 -20.47 -25.41
N LYS A 448 -12.16 -20.98 -25.92
CA LYS A 448 -11.19 -20.23 -26.69
C LYS A 448 -11.34 -20.59 -28.17
N ILE A 449 -11.06 -19.61 -29.03
CA ILE A 449 -11.26 -19.73 -30.47
C ILE A 449 -9.92 -19.97 -31.14
N GLU A 450 -9.86 -21.00 -31.99
CA GLU A 450 -8.70 -21.28 -32.83
C GLU A 450 -9.07 -20.97 -34.28
N PRO A 451 -8.97 -19.71 -34.71
CA PRO A 451 -9.50 -19.34 -36.04
C PRO A 451 -8.76 -19.98 -37.21
N LEU A 452 -7.55 -20.48 -37.02
CA LEU A 452 -6.74 -21.01 -38.11
C LEU A 452 -7.11 -22.47 -38.37
N GLY A 453 -7.21 -22.83 -39.66
CA GLY A 453 -7.49 -24.20 -40.03
C GLY A 453 -6.96 -24.50 -41.41
N VAL A 454 -6.96 -25.80 -41.74
CA VAL A 454 -6.48 -26.28 -43.04
C VAL A 454 -7.52 -27.24 -43.61
N ALA A 455 -7.53 -27.34 -44.94
CA ALA A 455 -8.42 -28.26 -45.62
C ALA A 455 -7.94 -28.48 -47.04
N PRO A 456 -8.22 -29.62 -47.66
CA PRO A 456 -7.84 -29.83 -49.06
C PRO A 456 -8.90 -29.33 -50.04
N THR A 457 -8.43 -28.99 -51.24
CA THR A 457 -9.32 -28.55 -52.30
C THR A 457 -8.61 -28.72 -53.64
N ARG A 458 -9.39 -28.66 -54.72
CA ARG A 458 -8.87 -28.82 -56.07
C ARG A 458 -8.43 -27.45 -56.62
N CYS A 459 -7.34 -26.94 -56.02
CA CYS A 459 -6.81 -25.64 -56.40
C CYS A 459 -5.30 -25.64 -56.18
N LYS A 460 -4.64 -24.72 -56.87
CA LYS A 460 -3.19 -24.57 -56.76
C LYS A 460 -2.84 -23.08 -56.79
N ARG A 461 -1.64 -22.78 -56.29
CA ARG A 461 -1.15 -21.40 -56.29
C ARG A 461 -0.66 -21.03 -57.68
N ARG A 462 -1.04 -19.84 -58.13
CA ARG A 462 -0.59 -19.33 -59.42
C ARG A 462 0.85 -18.85 -59.31
N VAL A 463 1.68 -19.26 -60.27
CA VAL A 463 3.08 -18.86 -60.28
C VAL A 463 3.25 -17.60 -61.13
N ALA B 1 -30.00 -19.45 -44.33
CA ALA B 1 -29.14 -19.51 -45.50
C ALA B 1 -28.13 -18.36 -45.48
N VAL B 2 -27.22 -18.37 -46.46
CA VAL B 2 -26.19 -17.33 -46.55
C VAL B 2 -26.65 -16.13 -47.36
N GLY B 3 -27.79 -16.21 -48.04
CA GLY B 3 -28.26 -15.11 -48.86
C GLY B 3 -29.07 -14.09 -48.09
N ILE B 4 -28.60 -13.73 -46.89
CA ILE B 4 -29.30 -12.73 -46.09
C ILE B 4 -29.18 -11.34 -46.73
N GLY B 5 -28.00 -11.04 -47.28
CA GLY B 5 -27.71 -9.71 -47.79
C GLY B 5 -26.76 -8.98 -46.87
N ALA B 6 -27.28 -8.02 -46.12
CA ALA B 6 -26.49 -7.34 -45.09
C ALA B 6 -26.23 -8.33 -43.96
N VAL B 7 -24.97 -8.74 -43.79
CA VAL B 7 -24.65 -9.80 -42.84
C VAL B 7 -24.75 -9.27 -41.42
N PHE B 8 -25.52 -9.97 -40.59
CA PHE B 8 -25.60 -9.70 -39.16
C PHE B 8 -25.60 -11.02 -38.38
N LEU B 9 -24.82 -11.99 -38.86
CA LEU B 9 -24.79 -13.33 -38.29
C LEU B 9 -24.11 -13.41 -36.93
N GLY B 10 -23.69 -12.31 -36.31
CA GLY B 10 -23.08 -12.41 -35.00
C GLY B 10 -21.67 -12.96 -35.06
N PHE B 11 -21.16 -13.33 -33.88
CA PHE B 11 -19.78 -13.77 -33.77
C PHE B 11 -19.59 -15.18 -34.31
N LEU B 12 -20.52 -16.09 -33.98
CA LEU B 12 -20.41 -17.51 -34.32
C LEU B 12 -21.73 -18.05 -34.83
N GLY B 13 -22.41 -17.28 -35.67
CA GLY B 13 -23.69 -17.73 -36.20
C GLY B 13 -23.55 -18.81 -37.26
N ALA B 14 -22.41 -18.87 -37.93
CA ALA B 14 -22.20 -19.83 -39.01
C ALA B 14 -21.63 -21.16 -38.53
N ALA B 15 -21.29 -21.28 -37.26
CA ALA B 15 -20.73 -22.53 -36.74
C ALA B 15 -21.79 -23.64 -36.78
N GLY B 16 -21.32 -24.85 -37.06
CA GLY B 16 -22.19 -26.02 -37.13
C GLY B 16 -22.83 -26.25 -38.49
N SER B 17 -22.64 -25.36 -39.45
CA SER B 17 -23.20 -25.51 -40.78
C SER B 17 -22.22 -26.25 -41.69
N THR B 18 -22.61 -26.40 -42.96
CA THR B 18 -21.75 -27.07 -43.92
C THR B 18 -20.54 -26.21 -44.25
N MET B 19 -19.48 -26.86 -44.74
CA MET B 19 -18.26 -26.13 -45.09
C MET B 19 -18.51 -25.12 -46.20
N GLY B 20 -19.27 -25.51 -47.22
CA GLY B 20 -19.52 -24.60 -48.33
C GLY B 20 -20.28 -23.36 -47.90
N ALA B 21 -21.34 -23.53 -47.12
CA ALA B 21 -22.09 -22.38 -46.62
C ALA B 21 -21.26 -21.57 -45.63
N ALA B 22 -20.54 -22.26 -44.73
CA ALA B 22 -19.72 -21.59 -43.73
C ALA B 22 -18.45 -21.00 -44.31
N SER B 23 -18.09 -21.34 -45.55
CA SER B 23 -16.88 -20.78 -46.14
C SER B 23 -16.97 -19.26 -46.26
N MET B 24 -18.14 -18.75 -46.62
CA MET B 24 -18.36 -17.32 -46.69
C MET B 24 -18.61 -16.75 -45.30
N THR B 25 -18.60 -15.41 -45.22
CA THR B 25 -18.86 -14.69 -43.97
C THR B 25 -17.81 -15.00 -42.90
N LEU B 26 -16.56 -15.25 -43.32
CA LEU B 26 -15.47 -15.46 -42.38
C LEU B 26 -14.92 -14.17 -41.81
N THR B 27 -15.27 -13.02 -42.39
CA THR B 27 -14.71 -11.75 -41.94
C THR B 27 -15.19 -11.40 -40.53
N VAL B 28 -16.45 -11.72 -40.21
CA VAL B 28 -17.00 -11.33 -38.92
C VAL B 28 -16.30 -12.05 -37.79
N GLN B 29 -15.91 -13.31 -37.99
CA GLN B 29 -15.21 -14.05 -36.93
C GLN B 29 -13.88 -13.40 -36.59
N ALA B 30 -13.12 -12.98 -37.60
CA ALA B 30 -11.81 -12.39 -37.37
C ALA B 30 -11.91 -10.95 -36.86
N ARG B 31 -12.91 -10.19 -37.34
CA ARG B 31 -12.98 -8.78 -37.00
C ARG B 31 -13.21 -8.56 -35.50
N ASN B 32 -14.11 -9.34 -34.90
CA ASN B 32 -14.51 -9.13 -33.51
C ASN B 32 -13.49 -9.80 -32.59
N LEU B 33 -12.39 -9.05 -32.33
CA LEU B 33 -11.33 -9.52 -31.44
C LEU B 33 -10.79 -8.38 -30.58
N LEU B 34 -11.65 -7.43 -30.20
CA LEU B 34 -11.21 -6.30 -29.39
C LEU B 34 -12.37 -5.82 -28.51
N SER B 35 -12.07 -5.60 -27.23
CA SER B 35 -13.05 -5.09 -26.26
C SER B 35 -12.33 -4.88 -24.94
N GLY B 36 -12.98 -4.13 -24.04
CA GLY B 36 -12.51 -3.96 -22.67
C GLY B 36 -12.12 -2.54 -22.31
N THR B 37 -12.10 -2.25 -21.01
CA THR B 37 -11.67 -0.94 -20.51
C THR B 37 -11.06 -1.14 -19.13
N VAL B 38 -10.27 -0.15 -18.70
CA VAL B 38 -9.32 -0.34 -17.62
C VAL B 38 -10.02 -0.52 -16.28
N TRP B 39 -9.55 -1.49 -15.50
CA TRP B 39 -9.80 -1.55 -14.06
C TRP B 39 -8.73 -2.42 -13.42
N GLY B 40 -7.77 -1.79 -12.74
CA GLY B 40 -6.77 -2.54 -12.01
C GLY B 40 -5.70 -3.16 -12.90
N ILE B 41 -4.77 -3.85 -12.25
CA ILE B 41 -3.63 -4.45 -12.94
C ILE B 41 -4.09 -5.64 -13.79
N LYS B 42 -5.02 -6.44 -13.27
CA LYS B 42 -5.40 -7.66 -13.97
C LYS B 42 -6.13 -7.35 -15.27
N GLN B 43 -6.93 -6.28 -15.30
CA GLN B 43 -7.60 -5.89 -16.53
C GLN B 43 -6.59 -5.56 -17.62
N LEU B 44 -5.56 -4.78 -17.28
CA LEU B 44 -4.56 -4.45 -18.27
C LEU B 44 -3.73 -5.67 -18.65
N GLN B 45 -3.52 -6.59 -17.71
CA GLN B 45 -2.87 -7.85 -18.05
C GLN B 45 -3.67 -8.62 -19.09
N ALA B 46 -4.99 -8.70 -18.90
CA ALA B 46 -5.83 -9.40 -19.87
C ALA B 46 -6.00 -8.59 -21.15
N ARG B 47 -5.75 -7.29 -21.12
CA ARG B 47 -5.95 -6.45 -22.29
C ARG B 47 -4.90 -6.68 -23.37
N VAL B 48 -3.86 -7.46 -23.10
CA VAL B 48 -3.03 -7.96 -24.20
C VAL B 48 -3.92 -8.73 -25.17
N LEU B 49 -4.85 -9.52 -24.65
CA LEU B 49 -6.06 -9.96 -25.36
C LEU B 49 -5.62 -10.74 -26.60
N ALA B 50 -6.15 -10.42 -27.79
CA ALA B 50 -5.73 -11.08 -29.02
C ALA B 50 -4.52 -10.42 -29.67
N VAL B 51 -3.98 -9.35 -29.07
CA VAL B 51 -2.86 -8.65 -29.70
C VAL B 51 -1.66 -9.57 -29.85
N GLU B 52 -1.52 -10.55 -28.96
CA GLU B 52 -0.45 -11.54 -29.07
C GLU B 52 -0.83 -12.67 -30.01
N ARG B 53 -2.03 -13.23 -29.84
CA ARG B 53 -2.44 -14.36 -30.68
C ARG B 53 -2.71 -13.90 -32.12
N TYR B 54 -3.24 -12.69 -32.29
CA TYR B 54 -3.41 -12.17 -33.64
C TYR B 54 -2.07 -12.00 -34.34
N LEU B 55 -1.07 -11.48 -33.63
CA LEU B 55 0.26 -11.36 -34.22
C LEU B 55 0.86 -12.73 -34.51
N ARG B 56 0.62 -13.72 -33.64
CA ARG B 56 1.06 -15.08 -33.93
C ARG B 56 0.45 -15.57 -35.24
N ASP B 57 -0.86 -15.40 -35.39
CA ASP B 57 -1.53 -15.86 -36.61
C ASP B 57 -1.01 -15.11 -37.83
N GLN B 58 -0.79 -13.80 -37.71
CA GLN B 58 -0.27 -13.03 -38.83
C GLN B 58 1.12 -13.50 -39.22
N GLN B 59 1.98 -13.77 -38.23
CA GLN B 59 3.31 -14.29 -38.54
C GLN B 59 3.22 -15.62 -39.26
N LEU B 60 2.40 -16.53 -38.74
CA LEU B 60 2.28 -17.86 -39.36
C LEU B 60 1.74 -17.76 -40.78
N LEU B 61 0.76 -16.88 -41.00
CA LEU B 61 0.17 -16.76 -42.33
C LEU B 61 1.11 -16.08 -43.32
N GLY B 62 1.78 -15.02 -42.89
CA GLY B 62 2.70 -14.31 -43.77
C GLY B 62 3.92 -15.14 -44.13
N ILE B 63 4.44 -15.93 -43.18
CA ILE B 63 5.60 -16.76 -43.46
C ILE B 63 5.25 -17.80 -44.53
N TRP B 64 4.02 -18.30 -44.52
CA TRP B 64 3.59 -19.30 -45.51
C TRP B 64 3.39 -18.70 -46.90
N GLY B 65 3.38 -17.37 -47.03
CA GLY B 65 3.24 -16.75 -48.32
C GLY B 65 1.80 -16.40 -48.66
N CYS B 66 1.11 -15.71 -47.75
CA CYS B 66 -0.27 -15.31 -47.94
C CYS B 66 -0.47 -13.91 -47.41
N SER B 67 -1.10 -13.06 -48.22
CA SER B 67 -1.42 -11.69 -47.84
C SER B 67 -2.93 -11.53 -47.83
N GLY B 68 -3.47 -10.96 -46.75
CA GLY B 68 -4.90 -10.82 -46.59
C GLY B 68 -5.48 -11.89 -45.69
N LYS B 69 -6.44 -11.51 -44.84
CA LYS B 69 -7.03 -12.43 -43.88
C LYS B 69 -8.21 -13.16 -44.54
N LEU B 70 -7.88 -13.93 -45.57
CA LEU B 70 -8.86 -14.68 -46.33
C LEU B 70 -8.24 -16.02 -46.71
N ILE B 71 -8.91 -16.76 -47.60
CA ILE B 71 -8.39 -18.05 -48.03
C ILE B 71 -7.08 -17.86 -48.78
N CYS B 72 -6.32 -18.94 -48.88
CA CYS B 72 -5.02 -18.92 -49.55
C CYS B 72 -4.65 -20.34 -49.94
N CYS B 73 -4.57 -20.61 -51.24
CA CYS B 73 -4.27 -21.94 -51.74
C CYS B 73 -2.76 -22.09 -51.90
N THR B 74 -2.22 -23.17 -51.36
CA THR B 74 -0.80 -23.46 -51.40
C THR B 74 -0.52 -24.54 -52.47
N ASN B 75 0.73 -24.97 -52.56
CA ASN B 75 1.16 -25.96 -53.54
C ASN B 75 1.64 -27.27 -52.90
N VAL B 76 1.58 -27.39 -51.58
CA VAL B 76 2.05 -28.61 -50.93
C VAL B 76 1.12 -29.77 -51.31
N PRO B 77 1.63 -30.93 -51.75
CA PRO B 77 0.73 -32.05 -52.04
C PRO B 77 0.06 -32.56 -50.78
N TRP B 78 -1.19 -33.03 -50.95
CA TRP B 78 -1.99 -33.56 -49.85
C TRP B 78 -1.73 -35.07 -49.77
N ASN B 79 -0.84 -35.46 -48.86
CA ASN B 79 -0.60 -36.87 -48.62
C ASN B 79 -1.86 -37.53 -48.08
N SER B 80 -2.34 -38.55 -48.79
CA SER B 80 -3.60 -39.19 -48.43
C SER B 80 -3.52 -39.97 -47.12
N SER B 81 -2.32 -40.22 -46.60
CA SER B 81 -2.19 -41.01 -45.38
C SER B 81 -2.86 -40.33 -44.18
N TRP B 82 -2.94 -38.99 -44.19
CA TRP B 82 -3.52 -38.28 -43.06
C TRP B 82 -5.01 -38.60 -42.92
N SER B 83 -5.77 -38.48 -44.01
CA SER B 83 -7.22 -38.67 -43.97
C SER B 83 -7.65 -39.88 -44.78
N ASN B 84 -7.30 -39.95 -46.07
CA ASN B 84 -7.75 -41.04 -46.94
C ASN B 84 -9.28 -41.15 -46.95
N ARG B 85 -9.94 -40.02 -47.12
CA ARG B 85 -11.40 -39.94 -47.10
C ARG B 85 -11.91 -39.27 -48.37
N ASN B 86 -13.18 -39.54 -48.67
CA ASN B 86 -13.80 -39.00 -49.87
C ASN B 86 -13.97 -37.48 -49.75
N LEU B 87 -13.86 -36.80 -50.88
CA LEU B 87 -14.00 -35.34 -50.91
C LEU B 87 -15.41 -34.92 -50.52
N SER B 88 -16.42 -35.63 -51.04
CA SER B 88 -17.80 -35.24 -50.79
C SER B 88 -18.16 -35.34 -49.32
N GLU B 89 -17.67 -36.37 -48.62
CA GLU B 89 -18.01 -36.56 -47.22
C GLU B 89 -17.42 -35.49 -46.31
N ILE B 90 -16.47 -34.69 -46.80
CA ILE B 90 -15.81 -33.67 -46.00
C ILE B 90 -16.35 -32.28 -46.31
N TRP B 91 -16.49 -31.94 -47.59
CA TRP B 91 -16.74 -30.59 -48.03
C TRP B 91 -18.22 -30.26 -48.20
N ASP B 92 -19.12 -31.20 -47.91
CA ASP B 92 -20.55 -30.99 -48.14
C ASP B 92 -21.40 -31.26 -46.90
N ASN B 93 -21.06 -32.25 -46.08
CA ASN B 93 -21.89 -32.68 -44.97
C ASN B 93 -21.15 -32.74 -43.64
N MET B 94 -19.98 -32.13 -43.53
CA MET B 94 -19.18 -32.15 -42.32
C MET B 94 -18.89 -30.73 -41.85
N THR B 95 -18.94 -30.52 -40.54
CA THR B 95 -18.65 -29.23 -39.93
C THR B 95 -17.17 -29.14 -39.54
N TRP B 96 -16.76 -27.95 -39.13
CA TRP B 96 -15.35 -27.69 -38.87
C TRP B 96 -14.89 -28.33 -37.56
N LEU B 97 -15.78 -28.44 -36.57
CA LEU B 97 -15.37 -28.93 -35.26
C LEU B 97 -14.90 -30.38 -35.34
N GLN B 98 -15.73 -31.25 -35.91
CA GLN B 98 -15.36 -32.66 -36.00
C GLN B 98 -14.21 -32.88 -36.97
N TRP B 99 -14.12 -32.08 -38.03
CA TRP B 99 -12.99 -32.16 -38.93
C TRP B 99 -11.69 -31.82 -38.22
N ASP B 100 -11.70 -30.77 -37.41
CA ASP B 100 -10.52 -30.42 -36.63
C ASP B 100 -10.19 -31.50 -35.61
N LYS B 101 -11.22 -32.09 -35.00
CA LYS B 101 -10.99 -33.20 -34.08
C LYS B 101 -10.29 -34.36 -34.79
N GLU B 102 -10.73 -34.68 -36.01
CA GLU B 102 -10.12 -35.78 -36.75
C GLU B 102 -8.68 -35.44 -37.16
N ILE B 103 -8.43 -34.22 -37.62
CA ILE B 103 -7.16 -33.85 -38.23
C ILE B 103 -6.28 -33.07 -37.26
N SER B 104 -6.49 -33.22 -35.95
CA SER B 104 -5.70 -32.49 -34.97
C SER B 104 -4.32 -33.11 -34.73
N ASN B 105 -4.04 -34.29 -35.28
CA ASN B 105 -2.81 -35.01 -34.98
C ASN B 105 -1.71 -34.79 -36.01
N TYR B 106 -1.94 -33.99 -37.04
CA TYR B 106 -0.99 -33.79 -38.13
C TYR B 106 -0.82 -32.30 -38.44
N THR B 107 -0.49 -31.51 -37.42
CA THR B 107 -0.39 -30.05 -37.58
C THR B 107 1.05 -29.57 -37.72
N GLN B 108 2.01 -30.23 -37.06
CA GLN B 108 3.38 -29.71 -37.05
C GLN B 108 4.07 -29.90 -38.39
N ILE B 109 3.93 -31.09 -38.99
CA ILE B 109 4.67 -31.38 -40.23
C ILE B 109 4.23 -30.46 -41.36
N ILE B 110 2.92 -30.23 -41.48
CA ILE B 110 2.42 -29.41 -42.59
C ILE B 110 2.89 -27.96 -42.42
N TYR B 111 2.84 -27.43 -41.19
CA TYR B 111 3.35 -26.08 -40.96
C TYR B 111 4.84 -25.99 -41.26
N GLY B 112 5.61 -26.99 -40.83
CA GLY B 112 7.03 -26.97 -41.10
C GLY B 112 7.34 -26.98 -42.59
N LEU B 113 6.62 -27.80 -43.35
CA LEU B 113 6.85 -27.85 -44.79
C LEU B 113 6.43 -26.54 -45.46
N LEU B 114 5.31 -25.96 -45.03
CA LEU B 114 4.87 -24.70 -45.60
C LEU B 114 5.83 -23.57 -45.27
N GLU B 115 6.52 -23.65 -44.13
CA GLU B 115 7.48 -22.60 -43.77
C GLU B 115 8.60 -22.49 -44.80
N GLU B 116 9.14 -23.63 -45.24
CA GLU B 116 10.25 -23.63 -46.18
C GLU B 116 9.81 -23.58 -47.64
N SER B 117 8.59 -24.03 -47.96
CA SER B 117 8.13 -23.98 -49.34
C SER B 117 8.06 -22.54 -49.85
N GLN B 118 7.52 -21.63 -49.03
CA GLN B 118 7.43 -20.23 -49.44
C GLN B 118 8.82 -19.62 -49.63
N ASN B 119 9.76 -19.94 -48.74
CA ASN B 119 11.11 -19.41 -48.89
C ASN B 119 11.77 -19.93 -50.16
N GLN B 120 11.59 -21.22 -50.45
CA GLN B 120 12.15 -21.78 -51.68
C GLN B 120 11.57 -21.09 -52.91
N GLN B 121 10.24 -20.91 -52.93
CA GLN B 121 9.62 -20.25 -54.07
C GLN B 121 10.09 -18.81 -54.21
N GLU B 122 10.22 -18.10 -53.09
CA GLU B 122 10.69 -16.72 -53.13
C GLU B 122 12.11 -16.63 -53.67
N LYS B 123 12.99 -17.54 -53.23
CA LYS B 123 14.37 -17.52 -53.72
C LYS B 123 14.42 -17.86 -55.20
N ASN B 124 13.60 -18.83 -55.65
CA ASN B 124 13.57 -19.16 -57.08
C ASN B 124 13.10 -17.98 -57.90
N GLU B 125 12.05 -17.28 -57.44
CA GLU B 125 11.57 -16.11 -58.16
C GLU B 125 12.61 -15.01 -58.19
N GLN B 126 13.32 -14.81 -57.07
CA GLN B 126 14.37 -13.79 -57.03
C GLN B 126 15.47 -14.12 -58.02
N ASP B 127 15.88 -15.39 -58.09
CA ASP B 127 16.91 -15.78 -59.05
C ASP B 127 16.43 -15.59 -60.48
N LEU B 128 15.17 -15.95 -60.76
CA LEU B 128 14.62 -15.77 -62.10
C LEU B 128 14.61 -14.31 -62.50
N LEU B 129 14.20 -13.43 -61.58
CA LEU B 129 14.16 -12.00 -61.89
C LEU B 129 15.56 -11.41 -62.01
N ALA B 130 16.51 -11.92 -61.23
CA ALA B 130 17.88 -11.41 -61.27
C ALA B 130 18.64 -11.90 -62.49
N LEU B 131 18.24 -13.02 -63.08
CA LEU B 131 18.96 -13.56 -64.22
C LEU B 131 18.94 -12.60 -65.41
N ASP B 132 17.80 -11.98 -65.67
CA ASP B 132 17.69 -11.04 -66.78
C ASP B 132 18.47 -9.76 -66.46
N GLN C 1 -70.43 -9.32 31.81
CA GLN C 1 -69.64 -8.46 30.88
C GLN C 1 -68.36 -7.97 31.55
N VAL C 2 -67.48 -7.34 30.76
CA VAL C 2 -66.26 -6.79 31.31
C VAL C 2 -66.59 -5.67 32.28
N GLN C 3 -65.97 -5.70 33.45
CA GLN C 3 -66.24 -4.74 34.51
C GLN C 3 -64.93 -4.17 35.03
N LEU C 4 -64.96 -2.88 35.38
CA LEU C 4 -63.82 -2.18 35.97
C LEU C 4 -64.33 -1.34 37.13
N VAL C 5 -63.69 -1.45 38.29
CA VAL C 5 -64.06 -0.67 39.45
C VAL C 5 -62.82 -0.07 40.08
N GLN C 6 -63.03 0.97 40.90
CA GLN C 6 -61.97 1.71 41.55
C GLN C 6 -62.42 2.07 42.96
N SER C 7 -61.56 2.77 43.68
CA SER C 7 -61.90 3.21 45.04
C SER C 7 -62.94 4.31 45.00
N GLY C 8 -63.63 4.48 46.13
CA GLY C 8 -64.70 5.46 46.22
C GLY C 8 -64.22 6.89 46.14
N ALA C 9 -63.45 7.32 47.14
CA ALA C 9 -62.93 8.68 47.17
C ALA C 9 -61.68 8.72 48.04
N GLU C 10 -60.86 9.75 47.82
CA GLU C 10 -59.63 9.93 48.58
C GLU C 10 -59.37 11.42 48.75
N VAL C 11 -58.92 11.79 49.95
CA VAL C 11 -58.55 13.16 50.28
C VAL C 11 -57.21 13.15 50.99
N LYS C 12 -56.34 14.09 50.61
CA LYS C 12 -54.98 14.15 51.17
C LYS C 12 -54.56 15.60 51.31
N LYS C 13 -53.58 15.83 52.18
CA LYS C 13 -53.03 17.15 52.38
C LYS C 13 -52.19 17.57 51.17
N PRO C 14 -52.02 18.87 50.95
CA PRO C 14 -51.14 19.30 49.85
C PRO C 14 -49.70 18.87 50.11
N GLY C 15 -49.04 18.44 49.04
CA GLY C 15 -47.68 17.96 49.14
C GLY C 15 -47.53 16.55 49.67
N ALA C 16 -48.63 15.87 49.97
CA ALA C 16 -48.60 14.51 50.49
C ALA C 16 -48.59 13.52 49.33
N SER C 17 -48.79 12.24 49.64
CA SER C 17 -48.82 11.18 48.64
C SER C 17 -50.14 10.43 48.73
N VAL C 18 -50.62 9.96 47.59
CA VAL C 18 -51.89 9.25 47.50
C VAL C 18 -51.69 8.00 46.64
N LYS C 19 -52.57 7.02 46.86
CA LYS C 19 -52.57 5.77 46.10
C LYS C 19 -53.97 5.46 45.62
N VAL C 20 -54.06 4.91 44.41
CA VAL C 20 -55.33 4.57 43.76
C VAL C 20 -55.24 3.13 43.25
N SER C 21 -56.31 2.37 43.46
CA SER C 21 -56.39 0.98 43.04
C SER C 21 -57.53 0.82 42.05
N CYS C 22 -57.27 0.09 40.96
CA CYS C 22 -58.26 -0.18 39.93
C CYS C 22 -58.23 -1.68 39.61
N LYS C 23 -59.41 -2.31 39.66
CA LYS C 23 -59.51 -3.75 39.45
C LYS C 23 -60.44 -4.04 38.28
N ALA C 24 -60.14 -5.14 37.58
CA ALA C 24 -60.84 -5.55 36.38
C ALA C 24 -61.36 -6.96 36.53
N SER C 25 -62.44 -7.26 35.82
CA SER C 25 -63.03 -8.59 35.82
C SER C 25 -63.68 -8.84 34.47
N GLY C 26 -63.77 -10.12 34.10
CA GLY C 26 -64.38 -10.53 32.84
C GLY C 26 -63.40 -10.89 31.75
N TYR C 27 -62.11 -10.65 31.94
CA TYR C 27 -61.11 -10.97 30.92
C TYR C 27 -59.78 -11.21 31.61
N THR C 28 -58.86 -11.81 30.85
CA THR C 28 -57.52 -12.10 31.38
C THR C 28 -56.77 -10.81 31.61
N PHE C 29 -56.27 -10.63 32.84
CA PHE C 29 -55.58 -9.39 33.19
C PHE C 29 -54.20 -9.28 32.57
N THR C 30 -53.57 -10.41 32.26
CA THR C 30 -52.22 -10.41 31.72
C THR C 30 -52.17 -10.30 30.19
N GLY C 31 -53.33 -10.16 29.55
CA GLY C 31 -53.38 -10.14 28.09
C GLY C 31 -53.50 -8.77 27.47
N TYR C 32 -53.62 -7.72 28.28
CA TYR C 32 -53.82 -6.36 27.78
C TYR C 32 -53.05 -5.37 28.64
N TYR C 33 -52.72 -4.23 28.03
CA TYR C 33 -52.11 -3.13 28.76
C TYR C 33 -53.16 -2.43 29.63
N MET C 34 -52.72 -1.40 30.36
CA MET C 34 -53.62 -0.56 31.15
C MET C 34 -53.15 0.88 31.06
N HIS C 35 -54.02 1.75 30.54
CA HIS C 35 -53.74 3.17 30.43
C HIS C 35 -54.38 3.89 31.61
N TRP C 36 -53.72 4.95 32.08
CA TRP C 36 -54.25 5.79 33.16
C TRP C 36 -54.36 7.22 32.68
N VAL C 37 -55.52 7.84 32.93
CA VAL C 37 -55.78 9.21 32.49
C VAL C 37 -56.34 10.02 33.64
N ARG C 38 -56.11 11.33 33.57
CA ARG C 38 -56.57 12.29 34.56
C ARG C 38 -57.39 13.36 33.87
N GLN C 39 -58.48 13.78 34.51
CA GLN C 39 -59.38 14.79 33.98
C GLN C 39 -59.62 15.84 35.04
N ALA C 40 -59.22 17.07 34.76
CA ALA C 40 -59.49 18.19 35.63
C ALA C 40 -60.93 18.66 35.45
N PRO C 41 -61.52 19.34 36.46
CA PRO C 41 -62.91 19.77 36.33
C PRO C 41 -63.12 20.81 35.24
N GLY C 42 -63.84 20.43 34.19
CA GLY C 42 -64.16 21.36 33.12
C GLY C 42 -63.05 21.66 32.15
N GLN C 43 -61.95 20.90 32.19
CA GLN C 43 -60.80 21.12 31.33
C GLN C 43 -60.48 19.84 30.56
N GLY C 44 -59.68 19.99 29.51
CA GLY C 44 -59.28 18.85 28.70
C GLY C 44 -58.54 17.80 29.49
N LEU C 45 -58.97 16.54 29.37
CA LEU C 45 -58.35 15.46 30.11
C LEU C 45 -56.94 15.20 29.61
N GLU C 46 -56.06 14.84 30.53
CA GLU C 46 -54.64 14.62 30.26
C GLU C 46 -54.30 13.15 30.44
N TRP C 47 -53.42 12.65 29.58
CA TRP C 47 -52.97 11.27 29.61
C TRP C 47 -51.66 11.18 30.39
N MET C 48 -51.63 10.32 31.40
CA MET C 48 -50.46 10.17 32.26
C MET C 48 -49.48 9.13 31.72
N GLY C 49 -49.94 7.89 31.56
CA GLY C 49 -49.05 6.84 31.12
C GLY C 49 -49.78 5.53 30.95
N TRP C 50 -48.98 4.49 30.66
CA TRP C 50 -49.48 3.14 30.48
C TRP C 50 -48.58 2.16 31.22
N ILE C 51 -49.16 1.00 31.53
CA ILE C 51 -48.47 -0.04 32.29
C ILE C 51 -48.80 -1.39 31.65
N ASN C 52 -47.77 -2.23 31.53
CA ASN C 52 -47.91 -3.60 31.02
C ASN C 52 -47.85 -4.55 32.21
N PRO C 53 -48.93 -5.29 32.55
CA PRO C 53 -48.88 -6.12 33.75
C PRO C 53 -48.04 -7.38 33.61
N ASN C 54 -47.56 -7.71 32.41
CA ASN C 54 -46.81 -8.96 32.23
C ASN C 54 -45.45 -8.87 32.90
N SER C 55 -44.59 -7.98 32.42
CA SER C 55 -43.25 -7.81 32.95
C SER C 55 -43.12 -6.65 33.93
N GLY C 56 -44.21 -5.93 34.19
CA GLY C 56 -44.16 -4.80 35.08
C GLY C 56 -43.66 -3.51 34.47
N GLY C 57 -43.30 -3.52 33.19
CA GLY C 57 -42.83 -2.31 32.55
C GLY C 57 -43.92 -1.25 32.47
N THR C 58 -43.51 0.00 32.64
CA THR C 58 -44.43 1.13 32.60
C THR C 58 -43.76 2.28 31.87
N ASN C 59 -44.59 3.16 31.30
CA ASN C 59 -44.10 4.38 30.68
C ASN C 59 -45.04 5.52 31.05
N TYR C 60 -44.48 6.72 31.16
CA TYR C 60 -45.21 7.91 31.54
C TYR C 60 -44.86 9.05 30.59
N ALA C 61 -45.79 9.98 30.45
CA ALA C 61 -45.57 11.16 29.62
C ALA C 61 -44.72 12.18 30.37
N GLN C 62 -44.34 13.24 29.67
CA GLN C 62 -43.55 14.30 30.28
C GLN C 62 -44.39 15.00 31.36
N LYS C 63 -43.71 15.79 32.18
CA LYS C 63 -44.25 16.51 33.33
C LYS C 63 -44.57 15.59 34.50
N PHE C 64 -44.25 14.28 34.39
CA PHE C 64 -44.54 13.33 35.47
C PHE C 64 -43.38 12.35 35.68
N GLN C 65 -42.18 12.70 35.22
CA GLN C 65 -41.05 11.79 35.34
C GLN C 65 -40.62 11.66 36.80
N GLY C 66 -40.81 10.48 37.37
CA GLY C 66 -40.40 10.20 38.73
C GLY C 66 -41.39 10.58 39.81
N ARG C 67 -42.45 11.30 39.47
CA ARG C 67 -43.44 11.72 40.45
C ARG C 67 -44.60 10.74 40.61
N VAL C 68 -44.82 9.87 39.63
CA VAL C 68 -45.89 8.88 39.66
C VAL C 68 -45.30 7.51 39.37
N THR C 69 -45.70 6.52 40.16
CA THR C 69 -45.23 5.15 40.00
C THR C 69 -46.42 4.21 39.90
N MET C 70 -46.41 3.35 38.88
CA MET C 70 -47.50 2.42 38.62
C MET C 70 -47.01 0.99 38.70
N THR C 71 -47.72 0.16 39.47
CA THR C 71 -47.40 -1.25 39.63
C THR C 71 -48.70 -2.03 39.56
N ARG C 72 -48.60 -3.35 39.71
CA ARG C 72 -49.78 -4.20 39.65
C ARG C 72 -49.56 -5.46 40.49
N ASP C 73 -50.67 -6.09 40.84
CA ASP C 73 -50.70 -7.37 41.53
C ASP C 73 -51.41 -8.37 40.62
N THR C 74 -50.67 -9.35 40.12
CA THR C 74 -51.21 -10.30 39.16
C THR C 74 -52.10 -11.34 39.81
N SER C 75 -51.79 -11.74 41.05
CA SER C 75 -52.58 -12.79 41.71
C SER C 75 -54.02 -12.34 41.90
N ILE C 76 -54.23 -11.10 42.32
CA ILE C 76 -55.57 -10.53 42.47
C ILE C 76 -55.98 -9.68 41.26
N SER C 77 -55.07 -9.44 40.32
CA SER C 77 -55.36 -8.71 39.09
C SER C 77 -55.87 -7.30 39.41
N THR C 78 -54.99 -6.51 40.02
CA THR C 78 -55.26 -5.11 40.34
C THR C 78 -54.10 -4.26 39.89
N ALA C 79 -54.37 -2.97 39.64
CA ALA C 79 -53.37 -1.99 39.26
C ALA C 79 -53.35 -0.86 40.26
N TYR C 80 -52.15 -0.51 40.74
CA TYR C 80 -51.96 0.50 41.75
C TYR C 80 -51.15 1.66 41.17
N MET C 81 -51.61 2.87 41.41
CA MET C 81 -50.92 4.10 40.99
C MET C 81 -50.66 4.95 42.22
N GLU C 82 -49.40 5.29 42.45
CA GLU C 82 -48.97 6.10 43.58
C GLU C 82 -48.45 7.43 43.07
N LEU C 83 -48.94 8.52 43.67
CA LEU C 83 -48.53 9.87 43.31
C LEU C 83 -48.02 10.58 44.56
N SER C 84 -47.06 11.49 44.35
CA SER C 84 -46.43 12.22 45.44
C SER C 84 -46.26 13.67 45.02
N ARG C 85 -46.02 14.53 46.02
CA ARG C 85 -45.86 15.96 45.82
C ARG C 85 -47.10 16.56 45.17
N LEU C 86 -48.23 16.40 45.86
CA LEU C 86 -49.50 16.90 45.35
C LEU C 86 -49.49 18.43 45.34
N ARG C 87 -50.24 18.99 44.40
CA ARG C 87 -50.37 20.44 44.23
C ARG C 87 -51.84 20.83 44.29
N SER C 88 -52.07 22.13 44.49
CA SER C 88 -53.44 22.62 44.64
C SER C 88 -54.27 22.37 43.38
N ASP C 89 -53.65 22.32 42.22
CA ASP C 89 -54.34 22.07 40.96
C ASP C 89 -54.52 20.59 40.67
N ASP C 90 -54.19 19.71 41.61
CA ASP C 90 -54.31 18.27 41.42
C ASP C 90 -55.72 17.75 41.69
N THR C 91 -56.63 18.58 42.18
CA THR C 91 -58.01 18.17 42.39
C THR C 91 -58.63 17.78 41.04
N ALA C 92 -58.93 16.51 40.85
CA ALA C 92 -59.31 16.01 39.53
C ALA C 92 -59.96 14.64 39.70
N VAL C 93 -60.17 13.96 38.57
CA VAL C 93 -60.68 12.59 38.54
C VAL C 93 -59.68 11.74 37.78
N TYR C 94 -59.62 10.47 38.13
CA TYR C 94 -58.69 9.51 37.53
C TYR C 94 -59.45 8.31 37.00
N TYR C 95 -59.05 7.85 35.81
CA TYR C 95 -59.68 6.72 35.14
C TYR C 95 -58.63 5.74 34.66
N CYS C 96 -58.98 4.45 34.70
CA CYS C 96 -58.18 3.37 34.16
C CYS C 96 -58.91 2.77 32.95
N ALA C 97 -58.16 2.51 31.88
CA ALA C 97 -58.73 2.07 30.62
C ALA C 97 -57.95 0.88 30.09
N ARG C 98 -58.64 0.02 29.33
CA ARG C 98 -58.10 -1.19 28.77
C ARG C 98 -57.70 -0.92 27.32
N GLY C 99 -56.41 -1.07 27.02
CA GLY C 99 -55.89 -0.73 25.71
C GLY C 99 -55.81 -1.90 24.75
N GLY C 100 -54.71 -1.99 24.01
CA GLY C 100 -54.55 -3.01 22.99
C GLY C 100 -54.12 -4.35 23.54
N TRP C 101 -53.93 -5.29 22.62
CA TRP C 101 -53.56 -6.66 22.94
C TRP C 101 -52.05 -6.82 22.94
N ILE C 102 -51.55 -7.61 23.89
CA ILE C 102 -50.13 -7.92 23.96
C ILE C 102 -49.82 -9.01 22.95
N SER C 103 -49.02 -8.68 21.94
CA SER C 103 -48.73 -9.58 20.84
C SER C 103 -47.38 -10.26 20.94
N LEU C 104 -46.37 -9.60 21.51
CA LEU C 104 -45.01 -10.10 21.65
C LEU C 104 -44.27 -10.17 20.31
N TYR C 105 -44.86 -9.68 19.23
CA TYR C 105 -44.22 -9.64 17.92
C TYR C 105 -44.24 -8.25 17.29
N TYR C 106 -45.30 -7.48 17.49
CA TYR C 106 -45.40 -6.11 16.99
C TYR C 106 -45.88 -5.20 18.12
N ASP C 107 -45.36 -3.98 18.14
CA ASP C 107 -45.70 -3.05 19.19
C ASP C 107 -47.17 -2.66 19.12
N SER C 108 -47.81 -2.58 20.30
CA SER C 108 -49.21 -2.17 20.39
C SER C 108 -49.45 -1.23 21.57
N SER C 109 -48.40 -0.72 22.20
CA SER C 109 -48.58 0.17 23.35
C SER C 109 -49.13 1.51 22.93
N GLY C 110 -48.73 2.01 21.77
CA GLY C 110 -49.08 3.34 21.33
C GLY C 110 -50.44 3.50 20.70
N TYR C 111 -51.16 2.42 20.47
CA TYR C 111 -52.49 2.53 19.86
C TYR C 111 -53.45 3.19 20.84
N PRO C 112 -54.11 4.30 20.50
CA PRO C 112 -54.94 5.01 21.47
C PRO C 112 -56.36 4.48 21.63
N ASN C 113 -56.68 3.31 21.11
CA ASN C 113 -58.04 2.78 21.14
C ASN C 113 -58.25 1.98 22.41
N PHE C 114 -59.01 2.55 23.35
CA PHE C 114 -59.46 1.85 24.55
C PHE C 114 -60.94 2.13 24.75
N ASP C 115 -61.72 1.07 24.96
CA ASP C 115 -63.17 1.14 24.96
C ASP C 115 -63.78 0.97 26.34
N TYR C 116 -63.29 0.03 27.14
CA TYR C 116 -63.87 -0.27 28.44
C TYR C 116 -63.26 0.65 29.49
N TRP C 117 -64.12 1.35 30.23
CA TRP C 117 -63.72 2.30 31.26
C TRP C 117 -64.39 1.92 32.59
N GLY C 118 -64.15 2.71 33.62
CA GLY C 118 -64.78 2.55 34.92
C GLY C 118 -65.37 3.85 35.39
N GLN C 119 -65.94 3.79 36.60
CA GLN C 119 -66.55 4.99 37.19
C GLN C 119 -65.53 6.01 37.65
N GLY C 120 -64.24 5.67 37.67
CA GLY C 120 -63.21 6.61 38.04
C GLY C 120 -63.12 6.81 39.54
N THR C 121 -62.23 7.72 39.92
CA THR C 121 -62.08 8.11 41.32
C THR C 121 -61.78 9.59 41.42
N LEU C 122 -62.45 10.27 42.35
CA LEU C 122 -62.30 11.69 42.57
C LEU C 122 -61.27 11.93 43.66
N VAL C 123 -60.33 12.84 43.41
CA VAL C 123 -59.33 13.24 44.39
C VAL C 123 -59.38 14.76 44.53
N THR C 124 -59.35 15.23 45.79
CA THR C 124 -59.44 16.65 46.10
C THR C 124 -58.39 16.99 47.14
N VAL C 125 -57.86 18.21 47.05
CA VAL C 125 -56.86 18.72 47.99
C VAL C 125 -57.37 20.08 48.48
N SER C 126 -58.08 20.07 49.61
CA SER C 126 -58.64 21.29 50.15
C SER C 126 -57.55 22.18 50.73
N GLY C 127 -56.80 21.66 51.71
CA GLY C 127 -55.73 22.41 52.33
C GLY C 127 -56.25 23.43 53.34
N GLN D 1 -49.71 22.34 27.03
CA GLN D 1 -48.81 21.68 26.03
C GLN D 1 -49.30 21.96 24.61
N SER D 2 -48.54 21.49 23.62
CA SER D 2 -48.90 21.67 22.21
C SER D 2 -49.84 20.53 21.79
N ALA D 3 -51.05 20.58 22.36
CA ALA D 3 -52.06 19.57 22.08
C ALA D 3 -52.68 19.84 20.71
N LEU D 4 -53.69 19.06 20.34
CA LEU D 4 -54.36 19.22 19.06
C LEU D 4 -55.30 20.40 19.12
N THR D 5 -55.10 21.38 18.24
CA THR D 5 -55.99 22.52 18.16
C THR D 5 -57.37 22.06 17.71
N GLN D 6 -58.41 22.58 18.36
CA GLN D 6 -59.78 22.15 18.13
C GLN D 6 -60.71 23.33 18.33
N PRO D 7 -61.86 23.40 17.61
CA PRO D 7 -62.77 24.53 17.82
C PRO D 7 -63.41 24.54 19.20
N ALA D 8 -64.33 25.48 19.42
CA ALA D 8 -65.00 25.63 20.71
C ALA D 8 -66.31 24.85 20.76
N SER D 9 -67.24 25.17 19.87
CA SER D 9 -68.56 24.54 19.89
C SER D 9 -69.18 24.63 18.51
N VAL D 10 -70.19 23.79 18.28
CA VAL D 10 -70.95 23.75 17.04
C VAL D 10 -72.42 23.58 17.39
N SER D 11 -73.28 23.64 16.38
CA SER D 11 -74.71 23.49 16.59
C SER D 11 -75.35 22.98 15.30
N GLY D 12 -76.54 22.42 15.44
CA GLY D 12 -77.27 21.91 14.29
C GLY D 12 -78.65 21.45 14.72
N SER D 13 -79.56 21.43 13.74
CA SER D 13 -80.93 21.02 13.97
C SER D 13 -81.06 19.51 13.82
N PRO D 14 -82.14 18.92 14.34
CA PRO D 14 -82.36 17.49 14.13
C PRO D 14 -82.49 17.16 12.65
N GLY D 15 -81.93 16.01 12.27
CA GLY D 15 -81.94 15.59 10.88
C GLY D 15 -80.89 16.24 10.01
N GLN D 16 -80.05 17.11 10.56
CA GLN D 16 -79.05 17.83 9.80
C GLN D 16 -77.68 17.14 9.94
N SER D 17 -76.84 17.36 8.94
CA SER D 17 -75.49 16.80 8.90
C SER D 17 -74.51 17.87 9.35
N ILE D 18 -73.70 17.55 10.36
CA ILE D 18 -72.77 18.51 10.95
C ILE D 18 -71.41 17.84 11.12
N THR D 19 -70.34 18.58 10.81
CA THR D 19 -68.98 18.06 10.89
C THR D 19 -68.16 18.94 11.82
N ILE D 20 -67.23 18.31 12.54
CA ILE D 20 -66.32 18.97 13.46
C ILE D 20 -64.90 18.55 13.12
N SER D 21 -63.99 19.53 13.07
CA SER D 21 -62.61 19.32 12.65
C SER D 21 -61.69 19.24 13.85
N CYS D 22 -60.54 18.59 13.64
CA CYS D 22 -59.50 18.48 14.65
C CYS D 22 -58.18 18.27 13.93
N THR D 23 -57.22 19.18 14.15
CA THR D 23 -56.00 19.22 13.36
C THR D 23 -54.77 19.24 14.27
N GLY D 24 -53.65 18.84 13.69
CA GLY D 24 -52.38 18.85 14.41
C GLY D 24 -51.24 18.81 13.41
N THR D 25 -50.03 18.84 13.96
CA THR D 25 -48.84 18.82 13.13
C THR D 25 -48.69 17.46 12.45
N SER D 26 -47.67 17.36 11.59
CA SER D 26 -47.46 16.13 10.82
C SER D 26 -47.12 14.96 11.74
N SER D 27 -46.29 15.20 12.76
CA SER D 27 -45.86 14.12 13.64
C SER D 27 -47.04 13.52 14.41
N ASP D 28 -47.97 14.37 14.86
CA ASP D 28 -49.08 13.89 15.66
C ASP D 28 -50.02 13.01 14.84
N VAL D 29 -50.57 13.56 13.75
CA VAL D 29 -51.60 12.89 12.97
C VAL D 29 -51.22 12.72 11.51
N GLY D 30 -50.31 13.53 10.97
CA GLY D 30 -49.97 13.44 9.57
C GLY D 30 -49.26 12.17 9.18
N SER D 31 -48.25 11.78 9.96
CA SER D 31 -47.40 10.64 9.60
C SER D 31 -48.00 9.30 10.03
N TYR D 32 -49.09 9.29 10.78
CA TYR D 32 -49.70 8.06 11.27
C TYR D 32 -51.21 8.12 11.06
N ASN D 33 -51.82 6.94 10.95
CA ASN D 33 -53.26 6.81 10.77
C ASN D 33 -53.98 6.50 12.08
N LEU D 34 -53.30 6.58 13.21
CA LEU D 34 -53.88 6.24 14.51
C LEU D 34 -54.58 7.47 15.07
N VAL D 35 -55.89 7.53 14.89
CA VAL D 35 -56.73 8.59 15.44
C VAL D 35 -57.96 7.94 16.07
N SER D 36 -58.54 8.65 17.05
CA SER D 36 -59.73 8.15 17.72
C SER D 36 -60.56 9.31 18.21
N TRP D 37 -61.87 9.13 18.18
CA TRP D 37 -62.84 10.12 18.66
C TRP D 37 -63.62 9.54 19.82
N TYR D 38 -63.72 10.30 20.90
CA TYR D 38 -64.35 9.86 22.13
C TYR D 38 -65.54 10.75 22.48
N GLN D 39 -66.65 10.12 22.84
CA GLN D 39 -67.86 10.79 23.28
C GLN D 39 -67.96 10.67 24.80
N GLN D 40 -68.21 11.80 25.46
CA GLN D 40 -68.25 11.87 26.92
C GLN D 40 -69.48 12.67 27.34
N HIS D 41 -70.43 12.01 28.00
CA HIS D 41 -71.51 12.70 28.67
C HIS D 41 -71.05 13.20 30.03
N PRO D 42 -71.75 14.17 30.63
CA PRO D 42 -71.37 14.61 31.97
C PRO D 42 -71.46 13.48 32.98
N GLY D 43 -70.49 13.44 33.89
CA GLY D 43 -70.48 12.45 34.95
C GLY D 43 -69.95 11.10 34.52
N LYS D 44 -70.59 10.48 33.53
CA LYS D 44 -70.22 9.13 33.12
C LYS D 44 -68.88 9.15 32.37
N ALA D 45 -68.30 7.97 32.24
CA ALA D 45 -67.01 7.81 31.59
C ALA D 45 -67.14 7.97 30.08
N PRO D 46 -66.07 8.38 29.39
CA PRO D 46 -66.14 8.54 27.94
C PRO D 46 -66.25 7.20 27.22
N LYS D 47 -66.83 7.25 26.02
CA LYS D 47 -66.94 6.10 25.13
C LYS D 47 -66.39 6.47 23.76
N LEU D 48 -65.66 5.54 23.16
CA LEU D 48 -65.04 5.77 21.86
C LEU D 48 -66.01 5.41 20.74
N MET D 49 -65.76 6.00 19.56
CA MET D 49 -66.70 5.95 18.45
C MET D 49 -66.12 5.46 17.14
N ILE D 50 -64.80 5.36 17.00
CA ILE D 50 -64.20 5.02 15.72
C ILE D 50 -62.81 4.44 15.97
N TYR D 51 -62.43 3.47 15.14
CA TYR D 51 -61.09 2.90 15.15
C TYR D 51 -60.33 3.37 13.91
N GLU D 52 -59.16 3.98 14.13
CA GLU D 52 -58.28 4.43 13.05
C GLU D 52 -59.00 5.37 12.08
N VAL D 53 -60.05 6.05 12.55
CA VAL D 53 -60.80 7.08 11.81
C VAL D 53 -61.73 6.48 10.76
N SER D 54 -61.58 5.18 10.44
CA SER D 54 -62.33 4.55 9.37
C SER D 54 -63.19 3.39 9.84
N LYS D 55 -62.62 2.46 10.59
CA LYS D 55 -63.34 1.25 11.00
C LYS D 55 -64.29 1.56 12.15
N ARG D 56 -65.55 1.14 12.00
CA ARG D 56 -66.56 1.43 13.00
C ARG D 56 -66.49 0.43 14.15
N PRO D 57 -66.87 0.83 15.37
CA PRO D 57 -66.95 -0.15 16.47
C PRO D 57 -68.19 -1.03 16.34
N SER D 58 -68.17 -2.12 17.10
CA SER D 58 -69.32 -3.02 17.16
C SER D 58 -70.35 -2.49 18.14
N GLY D 59 -71.62 -2.59 17.76
CA GLY D 59 -72.70 -2.10 18.59
C GLY D 59 -72.99 -0.62 18.46
N VAL D 60 -72.31 0.08 17.55
CA VAL D 60 -72.48 1.51 17.34
C VAL D 60 -73.23 1.73 16.04
N SER D 61 -74.20 2.64 16.06
CA SER D 61 -75.02 2.88 14.88
C SER D 61 -74.17 3.48 13.75
N ASN D 62 -74.79 3.60 12.58
CA ASN D 62 -74.12 4.07 11.38
C ASN D 62 -74.23 5.59 11.20
N ARG D 63 -74.83 6.29 12.16
CA ARG D 63 -75.02 7.73 12.01
C ARG D 63 -73.70 8.48 12.01
N PHE D 64 -72.72 8.03 12.80
CA PHE D 64 -71.43 8.71 12.91
C PHE D 64 -70.49 8.24 11.81
N SER D 65 -69.52 9.11 11.47
CA SER D 65 -68.50 8.76 10.51
C SER D 65 -67.30 9.67 10.75
N GLY D 66 -66.16 9.29 10.16
CA GLY D 66 -64.96 10.10 10.30
C GLY D 66 -64.02 9.89 9.13
N SER D 67 -63.22 10.91 8.86
CA SER D 67 -62.30 10.84 7.73
C SER D 67 -61.14 11.81 7.95
N LYS D 68 -59.95 11.39 7.55
CA LYS D 68 -58.74 12.17 7.68
C LYS D 68 -58.25 12.62 6.31
N SER D 69 -57.70 13.84 6.27
CA SER D 69 -57.12 14.38 5.05
C SER D 69 -55.96 15.28 5.43
N GLY D 70 -54.82 15.10 4.76
CA GLY D 70 -53.65 15.91 5.03
C GLY D 70 -53.20 15.85 6.47
N ASN D 71 -53.40 16.94 7.20
CA ASN D 71 -53.05 17.03 8.62
C ASN D 71 -54.26 17.37 9.48
N THR D 72 -55.46 17.00 9.05
CA THR D 72 -56.68 17.30 9.80
C THR D 72 -57.69 16.18 9.62
N ALA D 73 -58.36 15.82 10.72
CA ALA D 73 -59.43 14.83 10.72
C ALA D 73 -60.76 15.53 10.96
N SER D 74 -61.83 14.90 10.48
CA SER D 74 -63.17 15.43 10.61
C SER D 74 -64.12 14.32 11.03
N LEU D 75 -64.93 14.61 12.06
CA LEU D 75 -65.97 13.73 12.54
C LEU D 75 -67.31 14.28 12.08
N THR D 76 -68.06 13.49 11.33
CA THR D 76 -69.33 13.90 10.76
C THR D 76 -70.47 13.11 11.42
N ILE D 77 -71.55 13.82 11.74
CA ILE D 77 -72.74 13.24 12.32
C ILE D 77 -73.90 13.55 11.38
N SER D 78 -74.61 12.51 10.96
CA SER D 78 -75.76 12.62 10.07
C SER D 78 -77.01 12.16 10.81
N GLY D 79 -78.09 12.91 10.66
CA GLY D 79 -79.31 12.61 11.38
C GLY D 79 -79.19 12.90 12.87
N LEU D 80 -79.01 14.17 13.21
CA LEU D 80 -78.83 14.55 14.61
C LEU D 80 -80.07 14.23 15.42
N GLN D 81 -79.86 13.82 16.67
CA GLN D 81 -80.94 13.51 17.60
C GLN D 81 -80.55 14.04 18.98
N ALA D 82 -81.45 13.86 19.94
CA ALA D 82 -81.21 14.32 21.30
C ALA D 82 -80.14 13.53 22.02
N GLU D 83 -79.76 12.35 21.51
CA GLU D 83 -78.76 11.52 22.15
C GLU D 83 -77.33 12.00 21.89
N ASP D 84 -77.13 12.92 20.97
CA ASP D 84 -75.79 13.41 20.62
C ASP D 84 -75.35 14.59 21.49
N GLU D 85 -76.17 15.02 22.44
CA GLU D 85 -75.81 16.15 23.30
C GLU D 85 -74.77 15.71 24.32
N ALA D 86 -73.49 15.91 24.00
CA ALA D 86 -72.40 15.51 24.87
C ALA D 86 -71.11 16.14 24.32
N ASP D 87 -70.00 15.87 25.00
CA ASP D 87 -68.70 16.37 24.60
C ASP D 87 -67.99 15.38 23.69
N TYR D 88 -67.21 15.92 22.74
CA TYR D 88 -66.46 15.12 21.79
C TYR D 88 -64.99 15.52 21.83
N TYR D 89 -64.12 14.51 21.90
CA TYR D 89 -62.67 14.72 21.97
C TYR D 89 -61.99 13.92 20.88
N CYS D 90 -60.84 14.42 20.41
CA CYS D 90 -59.99 13.72 19.45
C CYS D 90 -58.66 13.42 20.09
N CYS D 91 -58.20 12.17 19.98
CA CYS D 91 -56.92 11.76 20.52
C CYS D 91 -56.16 10.98 19.45
N SER D 92 -54.84 10.97 19.60
CA SER D 92 -53.97 10.37 18.59
C SER D 92 -52.65 9.96 19.24
N TYR D 93 -51.78 9.39 18.42
CA TYR D 93 -50.49 8.86 18.86
C TYR D 93 -49.38 9.85 18.48
N ALA D 94 -48.61 10.26 19.48
CA ALA D 94 -47.65 11.36 19.33
C ALA D 94 -46.21 10.88 19.14
N GLY D 95 -46.00 9.59 18.95
CA GLY D 95 -44.64 9.07 18.79
C GLY D 95 -44.00 8.73 20.11
N SER D 96 -43.00 7.84 20.08
CA SER D 96 -42.27 7.42 21.28
C SER D 96 -43.20 6.83 22.33
N SER D 97 -44.25 6.13 21.88
CA SER D 97 -45.20 5.47 22.77
C SER D 97 -45.87 6.48 23.71
N THR D 98 -46.55 7.44 23.10
CA THR D 98 -47.31 8.45 23.84
C THR D 98 -48.63 8.71 23.13
N VAL D 99 -49.62 9.13 23.91
CA VAL D 99 -50.97 9.43 23.42
C VAL D 99 -51.32 10.85 23.84
N ILE D 100 -51.85 11.63 22.90
CA ILE D 100 -52.22 13.02 23.14
C ILE D 100 -53.70 13.21 22.83
N PHE D 101 -54.40 13.87 23.74
CA PHE D 101 -55.82 14.15 23.61
C PHE D 101 -56.04 15.60 23.21
N GLY D 102 -57.14 15.85 22.50
CA GLY D 102 -57.47 17.19 22.03
C GLY D 102 -58.17 18.01 23.09
N GLY D 103 -58.43 19.27 22.73
CA GLY D 103 -59.09 20.17 23.66
C GLY D 103 -60.52 19.77 23.95
N GLY D 104 -61.25 19.36 22.93
CA GLY D 104 -62.64 18.95 23.07
C GLY D 104 -63.62 20.04 22.66
N THR D 105 -64.86 19.63 22.46
CA THR D 105 -65.93 20.53 22.03
C THR D 105 -67.22 20.13 22.72
N LYS D 106 -68.27 20.91 22.47
CA LYS D 106 -69.62 20.61 22.92
C LYS D 106 -70.59 20.76 21.75
N LEU D 107 -71.53 19.83 21.64
CA LEU D 107 -72.51 19.80 20.56
C LEU D 107 -73.88 20.17 21.12
N THR D 108 -74.53 21.13 20.47
CA THR D 108 -75.86 21.59 20.85
C THR D 108 -76.85 21.29 19.74
N VAL D 109 -78.09 20.99 20.14
CA VAL D 109 -79.16 20.64 19.22
C VAL D 109 -80.15 21.80 19.19
N LEU D 110 -80.42 22.32 18.00
CA LEU D 110 -81.36 23.41 17.86
C LEU D 110 -82.79 22.91 18.06
N GLY D 111 -83.67 23.82 18.46
CA GLY D 111 -85.06 23.48 18.69
C GLY D 111 -85.30 22.83 20.03
N GLU E 2 -16.42 10.28 -66.49
CA GLU E 2 -17.84 10.33 -66.19
C GLU E 2 -18.15 9.52 -64.93
N ASN E 3 -18.14 8.20 -65.07
CA ASN E 3 -18.39 7.33 -63.92
C ASN E 3 -17.26 7.46 -62.91
N LEU E 4 -17.62 7.42 -61.63
CA LEU E 4 -16.68 7.59 -60.53
C LEU E 4 -16.87 6.47 -59.52
N TRP E 5 -15.77 6.09 -58.87
CA TRP E 5 -15.74 4.93 -57.98
C TRP E 5 -15.02 5.29 -56.69
N VAL E 6 -15.30 4.49 -55.65
CA VAL E 6 -14.78 4.76 -54.32
C VAL E 6 -13.28 4.53 -54.27
N THR E 7 -12.61 5.25 -53.38
CA THR E 7 -11.21 5.03 -53.09
C THR E 7 -10.96 5.39 -51.62
N VAL E 8 -10.17 4.57 -50.94
CA VAL E 8 -9.91 4.70 -49.51
C VAL E 8 -8.51 5.27 -49.33
N TYR E 9 -8.40 6.26 -48.44
CA TYR E 9 -7.14 6.94 -48.14
C TYR E 9 -6.82 6.75 -46.67
N TYR E 10 -5.58 6.35 -46.39
CA TYR E 10 -5.08 6.17 -45.03
C TYR E 10 -4.06 7.24 -44.71
N GLY E 11 -4.20 7.88 -43.54
CA GLY E 11 -3.35 8.97 -43.15
C GLY E 11 -3.91 10.35 -43.40
N VAL E 12 -5.18 10.45 -43.76
CA VAL E 12 -5.79 11.76 -44.03
C VAL E 12 -5.87 12.55 -42.72
N PRO E 13 -5.41 13.80 -42.65
CA PRO E 13 -5.48 14.53 -41.38
C PRO E 13 -6.88 15.02 -41.09
N VAL E 14 -7.46 14.52 -40.00
CA VAL E 14 -8.77 14.96 -39.53
C VAL E 14 -8.70 15.11 -38.02
N TRP E 15 -9.38 16.13 -37.49
CA TRP E 15 -9.35 16.45 -36.08
C TRP E 15 -10.73 16.20 -35.48
N LYS E 16 -10.76 15.55 -34.31
CA LYS E 16 -12.00 15.39 -33.55
C LYS E 16 -11.69 15.66 -32.08
N GLU E 17 -12.35 16.66 -31.51
CA GLU E 17 -12.12 16.97 -30.10
C GLU E 17 -12.69 15.87 -29.21
N ALA E 18 -11.87 15.39 -28.27
CA ALA E 18 -12.28 14.30 -27.40
C ALA E 18 -11.37 14.30 -26.17
N LYS E 19 -11.74 13.47 -25.20
CA LYS E 19 -11.01 13.38 -23.95
C LYS E 19 -9.89 12.34 -24.06
N THR E 20 -8.83 12.55 -23.29
CA THR E 20 -7.68 11.65 -23.28
C THR E 20 -6.80 12.03 -22.09
N THR E 21 -5.67 11.36 -21.98
CA THR E 21 -4.70 11.58 -20.91
C THR E 21 -3.39 12.09 -21.49
N LEU E 22 -2.69 12.92 -20.71
CA LEU E 22 -1.46 13.57 -21.11
C LEU E 22 -0.32 13.12 -20.21
N PHE E 23 0.90 13.26 -20.72
CA PHE E 23 2.11 12.94 -19.99
C PHE E 23 2.82 14.23 -19.57
N CYS E 24 3.70 14.11 -18.59
CA CYS E 24 4.48 15.23 -18.08
C CYS E 24 5.96 14.99 -18.35
N ALA E 25 6.66 16.06 -18.75
CA ALA E 25 8.08 16.01 -19.01
C ALA E 25 8.75 17.23 -18.38
N SER E 26 10.04 17.10 -18.08
CA SER E 26 10.79 18.17 -17.43
C SER E 26 12.22 18.15 -17.92
N ASP E 27 12.91 19.26 -17.71
CA ASP E 27 14.30 19.37 -18.14
C ASP E 27 15.18 18.41 -17.35
N ALA E 28 16.30 18.01 -17.95
CA ALA E 28 17.18 17.02 -17.36
C ALA E 28 17.94 17.54 -16.15
N ARG E 29 17.88 18.84 -15.87
CA ARG E 29 18.61 19.37 -14.71
C ARG E 29 18.06 18.78 -13.41
N ALA E 30 16.76 18.51 -13.35
CA ALA E 30 16.18 17.90 -12.16
C ALA E 30 16.73 16.49 -11.95
N TYR E 31 16.94 15.73 -13.02
CA TYR E 31 17.50 14.40 -12.90
C TYR E 31 18.94 14.41 -12.38
N GLU E 32 19.63 15.54 -12.47
CA GLU E 32 21.00 15.62 -11.98
C GLU E 32 21.07 15.36 -10.48
N LYS E 33 20.11 15.89 -9.73
CA LYS E 33 20.09 15.68 -8.29
C LYS E 33 19.94 14.21 -7.96
N GLU E 34 20.76 13.73 -7.02
CA GLU E 34 20.73 12.31 -6.67
C GLU E 34 19.39 11.90 -6.08
N VAL E 35 18.87 12.70 -5.14
CA VAL E 35 17.61 12.37 -4.48
C VAL E 35 17.06 13.64 -3.83
N HIS E 36 15.75 13.64 -3.60
CA HIS E 36 15.08 14.74 -2.92
C HIS E 36 15.23 16.05 -3.70
N ASN E 37 14.74 16.02 -4.94
CA ASN E 37 14.72 17.17 -5.83
C ASN E 37 13.33 17.25 -6.47
N VAL E 38 12.42 17.96 -5.81
CA VAL E 38 11.08 18.18 -6.35
C VAL E 38 10.35 16.87 -6.57
N TRP E 39 9.42 16.85 -7.54
CA TRP E 39 8.74 15.64 -7.97
C TRP E 39 8.81 15.40 -9.47
N ALA E 40 9.24 16.39 -10.26
CA ALA E 40 9.32 16.21 -11.70
C ALA E 40 10.31 15.12 -12.08
N THR E 41 11.48 15.09 -11.43
CA THR E 41 12.46 14.06 -11.70
C THR E 41 11.93 12.67 -11.38
N HIS E 42 11.05 12.54 -10.40
CA HIS E 42 10.49 11.26 -10.02
C HIS E 42 9.32 10.83 -10.88
N ALA E 43 8.54 11.80 -11.39
CA ALA E 43 7.26 11.50 -12.03
C ALA E 43 7.16 11.93 -13.48
N CYS E 44 8.21 12.49 -14.07
CA CYS E 44 8.15 13.00 -15.44
C CYS E 44 9.39 12.59 -16.21
N VAL E 45 9.34 12.79 -17.53
CA VAL E 45 10.33 12.29 -18.47
C VAL E 45 11.25 13.43 -18.89
N PRO E 46 12.51 13.18 -19.28
CA PRO E 46 13.29 14.23 -19.93
C PRO E 46 12.61 14.71 -21.20
N THR E 47 12.69 16.02 -21.44
CA THR E 47 11.99 16.67 -22.54
C THR E 47 12.98 17.09 -23.63
N ASP E 48 12.44 17.76 -24.66
CA ASP E 48 13.22 18.24 -25.78
C ASP E 48 12.45 19.38 -26.44
N PRO E 49 13.03 20.58 -26.60
CA PRO E 49 12.29 21.65 -27.29
C PRO E 49 11.87 21.29 -28.71
N SER E 50 12.69 20.53 -29.43
CA SER E 50 12.34 20.12 -30.78
C SER E 50 11.16 19.14 -30.72
N PRO E 51 10.27 19.15 -31.73
CA PRO E 51 10.24 20.00 -32.94
C PRO E 51 9.64 21.37 -32.67
N GLN E 52 9.82 22.31 -33.59
CA GLN E 52 9.26 23.64 -33.43
C GLN E 52 7.75 23.61 -33.64
N GLU E 53 7.09 24.68 -33.23
CA GLU E 53 5.64 24.79 -33.41
C GLU E 53 5.31 25.06 -34.87
N LEU E 54 5.05 24.00 -35.62
CA LEU E 54 4.73 24.15 -37.04
C LEU E 54 3.41 24.88 -37.21
N VAL E 55 3.38 25.81 -38.16
CA VAL E 55 2.19 26.62 -38.44
C VAL E 55 1.51 26.08 -39.68
N LEU E 56 0.19 25.90 -39.60
CA LEU E 56 -0.59 25.37 -40.70
C LEU E 56 -0.99 26.49 -41.65
N GLY E 57 -1.15 26.14 -42.92
CA GLY E 57 -1.40 27.12 -43.95
C GLY E 57 -2.71 27.89 -43.80
N ASN E 58 -3.83 27.19 -43.92
CA ASN E 58 -5.16 27.82 -43.84
C ASN E 58 -6.06 26.88 -43.05
N VAL E 59 -6.36 27.24 -41.81
CA VAL E 59 -7.18 26.42 -40.92
C VAL E 59 -8.17 27.32 -40.18
N THR E 60 -9.24 26.70 -39.69
CA THR E 60 -10.23 27.37 -38.87
C THR E 60 -10.69 26.41 -37.77
N GLU E 61 -10.81 26.92 -36.55
CA GLU E 61 -11.16 26.10 -35.41
C GLU E 61 -11.86 26.96 -34.36
N ASN E 62 -12.55 26.29 -33.44
CA ASN E 62 -13.24 26.93 -32.33
C ASN E 62 -12.56 26.52 -31.03
N PHE E 63 -12.22 27.51 -30.21
CA PHE E 63 -11.52 27.29 -28.95
C PHE E 63 -12.43 27.67 -27.78
N ASN E 64 -12.45 26.81 -26.77
CA ASN E 64 -13.20 27.04 -25.53
C ASN E 64 -12.25 26.85 -24.35
N MET E 65 -12.25 27.82 -23.43
CA MET E 65 -11.36 27.81 -22.29
C MET E 65 -12.01 27.20 -21.05
N TRP E 66 -13.24 27.60 -20.73
CA TRP E 66 -13.88 27.14 -19.50
C TRP E 66 -14.34 25.69 -19.62
N LYS E 67 -14.87 25.30 -20.78
CA LYS E 67 -15.34 23.94 -21.00
C LYS E 67 -14.19 23.06 -21.46
N ASN E 68 -13.29 22.77 -20.52
CA ASN E 68 -12.14 21.92 -20.77
C ASN E 68 -11.89 21.05 -19.55
N ASP E 69 -11.35 19.85 -19.80
CA ASP E 69 -11.06 18.88 -18.75
C ASP E 69 -9.58 18.71 -18.44
N MET E 70 -8.69 19.39 -19.18
CA MET E 70 -7.26 19.27 -18.91
C MET E 70 -6.93 19.81 -17.52
N VAL E 71 -7.56 20.91 -17.12
CA VAL E 71 -7.29 21.48 -15.81
C VAL E 71 -7.70 20.51 -14.70
N ASP E 72 -8.81 19.80 -14.89
CA ASP E 72 -9.22 18.82 -13.90
C ASP E 72 -8.20 17.69 -13.80
N GLN E 73 -7.68 17.22 -14.94
CA GLN E 73 -6.66 16.19 -14.92
C GLN E 73 -5.40 16.66 -14.21
N MET E 74 -4.99 17.91 -14.48
CA MET E 74 -3.82 18.45 -13.80
C MET E 74 -4.05 18.54 -12.29
N HIS E 75 -5.23 18.99 -11.88
CA HIS E 75 -5.54 19.06 -10.46
C HIS E 75 -5.50 17.69 -9.81
N GLU E 76 -6.08 16.68 -10.48
CA GLU E 76 -6.06 15.34 -9.93
C GLU E 76 -4.64 14.80 -9.82
N ASP E 77 -3.81 15.05 -10.83
CA ASP E 77 -2.42 14.59 -10.79
C ASP E 77 -1.66 15.26 -9.66
N ILE E 78 -1.84 16.57 -9.49
CA ILE E 78 -1.14 17.29 -8.42
C ILE E 78 -1.60 16.78 -7.06
N ILE E 79 -2.90 16.55 -6.91
CA ILE E 79 -3.42 16.06 -5.64
C ILE E 79 -2.84 14.69 -5.32
N SER E 80 -2.82 13.79 -6.31
CA SER E 80 -2.27 12.46 -6.09
C SER E 80 -0.79 12.52 -5.74
N LEU E 81 -0.03 13.37 -6.43
CA LEU E 81 1.40 13.49 -6.13
C LEU E 81 1.61 14.03 -4.72
N TRP E 82 0.84 15.04 -4.33
CA TRP E 82 0.98 15.61 -3.00
C TRP E 82 0.64 14.59 -1.92
N ASP E 83 -0.43 13.81 -2.13
CA ASP E 83 -0.80 12.79 -1.17
C ASP E 83 0.27 11.71 -1.07
N GLN E 84 0.83 11.29 -2.22
CA GLN E 84 1.82 10.23 -2.22
C GLN E 84 3.13 10.69 -1.58
N SER E 85 3.49 11.96 -1.76
CA SER E 85 4.79 12.44 -1.28
C SER E 85 4.91 12.39 0.24
N LEU E 86 3.80 12.46 0.97
CA LEU E 86 3.83 12.52 2.42
C LEU E 86 3.75 11.15 3.08
N LYS E 87 3.66 10.07 2.31
CA LYS E 87 3.53 8.74 2.91
C LYS E 87 4.71 8.35 3.77
N PRO E 88 5.97 8.47 3.32
CA PRO E 88 7.08 7.99 4.16
C PRO E 88 7.47 8.92 5.29
N CYS E 89 7.18 10.21 5.18
CA CYS E 89 7.57 11.16 6.21
C CYS E 89 6.84 10.88 7.51
N VAL E 90 7.49 11.22 8.63
CA VAL E 90 6.92 10.95 9.94
C VAL E 90 5.57 11.65 10.09
N LYS E 91 4.59 10.93 10.60
CA LYS E 91 3.22 11.43 10.72
C LYS E 91 2.93 12.03 12.09
N LEU E 92 3.90 12.03 13.01
CA LEU E 92 3.70 12.54 14.37
C LEU E 92 2.58 11.72 15.02
N THR E 93 1.70 12.36 15.83
CA THR E 93 0.52 11.89 16.56
C THR E 93 0.70 11.96 18.08
N PRO E 94 1.91 11.63 18.69
CA PRO E 94 2.05 11.72 20.15
C PRO E 94 2.47 13.12 20.60
N LEU E 95 1.78 14.15 20.07
CA LEU E 95 2.16 15.53 20.32
C LEU E 95 0.97 16.43 20.68
N CYS E 96 -0.26 15.91 20.63
CA CYS E 96 -1.44 16.70 20.98
C CYS E 96 -1.79 16.60 22.46
N VAL E 97 -0.81 16.31 23.32
CA VAL E 97 -1.03 16.23 24.76
C VAL E 97 -1.29 17.63 25.28
N THR E 98 -1.75 17.72 26.53
CA THR E 98 -2.03 19.02 27.16
C THR E 98 -0.76 19.87 27.22
N LEU E 99 -0.78 21.02 26.55
CA LEU E 99 0.37 21.91 26.51
C LEU E 99 0.18 23.02 27.54
N ILE E 100 1.20 23.25 28.36
CA ILE E 100 1.21 24.34 29.33
C ILE E 100 1.95 25.50 28.68
N CYS E 101 1.21 26.53 28.28
CA CYS E 101 1.74 27.64 27.50
C CYS E 101 1.79 28.91 28.34
N SER E 102 2.86 29.68 28.15
CA SER E 102 3.05 30.96 28.82
C SER E 102 3.52 31.98 27.79
N ASP E 103 3.54 33.25 28.21
CA ASP E 103 3.96 34.32 27.32
C ASP E 103 5.44 34.16 26.97
N ALA E 104 5.76 34.41 25.70
CA ALA E 104 7.12 34.28 25.22
C ALA E 104 7.95 35.45 25.72
N THR E 105 9.10 35.14 26.33
CA THR E 105 10.01 36.15 26.87
C THR E 105 11.43 35.78 26.44
N VAL E 106 11.85 36.29 25.28
CA VAL E 106 13.19 36.02 24.79
C VAL E 106 14.19 36.91 25.51
N LYS E 107 15.47 36.53 25.42
CA LYS E 107 16.53 37.30 26.09
C LYS E 107 16.58 38.74 25.57
N THR E 108 16.32 38.95 24.28
CA THR E 108 16.39 40.28 23.69
C THR E 108 15.13 41.10 23.89
N GLY E 109 14.06 40.50 24.42
CA GLY E 109 12.83 41.24 24.64
C GLY E 109 11.61 40.35 24.79
N THR E 110 10.54 40.67 24.06
CA THR E 110 9.32 39.88 24.09
C THR E 110 8.66 39.92 22.72
N VAL E 111 7.90 38.88 22.41
CA VAL E 111 7.20 38.74 21.14
C VAL E 111 5.76 38.35 21.42
N GLU E 112 4.82 38.98 20.72
CA GLU E 112 3.39 38.74 20.92
C GLU E 112 2.82 37.65 20.04
N GLU E 113 3.53 37.27 18.97
CA GLU E 113 3.02 36.28 18.01
C GLU E 113 3.41 34.85 18.34
N MET E 114 4.08 34.62 19.48
CA MET E 114 4.52 33.28 19.86
C MET E 114 4.23 33.01 21.32
N LYS E 115 4.08 31.73 21.66
CA LYS E 115 3.86 31.29 23.03
C LYS E 115 4.81 30.14 23.35
N ASN E 116 5.31 30.14 24.57
CA ASN E 116 6.31 29.18 25.06
C ASN E 116 5.59 28.02 25.72
N CYS E 117 5.30 26.97 24.94
CA CYS E 117 4.53 25.84 25.43
C CYS E 117 5.46 24.70 25.83
N SER E 118 5.23 24.17 27.03
CA SER E 118 5.98 23.03 27.55
C SER E 118 5.04 21.85 27.71
N PHE E 119 5.56 20.65 27.46
CA PHE E 119 4.77 19.44 27.52
C PHE E 119 5.68 18.23 27.67
N ASN E 120 5.08 17.12 28.08
CA ASN E 120 5.80 15.87 28.27
C ASN E 120 5.83 15.07 26.97
N THR E 121 6.99 14.49 26.67
CA THR E 121 7.17 13.68 25.47
C THR E 121 7.87 12.39 25.84
N THR E 122 7.52 11.33 25.10
CA THR E 122 8.11 10.01 25.32
C THR E 122 9.51 9.96 24.71
N THR E 123 10.46 9.45 25.47
CA THR E 123 11.84 9.33 25.02
C THR E 123 11.98 8.09 24.14
N GLU E 124 13.22 7.68 23.86
CA GLU E 124 13.45 6.46 23.10
C GLU E 124 12.82 5.26 23.78
N ILE E 125 12.72 5.27 25.12
CA ILE E 125 12.01 4.23 25.83
C ILE E 125 10.52 4.33 25.51
N ARG E 126 9.87 3.17 25.33
CA ARG E 126 8.46 3.18 24.98
C ARG E 126 7.61 3.79 26.08
N ASP E 127 7.92 3.49 27.34
CA ASP E 127 7.20 4.05 28.49
C ASP E 127 8.19 4.79 29.37
N LYS E 128 8.43 6.06 29.05
CA LYS E 128 9.22 6.98 29.86
C LYS E 128 9.07 8.38 29.28
N GLU E 129 8.74 9.36 30.12
CA GLU E 129 8.43 10.71 29.67
C GLU E 129 9.39 11.73 30.27
N LYS E 130 9.70 12.75 29.47
CA LYS E 130 10.51 13.88 29.93
C LYS E 130 9.89 15.17 29.42
N LYS E 131 10.15 16.25 30.15
CA LYS E 131 9.61 17.56 29.78
C LYS E 131 10.40 18.16 28.63
N GLU E 132 9.69 18.88 27.76
CA GLU E 132 10.30 19.59 26.65
C GLU E 132 9.53 20.89 26.44
N TYR E 133 10.16 21.83 25.73
CA TYR E 133 9.59 23.14 25.49
C TYR E 133 9.72 23.49 24.02
N ALA E 134 8.84 24.37 23.54
CA ALA E 134 8.91 24.84 22.17
C ALA E 134 8.05 26.10 22.02
N LEU E 135 8.42 26.94 21.07
CA LEU E 135 7.68 28.15 20.76
C LEU E 135 6.72 27.86 19.61
N PHE E 136 5.45 28.23 19.79
CA PHE E 136 4.41 27.98 18.81
C PHE E 136 3.66 29.27 18.49
N TYR E 137 3.29 29.41 17.22
CA TYR E 137 2.54 30.58 16.78
C TYR E 137 1.11 30.52 17.33
N LYS E 138 0.55 31.71 17.60
CA LYS E 138 -0.77 31.79 18.21
C LYS E 138 -1.88 31.14 17.37
N PRO E 139 -1.95 31.32 16.05
CA PRO E 139 -3.07 30.70 15.30
C PRO E 139 -3.11 29.18 15.43
N ASP E 140 -1.98 28.53 15.67
CA ASP E 140 -1.93 27.09 15.88
C ASP E 140 -2.25 26.68 17.31
N ILE E 141 -2.67 27.63 18.16
CA ILE E 141 -2.98 27.37 19.56
C ILE E 141 -4.45 27.72 19.79
N VAL E 142 -5.16 26.81 20.46
CA VAL E 142 -6.59 26.94 20.71
C VAL E 142 -6.86 26.60 22.17
N PRO E 143 -7.77 27.30 22.87
CA PRO E 143 -8.10 26.87 24.24
C PRO E 143 -8.68 25.47 24.26
N LEU E 144 -8.37 24.73 25.33
CA LEU E 144 -8.70 23.32 25.38
C LEU E 144 -10.20 23.09 25.56
N SER E 145 -10.76 23.56 26.67
CA SER E 145 -12.14 23.27 27.05
C SER E 145 -12.82 24.56 27.50
N GLU E 146 -14.14 24.44 27.74
CA GLU E 146 -14.91 25.59 28.19
C GLU E 146 -14.41 26.13 29.52
N THR E 147 -13.82 25.27 30.36
CA THR E 147 -13.25 25.71 31.63
C THR E 147 -12.16 26.74 31.38
N ASN E 148 -12.40 27.98 31.82
CA ASN E 148 -11.50 29.10 31.50
C ASN E 148 -10.25 29.03 32.38
N ASN E 149 -9.39 28.07 32.04
CA ASN E 149 -8.08 27.92 32.65
C ASN E 149 -7.05 28.37 31.62
N THR E 150 -6.54 29.59 31.79
CA THR E 150 -5.70 30.22 30.78
C THR E 150 -4.34 29.55 30.64
N SER E 151 -3.96 28.67 31.56
CA SER E 151 -2.66 28.00 31.50
C SER E 151 -2.66 26.75 30.64
N GLU E 152 -3.82 26.29 30.18
CA GLU E 152 -3.94 25.09 29.37
C GLU E 152 -4.34 25.46 27.95
N TYR E 153 -3.76 24.75 26.97
CA TYR E 153 -4.03 25.00 25.56
C TYR E 153 -3.85 23.70 24.79
N ARG E 154 -4.27 23.72 23.53
CA ARG E 154 -4.15 22.58 22.65
C ARG E 154 -3.91 23.08 21.23
N LEU E 155 -3.23 22.26 20.43
CA LEU E 155 -3.11 22.54 19.01
C LEU E 155 -4.49 22.59 18.37
N ILE E 156 -4.57 23.24 17.21
CA ILE E 156 -5.82 23.31 16.47
C ILE E 156 -5.92 22.03 15.65
N ASN E 157 -6.29 20.94 16.31
CA ASN E 157 -6.30 19.60 15.71
C ASN E 157 -7.13 18.70 16.62
N CYS E 158 -7.31 17.46 16.18
CA CYS E 158 -8.07 16.40 16.84
C CYS E 158 -9.57 16.61 16.76
N ASN E 159 -10.05 17.71 16.16
CA ASN E 159 -11.47 17.93 15.92
C ASN E 159 -11.89 17.67 14.48
N THR E 160 -10.94 17.71 13.54
CA THR E 160 -11.20 17.47 12.13
C THR E 160 -10.53 16.19 11.63
N SER E 161 -9.23 16.05 11.81
CA SER E 161 -8.50 14.87 11.35
C SER E 161 -7.10 14.93 11.96
N ALA E 162 -6.29 13.92 11.65
CA ALA E 162 -4.93 13.82 12.13
C ALA E 162 -4.02 14.72 11.27
N CYS E 163 -2.71 14.60 11.46
CA CYS E 163 -1.74 15.44 10.78
C CYS E 163 -0.51 14.62 10.44
N THR E 164 0.32 15.17 9.55
CA THR E 164 1.58 14.55 9.17
C THR E 164 2.60 15.63 8.86
N GLN E 165 3.87 15.33 9.17
CA GLN E 165 4.96 16.27 8.94
C GLN E 165 5.63 15.96 7.61
N ALA E 166 5.80 17.00 6.80
CA ALA E 166 6.50 16.84 5.52
C ALA E 166 7.98 16.57 5.76
N CYS E 167 8.59 15.82 4.84
CA CYS E 167 10.00 15.54 4.95
C CYS E 167 10.81 16.82 4.81
N PRO E 168 12.00 16.91 5.44
CA PRO E 168 12.78 18.15 5.35
C PRO E 168 13.60 18.24 4.06
N LYS E 169 13.97 17.09 3.51
CA LYS E 169 14.84 17.06 2.33
C LYS E 169 14.10 17.33 1.03
N VAL E 170 12.77 17.44 1.06
CA VAL E 170 11.98 17.72 -0.14
C VAL E 170 11.54 19.18 -0.09
N THR E 171 11.69 19.87 -1.21
CA THR E 171 11.37 21.29 -1.32
C THR E 171 10.10 21.48 -2.13
N PHE E 172 9.49 22.66 -1.97
CA PHE E 172 8.25 23.02 -2.64
C PHE E 172 8.48 24.01 -3.78
N GLU E 173 9.70 24.11 -4.29
CA GLU E 173 10.00 25.07 -5.35
C GLU E 173 9.23 24.68 -6.62
N PRO E 174 8.62 25.63 -7.34
CA PRO E 174 7.87 25.27 -8.55
C PRO E 174 8.80 25.06 -9.74
N ILE E 175 8.87 23.82 -10.20
CA ILE E 175 9.65 23.46 -11.38
C ILE E 175 8.71 23.44 -12.58
N PRO E 176 9.05 24.08 -13.70
CA PRO E 176 8.15 24.05 -14.86
C PRO E 176 7.93 22.63 -15.36
N ILE E 177 6.70 22.35 -15.79
CA ILE E 177 6.29 21.04 -16.29
C ILE E 177 5.73 21.22 -17.69
N HIS E 178 6.22 20.40 -18.63
CA HIS E 178 5.74 20.39 -20.00
C HIS E 178 4.70 19.28 -20.15
N TYR E 179 3.45 19.65 -20.38
CA TYR E 179 2.40 18.67 -20.64
C TYR E 179 2.39 18.31 -22.11
N CYS E 180 2.74 17.07 -22.42
CA CYS E 180 2.79 16.56 -23.77
C CYS E 180 1.64 15.58 -24.00
N ALA E 181 1.25 15.42 -25.28
CA ALA E 181 0.16 14.53 -25.63
C ALA E 181 0.70 13.17 -26.09
N PRO E 182 -0.07 12.10 -25.92
CA PRO E 182 0.37 10.79 -26.41
C PRO E 182 0.21 10.68 -27.92
N ALA E 183 0.86 9.67 -28.48
CA ALA E 183 0.73 9.41 -29.90
C ALA E 183 -0.71 9.05 -30.24
N GLY E 184 -1.13 9.45 -31.45
CA GLY E 184 -2.51 9.34 -31.86
C GLY E 184 -3.36 10.55 -31.53
N TYR E 185 -2.81 11.51 -30.77
CA TYR E 185 -3.50 12.76 -30.47
C TYR E 185 -2.55 13.91 -30.78
N ALA E 186 -3.15 15.08 -31.01
CA ALA E 186 -2.41 16.28 -31.38
C ALA E 186 -2.84 17.45 -30.50
N ILE E 187 -1.90 18.37 -30.28
CA ILE E 187 -2.12 19.57 -29.49
C ILE E 187 -2.17 20.76 -30.45
N LEU E 188 -3.30 21.46 -30.46
CA LEU E 188 -3.49 22.66 -31.26
C LEU E 188 -3.39 23.88 -30.36
N LYS E 189 -2.71 24.92 -30.86
CA LYS E 189 -2.41 26.11 -30.09
C LYS E 189 -2.96 27.33 -30.83
N CYS E 190 -3.72 28.15 -30.12
CA CYS E 190 -4.24 29.40 -30.68
C CYS E 190 -3.14 30.46 -30.57
N ASN E 191 -2.56 30.83 -31.71
CA ASN E 191 -1.45 31.79 -31.72
C ASN E 191 -1.91 33.23 -31.56
N ASP E 192 -3.20 33.50 -31.70
CA ASP E 192 -3.69 34.88 -31.57
C ASP E 192 -3.50 35.37 -30.14
N GLU E 193 -2.83 36.51 -29.98
CA GLU E 193 -2.58 37.08 -28.66
C GLU E 193 -3.74 37.94 -28.17
N THR E 194 -4.70 38.27 -29.03
CA THR E 194 -5.87 39.07 -28.64
C THR E 194 -7.10 38.20 -28.44
N PHE E 195 -6.92 36.93 -28.09
CA PHE E 195 -8.04 36.01 -27.93
C PHE E 195 -8.75 36.30 -26.62
N ASN E 196 -10.07 36.46 -26.68
CA ASN E 196 -10.85 36.78 -25.49
C ASN E 196 -11.00 35.62 -24.52
N GLY E 197 -10.79 34.38 -24.99
CA GLY E 197 -10.95 33.18 -24.18
C GLY E 197 -11.94 32.19 -24.77
N THR E 198 -13.01 32.68 -25.40
CA THR E 198 -13.99 31.85 -26.08
C THR E 198 -14.20 32.39 -27.48
N GLY E 199 -14.01 31.53 -28.48
CA GLY E 199 -14.17 31.91 -29.87
C GLY E 199 -13.09 31.30 -30.75
N PRO E 200 -13.21 31.52 -32.06
CA PRO E 200 -12.23 30.95 -33.00
C PRO E 200 -10.94 31.75 -33.05
N CYS E 201 -9.91 31.11 -33.60
CA CYS E 201 -8.62 31.73 -33.83
C CYS E 201 -8.25 31.56 -35.29
N SER E 202 -7.83 32.64 -35.93
CA SER E 202 -7.48 32.63 -37.35
C SER E 202 -6.04 32.17 -37.61
N ASN E 203 -5.26 31.90 -36.56
CA ASN E 203 -3.89 31.43 -36.69
C ASN E 203 -3.68 30.34 -35.65
N VAL E 204 -3.82 29.09 -36.09
CA VAL E 204 -3.72 27.92 -35.22
C VAL E 204 -2.50 27.11 -35.63
N SER E 205 -1.67 26.77 -34.65
CA SER E 205 -0.47 25.97 -34.86
C SER E 205 -0.63 24.61 -34.20
N THR E 206 0.31 23.72 -34.49
CA THR E 206 0.37 22.40 -33.88
C THR E 206 1.67 22.28 -33.09
N VAL E 207 1.56 21.74 -31.88
CA VAL E 207 2.69 21.66 -30.96
C VAL E 207 2.82 20.22 -30.45
N GLN E 208 4.07 19.80 -30.25
CA GLN E 208 4.32 18.48 -29.67
C GLN E 208 4.01 18.49 -28.18
N CYS E 209 4.74 19.30 -27.41
CA CYS E 209 4.54 19.44 -25.98
C CYS E 209 4.37 20.91 -25.63
N THR E 210 3.62 21.17 -24.57
CA THR E 210 3.38 22.54 -24.13
C THR E 210 4.62 23.13 -23.48
N HIS E 211 4.60 24.45 -23.28
CA HIS E 211 5.72 25.14 -22.68
C HIS E 211 5.70 24.95 -21.16
N GLY E 212 6.59 25.63 -20.45
CA GLY E 212 6.68 25.45 -19.02
C GLY E 212 5.45 25.97 -18.31
N ILE E 213 5.01 25.23 -17.29
CA ILE E 213 3.85 25.58 -16.47
C ILE E 213 4.29 25.51 -15.02
N ARG E 214 4.09 26.60 -14.28
CA ARG E 214 4.52 26.69 -12.90
C ARG E 214 3.37 26.23 -11.99
N PRO E 215 3.50 25.09 -11.27
CA PRO E 215 2.43 24.73 -10.32
C PRO E 215 2.50 25.52 -9.02
N VAL E 216 2.03 26.76 -9.08
CA VAL E 216 2.08 27.67 -7.96
C VAL E 216 0.73 27.66 -7.25
N VAL E 217 0.72 28.16 -6.01
CA VAL E 217 -0.48 28.23 -5.19
C VAL E 217 -0.68 29.67 -4.76
N SER E 218 -1.86 30.23 -5.06
CA SER E 218 -2.19 31.59 -4.67
C SER E 218 -3.69 31.74 -4.74
N THR E 219 -4.20 32.78 -4.06
CA THR E 219 -5.63 33.06 -3.97
C THR E 219 -6.03 34.36 -4.65
N GLN E 220 -5.40 35.48 -4.28
CA GLN E 220 -5.76 36.77 -4.84
C GLN E 220 -4.99 37.10 -6.12
N LEU E 221 -3.66 37.01 -6.08
CA LEU E 221 -2.79 37.38 -7.17
C LEU E 221 -2.10 36.15 -7.74
N LEU E 222 -1.50 36.33 -8.91
CA LEU E 222 -0.72 35.28 -9.58
C LEU E 222 0.76 35.62 -9.49
N LEU E 223 1.56 34.62 -9.11
CA LEU E 223 2.98 34.80 -8.93
C LEU E 223 3.67 34.71 -10.30
N ASN E 224 5.00 34.60 -10.31
CA ASN E 224 5.77 34.57 -11.56
C ASN E 224 5.27 33.47 -12.48
N GLY E 225 5.17 33.79 -13.76
CA GLY E 225 4.70 32.85 -14.75
C GLY E 225 4.70 33.43 -16.16
N SER E 226 3.61 33.23 -16.89
CA SER E 226 3.53 33.71 -18.25
C SER E 226 3.32 35.23 -18.29
N LEU E 227 3.51 35.80 -19.46
CA LEU E 227 3.33 37.24 -19.68
C LEU E 227 2.51 37.44 -20.95
N ALA E 228 1.75 38.54 -20.97
CA ALA E 228 0.99 38.89 -22.16
C ALA E 228 1.93 39.35 -23.27
N GLU E 229 1.47 39.16 -24.51
CA GLU E 229 2.30 39.45 -25.68
C GLU E 229 2.21 40.91 -26.11
N LYS E 230 0.99 41.43 -26.26
CA LYS E 230 0.77 42.76 -26.81
C LYS E 230 0.21 43.73 -25.76
N GLU E 231 -0.90 43.38 -25.12
CA GLU E 231 -1.53 44.29 -24.17
C GLU E 231 -2.44 43.49 -23.25
N ILE E 232 -3.01 44.19 -22.26
CA ILE E 232 -3.81 43.53 -21.24
C ILE E 232 -5.06 42.92 -21.86
N VAL E 233 -5.40 41.71 -21.42
CA VAL E 233 -6.56 40.98 -21.90
C VAL E 233 -7.38 40.53 -20.70
N ILE E 234 -8.70 40.65 -20.81
CA ILE E 234 -9.63 40.30 -19.74
C ILE E 234 -10.40 39.05 -20.18
N ARG E 235 -10.43 38.05 -19.30
CA ARG E 235 -11.12 36.79 -19.55
C ARG E 235 -12.14 36.55 -18.46
N SER E 236 -13.36 36.20 -18.85
CA SER E 236 -14.42 35.93 -17.90
C SER E 236 -15.44 34.99 -18.55
N GLU E 237 -16.05 34.14 -17.72
CA GLU E 237 -17.05 33.20 -18.23
C GLU E 237 -18.28 33.95 -18.73
N ASN E 238 -18.77 34.90 -17.94
CA ASN E 238 -19.90 35.72 -18.34
C ASN E 238 -20.03 36.89 -17.38
N LEU E 239 -20.26 38.08 -17.91
CA LEU E 239 -20.42 39.28 -17.10
C LEU E 239 -21.83 39.46 -16.57
N THR E 240 -22.80 38.68 -17.05
CA THR E 240 -24.15 38.78 -16.52
C THR E 240 -24.21 38.40 -15.05
N ASN E 241 -23.49 37.35 -14.67
CA ASN E 241 -23.43 36.88 -13.30
C ASN E 241 -22.19 37.44 -12.61
N ASN E 242 -22.40 38.05 -11.44
CA ASN E 242 -21.30 38.66 -10.70
C ASN E 242 -20.49 37.66 -9.90
N ALA E 243 -20.99 36.44 -9.70
CA ALA E 243 -20.28 35.46 -8.89
C ALA E 243 -19.07 34.87 -9.60
N LYS E 244 -18.98 34.98 -10.93
CA LYS E 244 -17.87 34.41 -11.66
C LYS E 244 -16.59 35.18 -11.40
N ILE E 245 -15.46 34.50 -11.54
CA ILE E 245 -14.14 35.07 -11.26
C ILE E 245 -13.57 35.66 -12.55
N ILE E 246 -13.10 36.90 -12.48
CA ILE E 246 -12.50 37.58 -13.61
C ILE E 246 -10.98 37.50 -13.47
N ILE E 247 -10.33 36.98 -14.51
CA ILE E 247 -8.87 36.87 -14.55
C ILE E 247 -8.33 37.98 -15.46
N VAL E 248 -7.39 38.77 -14.93
CA VAL E 248 -6.81 39.89 -15.65
C VAL E 248 -5.32 39.62 -15.82
N HIS E 249 -4.83 39.74 -17.06
CA HIS E 249 -3.42 39.56 -17.36
C HIS E 249 -2.71 40.91 -17.33
N LEU E 250 -1.40 40.88 -17.52
CA LEU E 250 -0.56 42.08 -17.45
C LEU E 250 0.40 42.10 -18.64
N HIS E 251 0.61 43.29 -19.19
CA HIS E 251 1.58 43.45 -20.28
C HIS E 251 3.02 43.43 -19.75
N THR E 252 3.24 43.97 -18.56
CA THR E 252 4.56 43.98 -17.92
C THR E 252 4.42 43.50 -16.48
N PRO E 253 5.46 42.91 -15.91
CA PRO E 253 5.37 42.40 -14.54
C PRO E 253 5.50 43.51 -13.51
N VAL E 254 5.18 43.18 -12.27
CA VAL E 254 5.33 44.09 -11.13
C VAL E 254 6.19 43.39 -10.09
N GLU E 255 7.32 43.98 -9.73
CA GLU E 255 8.20 43.37 -8.74
C GLU E 255 7.57 43.42 -7.35
N ILE E 256 7.87 42.40 -6.55
CA ILE E 256 7.39 42.31 -5.17
C ILE E 256 8.46 41.59 -4.36
N VAL E 257 8.71 42.07 -3.15
CA VAL E 257 9.75 41.49 -2.30
C VAL E 257 9.28 41.49 -0.86
N CYS E 258 9.38 40.33 -0.19
CA CYS E 258 8.92 40.17 1.19
C CYS E 258 9.99 39.41 1.98
N THR E 259 9.99 39.64 3.30
CA THR E 259 11.05 39.08 4.13
C THR E 259 10.58 38.96 5.58
N ARG E 260 11.34 38.16 6.34
CA ARG E 260 11.10 37.92 7.75
C ARG E 260 12.45 37.94 8.45
N PRO E 261 12.88 39.07 9.03
CA PRO E 261 14.23 39.16 9.60
C PRO E 261 14.41 38.55 10.97
N ASN E 262 13.46 37.73 11.45
CA ASN E 262 13.53 37.27 12.84
C ASN E 262 14.77 36.42 13.10
N ASN E 263 15.26 35.71 12.08
CA ASN E 263 16.45 34.88 12.22
C ASN E 263 16.22 33.77 13.25
N ASN E 264 15.23 32.93 13.01
CA ASN E 264 14.88 31.85 13.93
C ASN E 264 15.92 30.75 13.88
N THR E 265 15.88 29.84 14.87
CA THR E 265 16.75 28.67 14.91
C THR E 265 15.91 27.46 15.26
N ARG E 266 16.41 26.29 14.87
CA ARG E 266 15.68 25.04 15.01
C ARG E 266 16.19 24.22 16.18
N LYS E 267 15.28 23.47 16.80
CA LYS E 267 15.61 22.47 17.81
C LYS E 267 15.49 21.07 17.20
N SER E 268 15.80 20.06 18.01
CA SER E 268 15.73 18.67 17.56
C SER E 268 15.19 17.83 18.71
N VAL E 269 13.91 17.46 18.63
CA VAL E 269 13.24 16.62 19.62
C VAL E 269 12.99 15.28 18.97
N ARG E 270 13.53 14.22 19.57
CA ARG E 270 13.40 12.86 19.06
C ARG E 270 12.30 12.14 19.82
N ILE E 271 11.27 11.69 19.10
CA ILE E 271 10.16 10.95 19.66
C ILE E 271 9.99 9.67 18.85
N GLY E 272 9.87 8.54 19.54
CA GLY E 272 9.71 7.26 18.87
C GLY E 272 11.02 6.74 18.31
N PRO E 273 10.96 5.61 17.60
CA PRO E 273 12.18 4.99 17.07
C PRO E 273 12.62 5.64 15.77
N GLY E 274 13.75 6.36 15.82
CA GLY E 274 14.38 6.87 14.62
C GLY E 274 13.56 7.87 13.85
N GLN E 275 12.89 8.80 14.53
CA GLN E 275 12.15 9.87 13.88
C GLN E 275 12.09 11.07 14.81
N THR E 276 12.36 12.25 14.26
CA THR E 276 12.48 13.48 15.02
C THR E 276 11.46 14.51 14.54
N PHE E 277 11.10 15.42 15.45
CA PHE E 277 10.19 16.52 15.17
C PHE E 277 10.91 17.84 15.41
N TYR E 278 10.88 18.71 14.41
CA TYR E 278 11.56 20.00 14.50
C TYR E 278 10.60 21.09 14.96
N ALA E 279 11.14 22.06 15.69
CA ALA E 279 10.35 23.17 16.19
C ALA E 279 11.27 24.35 16.46
N THR E 280 10.67 25.54 16.49
CA THR E 280 11.43 26.76 16.75
C THR E 280 11.73 26.89 18.24
N GLY E 281 12.98 27.17 18.55
CA GLY E 281 13.42 27.33 19.94
C GLY E 281 13.65 28.79 20.30
N ASP E 282 14.88 29.13 20.63
CA ASP E 282 15.23 30.50 20.99
C ASP E 282 15.29 31.38 19.74
N ILE E 283 15.29 32.69 19.98
CA ILE E 283 15.43 33.69 18.92
C ILE E 283 16.59 34.59 19.30
N ILE E 284 17.54 34.75 18.38
CA ILE E 284 18.74 35.56 18.59
C ILE E 284 18.63 36.78 17.69
N GLY E 285 18.81 37.96 18.27
CA GLY E 285 18.69 39.23 17.58
C GLY E 285 17.41 39.96 17.98
N ASP E 286 17.35 41.22 17.56
CA ASP E 286 16.21 42.06 17.89
C ASP E 286 14.95 41.56 17.20
N ILE E 287 13.83 41.67 17.88
CA ILE E 287 12.54 41.20 17.37
C ILE E 287 12.00 42.25 16.41
N LYS E 288 11.63 41.81 15.21
CA LYS E 288 11.07 42.67 14.18
C LYS E 288 9.89 41.95 13.54
N GLN E 289 9.26 42.62 12.57
CA GLN E 289 8.05 42.13 11.93
C GLN E 289 8.33 41.83 10.46
N ALA E 290 7.83 40.69 10.00
CA ALA E 290 7.91 40.37 8.58
C ALA E 290 7.07 41.35 7.78
N HIS E 291 7.47 41.59 6.54
CA HIS E 291 6.80 42.60 5.73
C HIS E 291 6.92 42.25 4.26
N CYS E 292 6.10 42.93 3.46
CA CYS E 292 6.10 42.81 2.01
C CYS E 292 6.15 44.20 1.39
N ASN E 293 6.73 44.27 0.20
CA ASN E 293 7.07 45.53 -0.47
C ASN E 293 6.63 45.47 -1.92
N ILE E 294 5.90 46.49 -2.37
CA ILE E 294 5.53 46.66 -3.78
C ILE E 294 5.83 48.10 -4.16
N SER E 295 6.08 48.33 -5.45
CA SER E 295 6.27 49.69 -5.96
C SER E 295 4.92 50.36 -6.18
N GLU E 296 4.85 51.65 -5.85
CA GLU E 296 3.58 52.36 -5.88
C GLU E 296 3.23 52.85 -7.28
N GLU E 297 4.18 53.51 -7.94
CA GLU E 297 3.90 54.08 -9.26
C GLU E 297 3.55 53.01 -10.28
N LYS E 298 4.30 51.90 -10.27
CA LYS E 298 4.01 50.81 -11.20
C LYS E 298 2.63 50.22 -10.94
N TRP E 299 2.29 50.02 -9.67
CA TRP E 299 0.98 49.48 -9.33
C TRP E 299 -0.13 50.42 -9.77
N ASN E 300 0.05 51.72 -9.56
CA ASN E 300 -0.98 52.68 -9.97
C ASN E 300 -1.13 52.70 -11.49
N ASP E 301 -0.01 52.66 -12.21
CA ASP E 301 -0.09 52.64 -13.68
C ASP E 301 -0.79 51.38 -14.16
N THR E 302 -0.48 50.22 -13.57
CA THR E 302 -1.15 48.99 -13.94
C THR E 302 -2.64 49.07 -13.64
N LEU E 303 -3.00 49.63 -12.48
CA LEU E 303 -4.41 49.76 -12.14
C LEU E 303 -5.15 50.65 -13.12
N GLN E 304 -4.52 51.77 -13.52
CA GLN E 304 -5.16 52.65 -14.49
C GLN E 304 -5.29 51.96 -15.85
N LYS E 305 -4.28 51.20 -16.26
CA LYS E 305 -4.37 50.47 -17.54
C LYS E 305 -5.52 49.47 -17.50
N VAL E 306 -5.62 48.71 -16.40
CA VAL E 306 -6.72 47.76 -16.26
C VAL E 306 -8.05 48.48 -16.24
N GLY E 307 -8.11 49.67 -15.62
CA GLY E 307 -9.35 50.41 -15.59
C GLY E 307 -9.80 50.86 -16.96
N ILE E 308 -8.88 51.42 -17.74
CA ILE E 308 -9.25 51.86 -19.09
C ILE E 308 -9.63 50.67 -19.95
N GLU E 309 -8.96 49.53 -19.77
CA GLU E 309 -9.35 48.33 -20.49
C GLU E 309 -10.73 47.83 -20.07
N LEU E 310 -11.09 48.00 -18.80
CA LEU E 310 -12.41 47.60 -18.32
C LEU E 310 -13.49 48.62 -18.66
N GLN E 311 -13.13 49.85 -19.03
CA GLN E 311 -14.12 50.86 -19.36
C GLN E 311 -14.91 50.50 -20.60
N LYS E 312 -14.36 49.65 -21.48
CA LYS E 312 -15.07 49.28 -22.69
C LYS E 312 -16.33 48.49 -22.37
N HIS E 313 -16.25 47.58 -21.40
CA HIS E 313 -17.41 46.78 -21.03
C HIS E 313 -18.41 47.57 -20.19
N PHE E 314 -17.93 48.56 -19.44
CA PHE E 314 -18.78 49.38 -18.56
C PHE E 314 -18.49 50.85 -18.83
N PRO E 315 -18.83 51.35 -20.01
CA PRO E 315 -18.54 52.77 -20.31
C PRO E 315 -19.39 53.74 -19.52
N ASN E 316 -20.59 53.33 -19.09
CA ASN E 316 -21.50 54.23 -18.40
C ASN E 316 -21.19 54.36 -16.91
N LYS E 317 -20.25 53.60 -16.38
CA LYS E 317 -19.92 53.60 -14.96
C LYS E 317 -18.43 53.80 -14.76
N THR E 318 -18.08 54.45 -13.66
CA THR E 318 -16.69 54.60 -13.27
C THR E 318 -16.21 53.31 -12.62
N ILE E 319 -14.97 53.33 -12.10
CA ILE E 319 -14.34 52.15 -11.53
C ILE E 319 -13.87 52.49 -10.12
N LYS E 320 -14.06 51.53 -9.20
CA LYS E 320 -13.63 51.70 -7.82
C LYS E 320 -13.20 50.34 -7.29
N TYR E 321 -12.32 50.36 -6.29
CA TYR E 321 -11.85 49.14 -5.63
C TYR E 321 -12.11 49.24 -4.13
N ASN E 322 -12.41 48.09 -3.52
CA ASN E 322 -12.80 48.03 -2.12
C ASN E 322 -12.12 46.84 -1.47
N GLN E 323 -12.12 46.84 -0.13
CA GLN E 323 -11.49 45.78 0.63
C GLN E 323 -12.23 44.45 0.40
N SER E 324 -11.50 43.36 0.59
CA SER E 324 -12.05 42.03 0.37
C SER E 324 -13.20 41.76 1.34
N ALA E 325 -13.90 40.64 1.10
CA ALA E 325 -15.05 40.30 1.92
C ALA E 325 -14.67 40.05 3.37
N GLY E 326 -13.56 39.35 3.60
CA GLY E 326 -13.10 39.04 4.94
C GLY E 326 -13.42 37.62 5.36
N GLY E 327 -13.68 37.41 6.64
CA GLY E 327 -13.98 36.09 7.16
C GLY E 327 -12.76 35.35 7.65
N ASP E 328 -12.61 34.09 7.25
CA ASP E 328 -11.47 33.29 7.69
C ASP E 328 -10.18 33.83 7.07
N MET E 329 -9.07 33.56 7.77
CA MET E 329 -7.77 34.03 7.29
C MET E 329 -7.42 33.43 5.94
N GLU E 330 -7.68 32.13 5.76
CA GLU E 330 -7.30 31.44 4.54
C GLU E 330 -8.09 31.92 3.32
N ILE E 331 -9.21 32.60 3.52
CA ILE E 331 -10.08 33.03 2.43
C ILE E 331 -9.73 34.43 1.94
N THR E 332 -9.72 35.41 2.85
CA THR E 332 -9.56 36.80 2.47
C THR E 332 -8.11 37.25 2.35
N THR E 333 -7.16 36.46 2.85
CA THR E 333 -5.76 36.84 2.89
C THR E 333 -4.99 36.25 1.71
N HIS E 334 -4.01 37.00 1.23
CA HIS E 334 -3.11 36.54 0.18
C HIS E 334 -2.19 35.49 0.76
N SER E 335 -2.48 34.22 0.47
CA SER E 335 -1.73 33.10 1.02
C SER E 335 -0.79 32.54 -0.05
N PHE E 336 0.49 32.41 0.29
CA PHE E 336 1.46 31.85 -0.65
C PHE E 336 2.58 31.20 0.16
N ASN E 337 3.58 30.66 -0.56
CA ASN E 337 4.67 29.92 0.04
C ASN E 337 5.99 30.40 -0.52
N CYS E 338 7.03 30.36 0.33
CA CYS E 338 8.38 30.75 -0.07
C CYS E 338 9.36 29.99 0.82
N GLY E 339 10.21 29.17 0.20
CA GLY E 339 11.22 28.45 0.94
C GLY E 339 10.68 27.54 2.03
N GLY E 340 9.48 27.00 1.82
CA GLY E 340 8.85 26.17 2.82
C GLY E 340 8.10 26.91 3.91
N GLU E 341 8.11 28.24 3.89
CA GLU E 341 7.40 29.06 4.86
C GLU E 341 6.16 29.64 4.20
N PHE E 342 5.01 29.50 4.87
CA PHE E 342 3.73 29.95 4.32
C PHE E 342 3.41 31.33 4.87
N PHE E 343 3.21 32.29 3.97
CA PHE E 343 2.94 33.67 4.32
C PHE E 343 1.49 34.02 3.99
N TYR E 344 0.84 34.74 4.90
CA TYR E 344 -0.52 35.23 4.72
C TYR E 344 -0.47 36.76 4.86
N CYS E 345 -0.59 37.45 3.73
CA CYS E 345 -0.53 38.90 3.68
C CYS E 345 -1.92 39.50 3.60
N ASN E 346 -2.03 40.77 4.01
CA ASN E 346 -3.26 41.53 3.96
C ASN E 346 -3.17 42.56 2.83
N THR E 347 -4.20 42.59 1.98
CA THR E 347 -4.24 43.47 0.82
C THR E 347 -5.16 44.67 1.03
N SER E 348 -5.49 45.01 2.28
CA SER E 348 -6.37 46.14 2.54
C SER E 348 -5.75 47.44 2.06
N ASN E 349 -4.44 47.62 2.25
CA ASN E 349 -3.75 48.85 1.88
C ASN E 349 -3.50 48.94 0.37
N LEU E 350 -3.72 47.86 -0.39
CA LEU E 350 -3.45 47.83 -1.81
C LEU E 350 -4.67 48.17 -2.66
N PHE E 351 -5.78 47.45 -2.46
CA PHE E 351 -7.00 47.67 -3.24
C PHE E 351 -7.82 48.78 -2.58
N ASN E 352 -7.40 50.02 -2.83
CA ASN E 352 -8.12 51.19 -2.34
C ASN E 352 -7.87 52.33 -3.33
N GLY E 353 -8.82 52.53 -4.24
CA GLY E 353 -8.68 53.59 -5.22
C GLY E 353 -9.89 53.65 -6.12
N THR E 354 -9.85 54.61 -7.04
CA THR E 354 -10.94 54.82 -7.98
C THR E 354 -10.38 55.45 -9.25
N TYR E 355 -11.17 55.38 -10.31
CA TYR E 355 -10.77 55.89 -11.62
C TYR E 355 -12.03 56.22 -12.39
N ASN E 356 -12.10 57.45 -12.91
CA ASN E 356 -13.26 57.95 -13.65
C ASN E 356 -12.95 58.26 -15.10
N GLY E 357 -11.96 57.59 -15.68
CA GLY E 357 -11.57 57.83 -17.05
C GLY E 357 -10.53 58.92 -17.24
N THR E 358 -10.16 59.64 -16.18
CA THR E 358 -9.18 60.71 -16.27
C THR E 358 -7.79 60.11 -16.04
N TYR E 359 -7.07 59.88 -17.14
CA TYR E 359 -5.72 59.32 -17.04
C TYR E 359 -4.78 60.32 -16.40
N ILE E 360 -3.93 59.83 -15.50
CA ILE E 360 -2.94 60.64 -14.80
C ILE E 360 -1.56 60.10 -15.14
N SER E 361 -0.68 60.97 -15.63
CA SER E 361 0.66 60.56 -16.00
C SER E 361 1.55 60.48 -14.77
N THR E 362 2.36 59.42 -14.70
CA THR E 362 3.29 59.19 -13.61
C THR E 362 4.74 59.31 -14.06
N ASN E 363 5.00 60.16 -15.06
CA ASN E 363 6.34 60.35 -15.60
C ASN E 363 7.15 61.37 -14.82
N SER E 364 6.57 62.02 -13.80
CA SER E 364 7.30 63.01 -13.02
C SER E 364 8.51 62.39 -12.33
N SER E 365 8.31 61.22 -11.71
CA SER E 365 9.38 60.53 -11.00
C SER E 365 10.01 61.43 -9.94
N ALA E 366 9.16 62.12 -9.18
CA ALA E 366 9.66 63.01 -8.14
C ALA E 366 10.43 62.25 -7.07
N ASN E 367 9.92 61.09 -6.67
CA ASN E 367 10.57 60.24 -5.66
C ASN E 367 10.46 58.80 -6.15
N SER E 368 11.53 58.31 -6.78
CA SER E 368 11.55 56.96 -7.31
C SER E 368 11.61 55.91 -6.22
N THR E 369 11.93 56.28 -4.98
CA THR E 369 12.05 55.33 -3.87
C THR E 369 10.73 55.11 -3.15
N SER E 370 9.64 55.76 -3.58
CA SER E 370 8.35 55.54 -2.93
C SER E 370 7.89 54.10 -3.13
N THR E 371 7.26 53.56 -2.09
CA THR E 371 6.82 52.16 -2.13
C THR E 371 5.66 51.98 -1.16
N ILE E 372 4.96 50.86 -1.31
CA ILE E 372 3.85 50.49 -0.44
C ILE E 372 4.23 49.22 0.30
N THR E 373 3.98 49.22 1.60
CA THR E 373 4.38 48.15 2.50
C THR E 373 3.14 47.47 3.07
N LEU E 374 3.25 46.16 3.27
CA LEU E 374 2.17 45.34 3.82
C LEU E 374 2.71 44.49 4.96
N GLN E 375 1.88 44.26 5.97
CA GLN E 375 2.21 43.40 7.10
C GLN E 375 1.57 42.03 6.91
N CYS E 376 2.30 40.98 7.26
CA CYS E 376 1.91 39.61 6.99
C CYS E 376 2.12 38.74 8.23
N ARG E 377 1.38 37.63 8.27
CA ARG E 377 1.46 36.64 9.33
C ARG E 377 1.99 35.31 8.75
N ILE E 378 2.36 34.42 9.67
CA ILE E 378 2.97 33.14 9.33
C ILE E 378 2.22 32.03 10.05
N LYS E 379 2.02 30.91 9.36
CA LYS E 379 1.39 29.72 9.92
C LYS E 379 2.21 28.50 9.58
N GLN E 380 2.15 27.50 10.46
CA GLN E 380 2.79 26.21 10.25
C GLN E 380 1.80 25.12 9.85
N ILE E 381 0.69 24.99 10.58
CA ILE E 381 -0.36 24.05 10.19
C ILE E 381 -1.06 24.59 8.95
N ILE E 382 -1.17 23.76 7.93
CA ILE E 382 -1.74 24.14 6.64
C ILE E 382 -2.78 23.13 6.22
N ASN E 383 -3.91 23.62 5.72
CA ASN E 383 -4.97 22.80 5.12
C ASN E 383 -5.06 23.25 3.66
N MET E 384 -4.23 22.63 2.81
CA MET E 384 -4.12 23.08 1.42
C MET E 384 -5.42 22.84 0.66
N TRP E 385 -5.98 21.64 0.76
CA TRP E 385 -7.19 21.27 0.06
C TRP E 385 -8.11 20.50 1.01
N GLN E 386 -9.24 20.06 0.48
CA GLN E 386 -10.28 19.41 1.27
C GLN E 386 -10.31 17.92 0.98
N GLY E 387 -10.36 17.12 2.04
CA GLY E 387 -10.48 15.68 1.90
C GLY E 387 -9.29 15.03 1.21
N VAL E 388 -8.09 15.49 1.53
CA VAL E 388 -6.85 14.92 0.99
C VAL E 388 -5.90 14.62 2.14
N GLY E 389 -6.42 14.61 3.37
CA GLY E 389 -5.55 14.70 4.53
C GLY E 389 -4.98 16.10 4.60
N ARG E 390 -5.88 17.06 4.87
CA ARG E 390 -5.55 18.46 4.67
C ARG E 390 -4.42 18.92 5.59
N CYS E 391 -4.42 18.48 6.84
CA CYS E 391 -3.45 18.99 7.80
C CYS E 391 -2.03 18.62 7.38
N MET E 392 -1.15 19.61 7.39
CA MET E 392 0.26 19.40 7.08
C MET E 392 1.09 20.37 7.92
N TYR E 393 2.26 19.92 8.34
CA TYR E 393 3.17 20.70 9.17
C TYR E 393 4.38 21.12 8.35
N ALA E 394 4.68 22.42 8.34
CA ALA E 394 5.82 22.95 7.62
C ALA E 394 6.96 23.21 8.58
N PRO E 395 8.09 22.50 8.50
CA PRO E 395 9.17 22.73 9.48
C PRO E 395 9.81 24.10 9.29
N PRO E 396 10.41 24.67 10.32
CA PRO E 396 11.02 26.00 10.20
C PRO E 396 12.36 25.92 9.47
N ILE E 397 12.92 27.10 9.19
CA ILE E 397 14.20 27.23 8.51
C ILE E 397 15.02 28.29 9.22
N ALA E 398 16.32 28.02 9.40
CA ALA E 398 17.20 28.96 10.05
C ALA E 398 17.54 30.13 9.12
N GLY E 399 17.96 31.24 9.72
CA GLY E 399 18.29 32.42 8.97
C GLY E 399 17.05 33.19 8.56
N ASN E 400 17.28 34.27 7.80
CA ASN E 400 16.20 35.08 7.25
C ASN E 400 16.24 35.02 5.73
N ILE E 401 15.06 35.07 5.12
CA ILE E 401 14.87 34.73 3.72
C ILE E 401 14.43 35.96 2.95
N THR E 402 14.62 35.90 1.63
CA THR E 402 14.15 36.90 0.69
C THR E 402 13.37 36.19 -0.41
N CYS E 403 12.24 36.77 -0.80
CA CYS E 403 11.27 36.13 -1.69
C CYS E 403 10.93 37.07 -2.85
N ARG E 404 11.97 37.65 -3.46
CA ARG E 404 11.76 38.51 -4.61
C ARG E 404 11.06 37.73 -5.73
N SER E 405 10.04 38.34 -6.31
CA SER E 405 9.24 37.68 -7.35
C SER E 405 8.52 38.73 -8.17
N ASN E 406 7.74 38.25 -9.14
CA ASN E 406 7.03 39.11 -10.08
C ASN E 406 5.54 38.79 -10.04
N ILE E 407 4.74 39.79 -10.41
CA ILE E 407 3.29 39.68 -10.49
C ILE E 407 2.88 39.93 -11.93
N THR E 408 2.06 39.03 -12.48
CA THR E 408 1.64 39.12 -13.86
C THR E 408 0.14 38.90 -14.06
N GLY E 409 -0.64 38.77 -13.00
CA GLY E 409 -2.07 38.58 -13.14
C GLY E 409 -2.81 38.85 -11.85
N LEU E 410 -4.12 39.09 -11.99
CA LEU E 410 -4.98 39.40 -10.86
C LEU E 410 -6.31 38.68 -11.00
N LEU E 411 -6.95 38.42 -9.87
CA LEU E 411 -8.28 37.84 -9.81
C LEU E 411 -9.22 38.85 -9.16
N LEU E 412 -10.27 39.22 -9.87
CA LEU E 412 -11.25 40.20 -9.43
C LEU E 412 -12.65 39.59 -9.49
N THR E 413 -13.58 40.23 -8.78
CA THR E 413 -14.97 39.77 -8.77
C THR E 413 -15.89 40.99 -8.65
N ARG E 414 -16.99 40.93 -9.40
CA ARG E 414 -17.99 41.99 -9.36
C ARG E 414 -18.71 42.00 -8.02
N ASP E 415 -19.06 43.19 -7.56
CA ASP E 415 -19.84 43.38 -6.35
C ASP E 415 -21.32 43.52 -6.69
N GLY E 416 -22.16 43.18 -5.73
CA GLY E 416 -23.59 43.26 -5.93
C GLY E 416 -24.07 44.68 -6.13
N GLY E 417 -24.47 45.01 -7.35
CA GLY E 417 -24.95 46.35 -7.63
C GLY E 417 -26.26 46.65 -6.92
N THR E 418 -26.47 47.93 -6.62
CA THR E 418 -27.68 48.36 -5.94
C THR E 418 -27.93 49.83 -6.22
N ASN E 419 -29.20 50.19 -6.39
CA ASN E 419 -29.63 51.57 -6.59
C ASN E 419 -29.07 52.18 -7.87
N SER E 420 -28.63 51.34 -8.82
CA SER E 420 -28.01 51.82 -10.06
C SER E 420 -26.84 52.75 -9.75
N ASN E 421 -25.98 52.31 -8.84
CA ASN E 421 -24.87 53.14 -8.39
C ASN E 421 -23.94 53.47 -9.54
N GLU E 422 -23.48 54.72 -9.58
CA GLU E 422 -22.59 55.18 -10.63
C GLU E 422 -21.17 54.64 -10.49
N THR E 423 -20.83 54.02 -9.37
CA THR E 423 -19.45 53.63 -9.04
C THR E 423 -19.40 52.18 -8.60
N GLU E 424 -19.97 51.28 -9.41
CA GLU E 424 -19.89 49.85 -9.12
C GLU E 424 -18.44 49.42 -9.00
N THR E 425 -18.15 48.64 -7.95
CA THR E 425 -16.79 48.33 -7.55
C THR E 425 -16.40 46.90 -7.95
N PHE E 426 -15.13 46.58 -7.72
CA PHE E 426 -14.61 45.22 -7.84
C PHE E 426 -13.88 44.86 -6.57
N ARG E 427 -13.87 43.56 -6.24
CA ARG E 427 -13.23 43.09 -5.03
C ARG E 427 -12.29 41.93 -5.33
N PRO E 428 -11.14 41.81 -4.65
CA PRO E 428 -10.36 40.58 -4.77
C PRO E 428 -11.12 39.40 -4.19
N ALA E 429 -10.91 38.22 -4.79
CA ALA E 429 -11.55 37.01 -4.32
C ALA E 429 -10.84 35.81 -4.91
N GLY E 430 -10.40 34.89 -4.04
CA GLY E 430 -9.74 33.68 -4.44
C GLY E 430 -10.68 32.51 -4.54
N GLY E 431 -10.11 31.31 -4.53
CA GLY E 431 -10.90 30.10 -4.60
C GLY E 431 -10.06 28.86 -4.87
N ASP E 432 -10.57 27.95 -5.68
CA ASP E 432 -9.84 26.74 -5.99
C ASP E 432 -8.67 27.04 -6.92
N MET E 433 -7.71 26.10 -6.96
CA MET E 433 -6.57 26.22 -7.85
C MET E 433 -6.94 26.02 -9.31
N ARG E 434 -8.16 25.59 -9.60
CA ARG E 434 -8.58 25.44 -11.00
C ARG E 434 -8.53 26.77 -11.73
N ASP E 435 -8.96 27.84 -11.08
CA ASP E 435 -8.88 29.16 -11.69
C ASP E 435 -7.44 29.55 -11.97
N ASN E 436 -6.54 29.27 -11.03
CA ASN E 436 -5.12 29.60 -11.24
C ASN E 436 -4.54 28.82 -12.41
N TRP E 437 -4.86 27.53 -12.51
CA TRP E 437 -4.27 26.68 -13.54
C TRP E 437 -4.96 26.84 -14.90
N ARG E 438 -6.17 27.39 -14.95
CA ARG E 438 -6.86 27.57 -16.22
C ARG E 438 -6.35 28.78 -17.00
N SER E 439 -5.69 29.73 -16.34
CA SER E 439 -5.17 30.91 -17.02
C SER E 439 -3.94 30.62 -17.86
N GLU E 440 -3.27 29.49 -17.63
CA GLU E 440 -2.05 29.13 -18.34
C GLU E 440 -2.24 27.99 -19.33
N LEU E 441 -3.48 27.50 -19.51
CA LEU E 441 -3.77 26.43 -20.46
C LEU E 441 -4.89 26.82 -21.43
N TYR E 442 -5.11 28.12 -21.64
CA TYR E 442 -6.19 28.55 -22.52
C TYR E 442 -5.83 28.34 -23.98
N LYS E 443 -4.55 28.35 -24.32
CA LYS E 443 -4.15 28.26 -25.72
C LYS E 443 -4.31 26.85 -26.28
N TYR E 444 -4.14 25.83 -25.44
CA TYR E 444 -3.98 24.46 -25.91
C TYR E 444 -5.31 23.71 -25.95
N LYS E 445 -5.47 22.91 -26.99
CA LYS E 445 -6.60 21.99 -27.13
C LYS E 445 -6.06 20.66 -27.63
N VAL E 446 -6.76 19.58 -27.28
CA VAL E 446 -6.35 18.22 -27.63
C VAL E 446 -7.36 17.65 -28.61
N VAL E 447 -6.84 17.02 -29.67
CA VAL E 447 -7.69 16.44 -30.72
C VAL E 447 -7.19 15.03 -31.04
N LYS E 448 -8.12 14.19 -31.50
CA LYS E 448 -7.86 12.83 -31.95
C LYS E 448 -7.87 12.79 -33.47
N ILE E 449 -7.06 11.90 -34.02
CA ILE E 449 -6.85 11.79 -35.46
C ILE E 449 -7.63 10.59 -35.99
N GLU E 450 -8.42 10.83 -37.05
CA GLU E 450 -9.12 9.79 -37.78
C GLU E 450 -8.45 9.61 -39.14
N PRO E 451 -7.36 8.84 -39.25
CA PRO E 451 -6.60 8.82 -40.51
C PRO E 451 -7.34 8.22 -41.69
N LEU E 452 -8.41 7.46 -41.46
CA LEU E 452 -9.11 6.76 -42.54
C LEU E 452 -10.13 7.69 -43.18
N GLY E 453 -10.21 7.65 -44.52
CA GLY E 453 -11.18 8.44 -45.24
C GLY E 453 -11.51 7.80 -46.57
N VAL E 454 -12.56 8.32 -47.20
CA VAL E 454 -13.03 7.84 -48.50
C VAL E 454 -13.23 9.04 -49.42
N ALA E 455 -13.13 8.79 -50.73
CA ALA E 455 -13.38 9.83 -51.71
C ALA E 455 -13.59 9.18 -53.07
N PRO E 456 -14.34 9.82 -53.98
CA PRO E 456 -14.50 9.27 -55.32
C PRO E 456 -13.41 9.71 -56.28
N THR E 457 -13.18 8.87 -57.30
CA THR E 457 -12.22 9.19 -58.33
C THR E 457 -12.51 8.34 -59.56
N ARG E 458 -11.92 8.75 -60.68
CA ARG E 458 -12.12 8.06 -61.96
C ARG E 458 -11.11 6.92 -62.10
N CYS E 459 -11.29 5.90 -61.27
CA CYS E 459 -10.40 4.75 -61.25
C CYS E 459 -11.18 3.51 -60.85
N LYS E 460 -10.63 2.36 -61.20
CA LYS E 460 -11.23 1.08 -60.87
C LYS E 460 -10.15 0.08 -60.50
N ARG E 461 -10.55 -0.98 -59.79
CA ARG E 461 -9.62 -2.03 -59.39
C ARG E 461 -9.35 -2.94 -60.58
N ARG E 462 -8.07 -3.28 -60.79
CA ARG E 462 -7.70 -4.20 -61.85
C ARG E 462 -8.01 -5.62 -61.45
N VAL E 463 -8.65 -6.37 -62.34
CA VAL E 463 -9.00 -7.76 -62.08
C VAL E 463 -7.89 -8.67 -62.58
N ALA F 1 4.78 24.44 -50.86
CA ALA F 1 4.47 23.46 -51.89
C ALA F 1 4.95 22.08 -51.49
N VAL F 2 4.63 21.08 -52.31
CA VAL F 2 5.02 19.69 -52.02
C VAL F 2 6.39 19.34 -52.56
N GLY F 3 6.99 20.20 -53.39
CA GLY F 3 8.30 19.91 -53.96
C GLY F 3 9.46 20.30 -53.07
N ILE F 4 9.35 20.01 -51.78
CA ILE F 4 10.43 20.33 -50.84
C ILE F 4 11.63 19.43 -51.11
N GLY F 5 11.39 18.16 -51.42
CA GLY F 5 12.44 17.18 -51.55
C GLY F 5 12.47 16.23 -50.37
N ALA F 6 13.44 16.40 -49.47
CA ALA F 6 13.45 15.64 -48.22
C ALA F 6 12.31 16.13 -47.35
N VAL F 7 11.31 15.29 -47.13
CA VAL F 7 10.10 15.71 -46.44
C VAL F 7 10.38 15.87 -44.95
N PHE F 8 10.04 17.04 -44.41
CA PHE F 8 10.11 17.32 -42.99
C PHE F 8 8.86 18.11 -42.55
N LEU F 9 7.71 17.78 -43.15
CA LEU F 9 6.47 18.50 -42.93
C LEU F 9 5.86 18.26 -41.55
N GLY F 10 6.49 17.53 -40.64
CA GLY F 10 5.91 17.36 -39.33
C GLY F 10 4.73 16.38 -39.35
N PHE F 11 3.99 16.39 -38.24
CA PHE F 11 2.90 15.43 -38.07
C PHE F 11 1.69 15.82 -38.91
N LEU F 12 1.33 17.10 -38.92
CA LEU F 12 0.12 17.58 -39.58
C LEU F 12 0.40 18.85 -40.37
N GLY F 13 1.53 18.89 -41.07
CA GLY F 13 1.86 20.07 -41.86
C GLY F 13 1.03 20.22 -43.11
N ALA F 14 0.51 19.12 -43.63
CA ALA F 14 -0.26 19.15 -44.88
C ALA F 14 -1.74 19.38 -44.67
N ALA F 15 -2.22 19.44 -43.43
CA ALA F 15 -3.63 19.65 -43.17
C ALA F 15 -4.05 21.06 -43.60
N GLY F 16 -5.27 21.16 -44.11
CA GLY F 16 -5.81 22.43 -44.58
C GLY F 16 -5.48 22.79 -46.01
N SER F 17 -4.67 21.98 -46.70
CA SER F 17 -4.33 22.24 -48.09
C SER F 17 -5.31 21.53 -49.02
N THR F 18 -5.06 21.65 -50.32
CA THR F 18 -5.91 21.00 -51.31
C THR F 18 -5.73 19.49 -51.27
N MET F 19 -6.73 18.77 -51.78
CA MET F 19 -6.68 17.31 -51.78
C MET F 19 -5.54 16.81 -52.63
N GLY F 20 -5.32 17.41 -53.80
CA GLY F 20 -4.26 16.95 -54.67
C GLY F 20 -2.89 17.12 -54.06
N ALA F 21 -2.62 18.29 -53.47
CA ALA F 21 -1.34 18.50 -52.81
C ALA F 21 -1.21 17.65 -51.55
N ALA F 22 -2.30 17.56 -50.78
CA ALA F 22 -2.28 16.78 -49.55
C ALA F 22 -2.34 15.26 -49.80
N SER F 23 -2.61 14.83 -51.03
CA SER F 23 -2.66 13.40 -51.32
C SER F 23 -1.30 12.76 -51.07
N MET F 24 -0.23 13.44 -51.44
CA MET F 24 1.12 12.95 -51.19
C MET F 24 1.52 13.20 -49.74
N THR F 25 2.63 12.60 -49.34
CA THR F 25 3.20 12.77 -48.00
C THR F 25 2.24 12.26 -46.92
N LEU F 26 1.48 11.21 -47.23
CA LEU F 26 0.60 10.60 -46.24
C LEU F 26 1.34 9.64 -45.31
N THR F 27 2.58 9.28 -45.63
CA THR F 27 3.32 8.32 -44.81
C THR F 27 3.64 8.88 -43.43
N VAL F 28 3.96 10.17 -43.36
CA VAL F 28 4.37 10.76 -42.09
C VAL F 28 3.23 10.75 -41.09
N GLN F 29 1.99 10.95 -41.54
CA GLN F 29 0.85 10.94 -40.63
C GLN F 29 0.69 9.58 -39.97
N ALA F 30 0.82 8.50 -40.75
CA ALA F 30 0.63 7.16 -40.22
C ALA F 30 1.83 6.70 -39.40
N ARG F 31 3.04 7.09 -39.79
CA ARG F 31 4.23 6.57 -39.13
C ARG F 31 4.31 7.01 -37.67
N ASN F 32 4.01 8.27 -37.39
CA ASN F 32 4.17 8.84 -36.05
C ASN F 32 2.96 8.46 -35.20
N LEU F 33 3.01 7.25 -34.64
CA LEU F 33 1.94 6.76 -33.77
C LEU F 33 2.51 5.96 -32.58
N LEU F 34 3.69 6.34 -32.10
CA LEU F 34 4.32 5.62 -30.99
C LEU F 34 5.16 6.59 -30.17
N SER F 35 5.01 6.52 -28.85
CA SER F 35 5.79 7.34 -27.92
C SER F 35 5.41 6.93 -26.50
N GLY F 36 6.24 7.34 -25.53
CA GLY F 36 5.93 7.16 -24.12
C GLY F 36 6.90 6.26 -23.38
N THR F 37 6.95 6.40 -22.06
CA THR F 37 7.76 5.53 -21.21
C THR F 37 7.09 5.42 -19.85
N VAL F 38 7.47 4.38 -19.10
CA VAL F 38 6.66 3.90 -17.98
C VAL F 38 6.66 4.88 -16.83
N TRP F 39 5.47 5.11 -16.26
CA TRP F 39 5.34 5.67 -14.91
C TRP F 39 3.96 5.30 -14.38
N GLY F 40 3.91 4.35 -13.46
CA GLY F 40 2.66 4.00 -12.80
C GLY F 40 1.73 3.17 -13.68
N ILE F 41 0.57 2.84 -13.10
CA ILE F 41 -0.39 1.99 -13.79
C ILE F 41 -1.05 2.74 -14.95
N LYS F 42 -1.35 4.02 -14.75
CA LYS F 42 -2.09 4.77 -15.78
C LYS F 42 -1.27 4.95 -17.04
N GLN F 43 0.05 5.13 -16.90
CA GLN F 43 0.90 5.25 -18.08
C GLN F 43 0.85 3.98 -18.92
N LEU F 44 0.95 2.81 -18.28
CA LEU F 44 0.88 1.57 -19.04
C LEU F 44 -0.52 1.34 -19.59
N GLN F 45 -1.55 1.82 -18.89
CA GLN F 45 -2.91 1.77 -19.43
C GLN F 45 -3.00 2.56 -20.72
N ALA F 46 -2.44 3.78 -20.72
CA ALA F 46 -2.46 4.61 -21.93
C ALA F 46 -1.50 4.09 -22.99
N ARG F 47 -0.51 3.28 -22.60
CA ARG F 47 0.48 2.79 -23.55
C ARG F 47 -0.08 1.75 -24.52
N VAL F 48 -1.32 1.28 -24.32
CA VAL F 48 -1.98 0.56 -25.39
C VAL F 48 -2.05 1.45 -26.63
N LEU F 49 -2.34 2.74 -26.42
CA LEU F 49 -2.01 3.81 -27.37
C LEU F 49 -2.69 3.52 -28.70
N ALA F 50 -1.98 3.56 -29.83
CA ALA F 50 -2.56 3.23 -31.13
C ALA F 50 -2.51 1.74 -31.45
N VAL F 51 -1.96 0.92 -30.55
CA VAL F 51 -1.83 -0.52 -30.84
C VAL F 51 -3.20 -1.15 -31.06
N GLU F 52 -4.23 -0.62 -30.42
CA GLU F 52 -5.60 -1.10 -30.64
C GLU F 52 -6.24 -0.44 -31.86
N ARG F 53 -6.13 0.87 -31.98
CA ARG F 53 -6.75 1.56 -33.12
C ARG F 53 -6.02 1.25 -34.42
N TYR F 54 -4.69 1.10 -34.36
CA TYR F 54 -3.95 0.71 -35.56
C TYR F 54 -4.38 -0.68 -36.02
N LEU F 55 -4.55 -1.61 -35.09
CA LEU F 55 -5.02 -2.94 -35.46
C LEU F 55 -6.45 -2.89 -36.00
N ARG F 56 -7.31 -2.03 -35.43
CA ARG F 56 -8.64 -1.84 -35.99
C ARG F 56 -8.55 -1.38 -37.44
N ASP F 57 -7.72 -0.37 -37.72
CA ASP F 57 -7.59 0.14 -39.07
C ASP F 57 -7.04 -0.93 -40.00
N GLN F 58 -6.05 -1.70 -39.54
CA GLN F 58 -5.48 -2.76 -40.37
C GLN F 58 -6.52 -3.83 -40.69
N GLN F 59 -7.33 -4.21 -39.70
CA GLN F 59 -8.39 -5.18 -39.95
C GLN F 59 -9.37 -4.65 -40.99
N LEU F 60 -9.82 -3.40 -40.81
CA LEU F 60 -10.79 -2.83 -41.73
C LEU F 60 -10.23 -2.73 -43.14
N LEU F 61 -8.96 -2.35 -43.27
CA LEU F 61 -8.35 -2.19 -44.60
C LEU F 61 -8.10 -3.54 -45.25
N GLY F 62 -7.59 -4.51 -44.50
CA GLY F 62 -7.32 -5.82 -45.08
C GLY F 62 -8.58 -6.56 -45.48
N ILE F 63 -9.65 -6.43 -44.69
CA ILE F 63 -10.91 -7.09 -45.02
C ILE F 63 -11.45 -6.57 -46.34
N TRP F 64 -11.26 -5.26 -46.60
CA TRP F 64 -11.74 -4.67 -47.84
C TRP F 64 -10.93 -5.09 -49.06
N GLY F 65 -9.78 -5.73 -48.87
CA GLY F 65 -8.97 -6.18 -49.98
C GLY F 65 -7.91 -5.20 -50.39
N CYS F 66 -7.11 -4.72 -49.43
CA CYS F 66 -6.06 -3.75 -49.70
C CYS F 66 -4.84 -4.11 -48.86
N SER F 67 -3.67 -4.16 -49.51
CA SER F 67 -2.40 -4.44 -48.85
C SER F 67 -1.51 -3.21 -49.00
N GLY F 68 -0.93 -2.77 -47.88
CA GLY F 68 -0.11 -1.58 -47.87
C GLY F 68 -0.87 -0.37 -47.33
N LYS F 69 -0.19 0.46 -46.54
CA LYS F 69 -0.82 1.62 -45.91
C LYS F 69 -0.75 2.81 -46.86
N LEU F 70 -1.42 2.65 -48.00
CA LEU F 70 -1.45 3.67 -49.05
C LEU F 70 -2.85 3.67 -49.66
N ILE F 71 -3.01 4.39 -50.78
CA ILE F 71 -4.29 4.45 -51.44
C ILE F 71 -4.68 3.07 -51.95
N CYS F 72 -5.98 2.89 -52.21
CA CYS F 72 -6.50 1.62 -52.69
C CYS F 72 -7.84 1.88 -53.37
N CYS F 73 -7.91 1.64 -54.68
CA CYS F 73 -9.12 1.88 -55.45
C CYS F 73 -9.98 0.62 -55.45
N THR F 74 -11.26 0.78 -55.12
CA THR F 74 -12.22 -0.31 -55.06
C THR F 74 -13.10 -0.28 -56.32
N ASN F 75 -14.08 -1.18 -56.36
CA ASN F 75 -14.99 -1.30 -57.49
C ASN F 75 -16.44 -0.97 -57.14
N VAL F 76 -16.72 -0.56 -55.90
CA VAL F 76 -18.10 -0.25 -55.52
C VAL F 76 -18.56 1.00 -56.28
N PRO F 77 -19.73 0.99 -56.92
CA PRO F 77 -20.20 2.23 -57.57
C PRO F 77 -20.49 3.33 -56.57
N TRP F 78 -20.23 4.57 -57.00
CA TRP F 78 -20.45 5.74 -56.16
C TRP F 78 -21.87 6.25 -56.42
N ASN F 79 -22.79 5.87 -55.53
CA ASN F 79 -24.16 6.37 -55.62
C ASN F 79 -24.16 7.88 -55.42
N SER F 80 -24.68 8.61 -56.41
CA SER F 80 -24.65 10.07 -56.37
C SER F 80 -25.55 10.65 -55.28
N SER F 81 -26.45 9.86 -54.69
CA SER F 81 -27.37 10.39 -53.70
C SER F 81 -26.63 10.92 -52.47
N TRP F 82 -25.45 10.37 -52.16
CA TRP F 82 -24.73 10.79 -50.97
C TRP F 82 -24.27 12.24 -51.08
N SER F 83 -23.63 12.59 -52.20
CA SER F 83 -23.07 13.92 -52.39
C SER F 83 -23.75 14.69 -53.51
N ASN F 84 -23.80 14.13 -54.73
CA ASN F 84 -24.38 14.80 -55.89
C ASN F 84 -23.71 16.17 -56.11
N ARG F 85 -22.38 16.18 -56.09
CA ARG F 85 -21.58 17.39 -56.22
C ARG F 85 -20.56 17.24 -57.34
N ASN F 86 -20.11 18.38 -57.85
CA ASN F 86 -19.15 18.38 -58.95
C ASN F 86 -17.79 17.86 -58.49
N LEU F 87 -17.10 17.18 -59.41
CA LEU F 87 -15.79 16.62 -59.09
C LEU F 87 -14.78 17.72 -58.80
N SER F 88 -14.80 18.80 -59.59
CA SER F 88 -13.81 19.86 -59.42
C SER F 88 -13.94 20.55 -58.06
N GLU F 89 -15.17 20.76 -57.58
CA GLU F 89 -15.37 21.46 -56.33
C GLU F 89 -14.89 20.66 -55.12
N ILE F 90 -14.61 19.37 -55.28
CA ILE F 90 -14.19 18.52 -54.18
C ILE F 90 -12.69 18.25 -54.21
N TRP F 91 -12.15 17.93 -55.38
CA TRP F 91 -10.80 17.41 -55.50
C TRP F 91 -9.75 18.49 -55.77
N ASP F 92 -10.14 19.77 -55.83
CA ASP F 92 -9.21 20.84 -56.17
C ASP F 92 -9.19 21.98 -55.15
N ASN F 93 -10.34 22.32 -54.56
CA ASN F 93 -10.44 23.49 -53.69
C ASN F 93 -11.08 23.19 -52.34
N MET F 94 -11.16 21.92 -51.94
CA MET F 94 -11.77 21.52 -50.68
C MET F 94 -10.78 20.72 -49.86
N THR F 95 -10.77 20.95 -48.55
CA THR F 95 -9.90 20.24 -47.62
C THR F 95 -10.63 19.03 -47.04
N TRP F 96 -9.87 18.23 -46.30
CA TRP F 96 -10.41 16.95 -45.81
C TRP F 96 -11.38 17.15 -44.65
N LEU F 97 -11.17 18.18 -43.84
CA LEU F 97 -12.00 18.36 -42.64
C LEU F 97 -13.46 18.62 -43.01
N GLN F 98 -13.70 19.60 -43.88
CA GLN F 98 -15.08 19.91 -44.25
C GLN F 98 -15.68 18.81 -45.10
N TRP F 99 -14.88 18.13 -45.92
CA TRP F 99 -15.39 16.99 -46.67
C TRP F 99 -15.86 15.88 -45.74
N ASP F 100 -15.07 15.58 -44.70
CA ASP F 100 -15.49 14.58 -43.73
C ASP F 100 -16.74 15.04 -42.97
N LYS F 101 -16.81 16.33 -42.65
CA LYS F 101 -18.02 16.85 -42.00
C LYS F 101 -19.24 16.64 -42.89
N GLU F 102 -19.11 16.87 -44.19
CA GLU F 102 -20.24 16.70 -45.09
C GLU F 102 -20.62 15.22 -45.24
N ILE F 103 -19.62 14.34 -45.35
CA ILE F 103 -19.85 12.95 -45.68
C ILE F 103 -19.78 12.04 -44.46
N SER F 104 -20.01 12.60 -43.26
CA SER F 104 -19.93 11.79 -42.04
C SER F 104 -21.18 10.96 -41.80
N ASN F 105 -22.25 11.14 -42.57
CA ASN F 105 -23.52 10.49 -42.31
C ASN F 105 -23.73 9.21 -43.11
N TYR F 106 -22.77 8.80 -43.94
CA TYR F 106 -22.91 7.64 -44.82
C TYR F 106 -21.68 6.74 -44.74
N THR F 107 -21.32 6.32 -43.52
CA THR F 107 -20.12 5.52 -43.30
C THR F 107 -20.41 4.03 -43.16
N GLN F 108 -21.55 3.67 -42.57
CA GLN F 108 -21.80 2.26 -42.25
C GLN F 108 -22.09 1.45 -43.51
N ILE F 109 -22.94 1.98 -44.40
CA ILE F 109 -23.38 1.20 -45.57
C ILE F 109 -22.21 0.90 -46.48
N ILE F 110 -21.33 1.88 -46.71
CA ILE F 110 -20.22 1.68 -47.62
C ILE F 110 -19.24 0.65 -47.06
N TYR F 111 -18.96 0.72 -45.76
CA TYR F 111 -18.10 -0.28 -45.14
C TYR F 111 -18.72 -1.66 -45.23
N GLY F 112 -20.02 -1.77 -44.96
CA GLY F 112 -20.68 -3.06 -45.04
C GLY F 112 -20.62 -3.65 -46.44
N LEU F 113 -20.85 -2.84 -47.46
CA LEU F 113 -20.78 -3.32 -48.83
C LEU F 113 -19.36 -3.73 -49.21
N LEU F 114 -18.37 -2.94 -48.79
CA LEU F 114 -16.97 -3.28 -49.08
C LEU F 114 -16.55 -4.56 -48.38
N GLU F 115 -17.14 -4.85 -47.21
CA GLU F 115 -16.78 -6.07 -46.50
C GLU F 115 -17.10 -7.32 -47.32
N GLU F 116 -18.27 -7.34 -47.96
CA GLU F 116 -18.67 -8.52 -48.73
C GLU F 116 -18.20 -8.49 -50.17
N SER F 117 -17.92 -7.30 -50.73
CA SER F 117 -17.44 -7.25 -52.11
C SER F 117 -16.10 -7.97 -52.26
N GLN F 118 -15.18 -7.75 -51.32
CA GLN F 118 -13.88 -8.42 -51.39
C GLN F 118 -14.03 -9.92 -51.26
N ASN F 119 -14.90 -10.38 -50.36
CA ASN F 119 -15.11 -11.82 -50.19
C ASN F 119 -15.70 -12.43 -51.46
N GLN F 120 -16.65 -11.74 -52.08
CA GLN F 120 -17.23 -12.23 -53.34
C GLN F 120 -16.16 -12.33 -54.42
N GLN F 121 -15.33 -11.30 -54.56
CA GLN F 121 -14.29 -11.33 -55.58
C GLN F 121 -13.29 -12.44 -55.30
N GLU F 122 -12.91 -12.62 -54.03
CA GLU F 122 -11.96 -13.67 -53.69
C GLU F 122 -12.52 -15.04 -54.01
N LYS F 123 -13.80 -15.28 -53.69
CA LYS F 123 -14.40 -16.58 -54.00
C LYS F 123 -14.49 -16.80 -55.50
N ASN F 124 -14.84 -15.76 -56.27
CA ASN F 124 -14.89 -15.89 -57.71
C ASN F 124 -13.52 -16.22 -58.29
N GLU F 125 -12.47 -15.55 -57.81
CA GLU F 125 -11.13 -15.84 -58.27
C GLU F 125 -10.70 -17.25 -57.90
N GLN F 126 -11.06 -17.70 -56.69
CA GLN F 126 -10.73 -19.06 -56.28
C GLN F 126 -11.42 -20.08 -57.18
N ASP F 127 -12.69 -19.85 -57.50
CA ASP F 127 -13.40 -20.76 -58.40
C ASP F 127 -12.77 -20.76 -59.78
N LEU F 128 -12.40 -19.58 -60.29
CA LEU F 128 -11.78 -19.50 -61.61
C LEU F 128 -10.46 -20.26 -61.63
N LEU F 129 -9.64 -20.12 -60.59
CA LEU F 129 -8.36 -20.81 -60.55
C LEU F 129 -8.54 -22.31 -60.34
N ALA F 130 -9.56 -22.72 -59.59
CA ALA F 130 -9.81 -24.13 -59.35
C ALA F 130 -10.43 -24.84 -60.55
N LEU F 131 -11.10 -24.10 -61.44
CA LEU F 131 -11.75 -24.72 -62.58
C LEU F 131 -10.74 -25.42 -63.48
N ASP F 132 -9.60 -24.79 -63.74
CA ASP F 132 -8.57 -25.38 -64.58
C ASP F 132 -7.92 -26.57 -63.87
N GLN G 1 22.65 72.00 19.23
CA GLN G 1 23.12 70.71 18.64
C GLN G 1 22.80 69.55 19.59
N VAL G 2 23.00 68.32 19.10
CA VAL G 2 22.77 67.15 19.92
C VAL G 2 23.76 67.14 21.07
N GLN G 3 23.26 66.90 22.29
CA GLN G 3 24.06 66.94 23.50
C GLN G 3 23.82 65.68 24.31
N LEU G 4 24.88 65.18 24.94
CA LEU G 4 24.82 64.04 25.84
C LEU G 4 25.63 64.36 27.08
N VAL G 5 25.05 64.12 28.26
CA VAL G 5 25.74 64.37 29.52
C VAL G 5 25.53 63.17 30.44
N GLN G 6 26.42 63.07 31.44
CA GLN G 6 26.43 61.97 32.39
C GLN G 6 26.76 62.53 33.77
N SER G 7 26.82 61.64 34.75
CA SER G 7 27.16 62.04 36.11
C SER G 7 28.64 62.41 36.20
N GLY G 8 28.97 63.19 37.22
CA GLY G 8 30.33 63.67 37.40
C GLY G 8 31.32 62.57 37.74
N ALA G 9 31.16 61.95 38.91
CA ALA G 9 32.05 60.89 39.33
C ALA G 9 31.33 60.02 40.35
N GLU G 10 31.83 58.79 40.50
CA GLU G 10 31.27 57.83 41.43
C GLU G 10 32.38 56.96 42.00
N VAL G 11 32.29 56.68 43.30
CA VAL G 11 33.23 55.81 43.99
C VAL G 11 32.44 54.84 44.85
N LYS G 12 32.85 53.57 44.84
CA LYS G 12 32.16 52.53 45.57
C LYS G 12 33.16 51.52 46.11
N LYS G 13 32.74 50.78 47.14
CA LYS G 13 33.56 49.74 47.73
C LYS G 13 33.66 48.55 46.77
N PRO G 14 34.72 47.74 46.90
CA PRO G 14 34.80 46.53 46.08
C PRO G 14 33.67 45.57 46.41
N GLY G 15 33.12 44.95 45.37
CA GLY G 15 32.01 44.03 45.54
C GLY G 15 30.66 44.68 45.73
N ALA G 16 30.59 46.02 45.70
CA ALA G 16 29.34 46.74 45.89
C ALA G 16 28.66 46.92 44.53
N SER G 17 27.62 47.75 44.49
CA SER G 17 26.87 48.04 43.27
C SER G 17 26.88 49.53 43.01
N VAL G 18 26.89 49.89 41.72
CA VAL G 18 26.94 51.28 41.29
C VAL G 18 25.89 51.50 40.21
N LYS G 19 25.48 52.75 40.05
CA LYS G 19 24.51 53.15 39.04
C LYS G 19 25.01 54.38 38.29
N VAL G 20 24.76 54.42 36.99
CA VAL G 20 25.20 55.50 36.11
C VAL G 20 24.01 55.97 35.29
N SER G 21 23.87 57.29 35.16
CA SER G 21 22.78 57.91 34.42
C SER G 21 23.36 58.72 33.26
N CYS G 22 22.76 58.57 32.09
CA CYS G 22 23.16 59.30 30.88
C CYS G 22 21.93 59.89 30.23
N LYS G 23 21.96 61.20 29.96
CA LYS G 23 20.83 61.91 29.40
C LYS G 23 21.21 62.56 28.07
N ALA G 24 20.22 62.66 27.19
CA ALA G 24 20.40 63.15 25.83
C ALA G 24 19.43 64.29 25.57
N SER G 25 19.82 65.19 24.66
CA SER G 25 18.97 66.30 24.26
C SER G 25 19.28 66.66 22.82
N GLY G 26 18.30 67.24 22.14
CA GLY G 26 18.42 67.65 20.76
C GLY G 26 17.78 66.73 19.75
N TYR G 27 17.31 65.56 20.17
CA TYR G 27 16.68 64.61 19.25
C TYR G 27 15.70 63.74 20.04
N THR G 28 14.83 63.06 19.29
CA THR G 28 13.83 62.18 19.91
C THR G 28 14.52 60.99 20.55
N PHE G 29 14.26 60.77 21.84
CA PHE G 29 14.92 59.69 22.57
C PHE G 29 14.41 58.32 22.19
N THR G 30 13.17 58.23 21.70
CA THR G 30 12.56 56.95 21.37
C THR G 30 12.86 56.50 19.94
N GLY G 31 13.64 57.27 19.19
CA GLY G 31 13.88 56.96 17.79
C GLY G 31 15.20 56.27 17.50
N TYR G 32 16.04 56.08 18.53
CA TYR G 32 17.37 55.50 18.34
C TYR G 32 17.71 54.59 19.50
N TYR G 33 18.60 53.63 19.24
CA TYR G 33 19.13 52.78 20.29
C TYR G 33 20.14 53.55 21.15
N MET G 34 20.69 52.87 22.15
CA MET G 34 21.73 53.43 22.99
C MET G 34 22.75 52.35 23.32
N HIS G 35 24.00 52.56 22.89
CA HIS G 35 25.09 51.64 23.19
C HIS G 35 25.86 52.13 24.40
N TRP G 36 26.36 51.19 25.20
CA TRP G 36 27.18 51.50 26.36
C TRP G 36 28.54 50.82 26.22
N VAL G 37 29.61 51.57 26.46
CA VAL G 37 30.97 51.06 26.33
C VAL G 37 31.78 51.43 27.55
N ARG G 38 32.80 50.61 27.83
CA ARG G 38 33.70 50.79 28.95
C ARG G 38 35.13 50.82 28.43
N GLN G 39 35.94 51.72 28.99
CA GLN G 39 37.33 51.90 28.60
C GLN G 39 38.20 51.86 29.85
N ALA G 40 39.08 50.88 29.92
CA ALA G 40 40.06 50.79 30.99
C ALA G 40 41.21 51.76 30.73
N PRO G 41 41.93 52.18 31.78
CA PRO G 41 43.03 53.15 31.57
C PRO G 41 44.16 52.58 30.74
N GLY G 42 44.36 53.12 29.54
CA GLY G 42 45.47 52.72 28.69
C GLY G 42 45.29 51.39 27.99
N GLN G 43 44.09 50.82 28.00
CA GLN G 43 43.82 49.53 27.37
C GLN G 43 42.68 49.68 26.37
N GLY G 44 42.54 48.67 25.51
CA GLY G 44 41.49 48.66 24.51
C GLY G 44 40.11 48.71 25.13
N LEU G 45 39.28 49.63 24.64
CA LEU G 45 37.94 49.79 25.19
C LEU G 45 37.07 48.58 24.83
N GLU G 46 36.19 48.21 25.76
CA GLU G 46 35.32 47.05 25.63
C GLU G 46 33.87 47.48 25.50
N TRP G 47 33.13 46.75 24.68
CA TRP G 47 31.72 47.01 24.44
C TRP G 47 30.88 46.12 25.34
N MET G 48 29.97 46.75 26.11
CA MET G 48 29.15 46.02 27.06
C MET G 48 27.84 45.55 26.43
N GLY G 49 27.04 46.47 25.92
CA GLY G 49 25.76 46.09 25.35
C GLY G 49 25.03 47.28 24.78
N TRP G 50 23.79 47.01 24.37
CA TRP G 50 22.92 48.03 23.79
C TRP G 50 21.52 47.89 24.40
N ILE G 51 20.78 48.99 24.35
CA ILE G 51 19.44 49.08 24.92
C ILE G 51 18.54 49.82 23.93
N ASN G 52 17.33 49.31 23.76
CA ASN G 52 16.31 49.95 22.93
C ASN G 52 15.29 50.61 23.84
N PRO G 53 15.15 51.95 23.84
CA PRO G 53 14.25 52.59 24.81
C PRO G 53 12.77 52.42 24.49
N ASN G 54 12.43 51.89 23.32
CA ASN G 54 11.01 51.79 22.96
C ASN G 54 10.29 50.73 23.80
N SER G 55 10.70 49.48 23.68
CA SER G 55 10.08 48.37 24.40
C SER G 55 10.88 47.96 25.64
N GLY G 56 12.00 48.62 25.92
CA GLY G 56 12.82 48.27 27.06
C GLY G 56 13.74 47.09 26.85
N GLY G 57 13.73 46.49 25.66
CA GLY G 57 14.63 45.37 25.41
C GLY G 57 16.08 45.80 25.43
N THR G 58 16.93 44.91 25.95
CA THR G 58 18.36 45.15 26.05
C THR G 58 19.11 43.88 25.72
N ASN G 59 20.35 44.04 25.26
CA ASN G 59 21.24 42.91 25.03
C ASN G 59 22.63 43.27 25.54
N TYR G 60 23.34 42.25 26.00
CA TYR G 60 24.68 42.41 26.55
C TYR G 60 25.61 41.36 25.96
N ALA G 61 26.89 41.69 25.92
CA ALA G 61 27.89 40.76 25.44
C ALA G 61 28.23 39.74 26.52
N GLN G 62 29.04 38.75 26.15
CA GLN G 62 29.47 37.74 27.10
C GLN G 62 30.32 38.39 28.19
N LYS G 63 30.55 37.62 29.26
CA LYS G 63 31.28 38.03 30.47
C LYS G 63 30.48 39.01 31.32
N PHE G 64 29.23 39.32 30.96
CA PHE G 64 28.41 40.26 31.72
C PHE G 64 26.97 39.77 31.85
N GLN G 65 26.72 38.49 31.66
CA GLN G 65 25.35 37.97 31.70
C GLN G 65 24.83 38.01 33.13
N GLY G 66 23.83 38.86 33.38
CA GLY G 66 23.19 38.95 34.66
C GLY G 66 23.87 39.88 35.65
N ARG G 67 25.06 40.38 35.36
CA ARG G 67 25.78 41.25 36.27
C ARG G 67 25.50 42.72 36.04
N VAL G 68 25.01 43.09 34.85
CA VAL G 68 24.71 44.48 34.50
C VAL G 68 23.28 44.54 33.96
N THR G 69 22.52 45.53 34.43
CA THR G 69 21.14 45.73 34.02
C THR G 69 20.96 47.15 33.54
N MET G 70 20.36 47.31 32.35
CA MET G 70 20.17 48.60 31.72
C MET G 70 18.68 48.86 31.53
N THR G 71 18.22 50.04 31.98
CA THR G 71 16.84 50.46 31.83
C THR G 71 16.83 51.92 31.40
N ARG G 72 15.63 52.48 31.24
CA ARG G 72 15.51 53.87 30.82
C ARG G 72 14.22 54.46 31.35
N ASP G 73 14.18 55.79 31.38
CA ASP G 73 13.00 56.57 31.74
C ASP G 73 12.65 57.42 30.53
N THR G 74 11.50 57.12 29.91
CA THR G 74 11.11 57.80 28.68
C THR G 74 10.57 59.21 28.94
N SER G 75 9.89 59.42 30.08
CA SER G 75 9.31 60.73 30.35
C SER G 75 10.39 61.81 30.45
N ILE G 76 11.50 61.51 31.12
CA ILE G 76 12.63 62.42 31.22
C ILE G 76 13.73 62.08 30.21
N SER G 77 13.61 60.98 29.48
CA SER G 77 14.56 60.60 28.43
C SER G 77 15.97 60.44 29.00
N THR G 78 16.11 59.47 29.91
CA THR G 78 17.39 59.13 30.51
C THR G 78 17.60 57.63 30.45
N ALA G 79 18.87 57.22 30.48
CA ALA G 79 19.25 55.82 30.47
C ALA G 79 20.07 55.51 31.72
N TYR G 80 19.69 54.44 32.42
CA TYR G 80 20.33 54.04 33.67
C TYR G 80 20.97 52.68 33.49
N MET G 81 22.22 52.56 33.94
CA MET G 81 22.97 51.31 33.93
C MET G 81 23.38 50.99 35.37
N GLU G 82 23.01 49.80 35.83
CA GLU G 82 23.33 49.33 37.17
C GLU G 82 24.27 48.14 37.07
N LEU G 83 25.37 48.19 37.84
CA LEU G 83 26.37 47.14 37.88
C LEU G 83 26.53 46.66 39.31
N SER G 84 26.86 45.38 39.46
CA SER G 84 27.01 44.76 40.77
C SER G 84 28.22 43.84 40.75
N ARG G 85 28.69 43.47 41.95
CA ARG G 85 29.86 42.61 42.12
C ARG G 85 31.09 43.25 41.46
N LEU G 86 31.42 44.45 41.93
CA LEU G 86 32.56 45.17 41.39
C LEU G 86 33.86 44.47 41.75
N ARG G 87 34.85 44.61 40.87
CA ARG G 87 36.17 44.01 41.04
C ARG G 87 37.24 45.09 40.99
N SER G 88 38.43 44.75 41.46
CA SER G 88 39.52 45.71 41.53
C SER G 88 39.91 46.24 40.16
N ASP G 89 39.71 45.45 39.11
CA ASP G 89 40.02 45.86 37.74
C ASP G 89 38.90 46.64 37.09
N ASP G 90 37.85 46.99 37.84
CA ASP G 90 36.70 47.71 37.28
C ASP G 90 36.92 49.21 37.22
N THR G 91 38.04 49.72 37.76
CA THR G 91 38.34 51.14 37.67
C THR G 91 38.52 51.53 36.21
N ALA G 92 37.60 52.34 35.68
CA ALA G 92 37.56 52.59 34.25
C ALA G 92 36.68 53.80 33.99
N VAL G 93 36.37 54.04 32.70
CA VAL G 93 35.47 55.10 32.28
C VAL G 93 34.35 54.47 31.47
N TYR G 94 33.17 55.09 31.53
CA TYR G 94 31.98 54.59 30.84
C TYR G 94 31.43 55.67 29.94
N TYR G 95 31.00 55.27 28.74
CA TYR G 95 30.44 56.18 27.74
C TYR G 95 29.14 55.61 27.19
N CYS G 96 28.22 56.53 26.88
CA CYS G 96 26.97 56.21 26.19
C CYS G 96 26.99 56.83 24.80
N ALA G 97 26.55 56.06 23.82
CA ALA G 97 26.63 56.45 22.42
C ALA G 97 25.30 56.21 21.72
N ARG G 98 25.04 57.02 20.70
CA ARG G 98 23.80 56.98 19.94
C ARG G 98 24.03 56.17 18.66
N GLY G 99 23.31 55.07 18.52
CA GLY G 99 23.51 54.16 17.41
C GLY G 99 22.60 54.41 16.22
N GLY G 100 22.07 53.34 15.64
CA GLY G 100 21.28 53.43 14.44
C GLY G 100 19.84 53.81 14.71
N TRP G 101 19.06 53.87 13.62
CA TRP G 101 17.67 54.27 13.65
C TRP G 101 16.77 53.06 13.83
N ILE G 102 15.72 53.22 14.61
CA ILE G 102 14.72 52.16 14.80
C ILE G 102 13.78 52.17 13.60
N SER G 103 13.81 51.10 12.82
CA SER G 103 13.04 51.01 11.59
C SER G 103 11.77 50.20 11.71
N LEU G 104 11.75 49.17 12.55
CA LEU G 104 10.61 48.27 12.75
C LEU G 104 10.36 47.34 11.56
N TYR G 105 11.24 47.36 10.55
CA TYR G 105 11.14 46.49 9.38
C TYR G 105 12.42 45.71 9.12
N TYR G 106 13.59 46.31 9.34
CA TYR G 106 14.87 45.64 9.18
C TYR G 106 15.73 45.90 10.41
N ASP G 107 16.50 44.88 10.80
CA ASP G 107 17.32 44.99 11.99
C ASP G 107 18.40 46.06 11.81
N SER G 108 18.63 46.84 12.88
CA SER G 108 19.66 47.86 12.87
C SER G 108 20.43 47.91 14.19
N SER G 109 20.25 46.93 15.07
CA SER G 109 20.92 46.95 16.36
C SER G 109 22.41 46.70 16.21
N GLY G 110 22.80 45.84 15.26
CA GLY G 110 24.17 45.42 15.11
C GLY G 110 25.08 46.35 14.36
N TYR G 111 24.56 47.43 13.77
CA TYR G 111 25.41 48.35 13.03
C TYR G 111 26.32 49.09 14.01
N PRO G 112 27.63 49.07 13.85
CA PRO G 112 28.52 49.68 14.85
C PRO G 112 28.77 51.17 14.67
N ASN G 113 27.99 51.87 13.85
CA ASN G 113 28.23 53.28 13.56
C ASN G 113 27.48 54.14 14.57
N PHE G 114 28.21 54.74 15.51
CA PHE G 114 27.67 55.72 16.43
C PHE G 114 28.63 56.91 16.48
N ASP G 115 28.08 58.11 16.33
CA ASP G 115 28.87 59.32 16.14
C ASP G 115 28.85 60.26 17.34
N TYR G 116 27.68 60.46 17.95
CA TYR G 116 27.53 61.41 19.06
C TYR G 116 27.86 60.71 20.38
N TRP G 117 28.79 61.28 21.13
CA TRP G 117 29.25 60.75 22.41
C TRP G 117 29.07 61.82 23.49
N GLY G 118 29.49 61.48 24.71
CA GLY G 118 29.47 62.40 25.82
C GLY G 118 30.82 62.42 26.52
N GLN G 119 30.89 63.22 27.59
CA GLN G 119 32.13 63.33 28.35
C GLN G 119 32.43 62.08 29.18
N GLY G 120 31.48 61.15 29.29
CA GLY G 120 31.71 59.92 30.02
C GLY G 120 31.63 60.11 31.52
N THR G 121 31.91 59.01 32.23
CA THR G 121 31.96 59.05 33.69
C THR G 121 33.06 58.12 34.18
N LEU G 122 33.84 58.60 35.14
CA LEU G 122 34.96 57.85 35.71
C LEU G 122 34.49 57.13 36.97
N VAL G 123 34.82 55.83 37.07
CA VAL G 123 34.52 55.03 38.25
C VAL G 123 35.82 54.41 38.75
N THR G 124 36.03 54.47 40.05
CA THR G 124 37.24 53.95 40.68
C THR G 124 36.86 53.15 41.91
N VAL G 125 37.65 52.11 42.19
CA VAL G 125 37.45 51.24 43.35
C VAL G 125 38.78 51.17 44.08
N SER G 126 38.97 52.04 45.06
CA SER G 126 40.23 52.07 45.80
C SER G 126 40.35 50.87 46.73
N GLY G 127 39.41 50.70 47.64
CA GLY G 127 39.42 49.59 48.57
C GLY G 127 40.40 49.80 49.70
N GLN H 1 39.84 38.35 25.14
CA GLN H 1 38.98 37.67 24.12
C GLN H 1 39.67 37.64 22.77
N SER H 2 39.05 36.97 21.80
CA SER H 2 39.59 36.87 20.44
C SER H 2 39.17 38.11 19.64
N ALA H 3 39.74 39.24 20.04
CA ALA H 3 39.45 40.52 19.40
C ALA H 3 40.20 40.59 18.08
N LEU H 4 40.11 41.74 17.41
CA LEU H 4 40.77 41.93 16.12
C LEU H 4 42.26 42.20 16.35
N THR H 5 43.11 41.35 15.77
CA THR H 5 44.55 41.56 15.87
C THR H 5 44.93 42.85 15.15
N GLN H 6 45.79 43.63 15.78
CA GLN H 6 46.16 44.96 15.27
C GLN H 6 47.61 45.22 15.64
N PRO H 7 48.35 46.02 14.83
CA PRO H 7 49.75 46.31 15.20
C PRO H 7 49.88 47.17 16.43
N ALA H 8 51.11 47.55 16.77
CA ALA H 8 51.39 48.34 17.97
C ALA H 8 51.39 49.84 17.66
N SER H 9 52.26 50.29 16.76
CA SER H 9 52.39 51.70 16.45
C SER H 9 53.01 51.87 15.07
N VAL H 10 52.84 53.07 14.53
CA VAL H 10 53.39 53.46 13.23
C VAL H 10 53.93 54.87 13.34
N SER H 11 54.58 55.34 12.28
CA SER H 11 55.15 56.67 12.26
C SER H 11 55.23 57.16 10.81
N GLY H 12 55.36 58.47 10.67
CA GLY H 12 55.47 59.07 9.35
C GLY H 12 55.71 60.56 9.46
N SER H 13 56.32 61.10 8.42
CA SER H 13 56.63 62.52 8.35
C SER H 13 55.44 63.32 7.83
N PRO H 14 55.41 64.64 8.04
CA PRO H 14 54.34 65.44 7.46
C PRO H 14 54.35 65.36 5.94
N GLY H 15 53.15 65.34 5.36
CA GLY H 15 53.00 65.23 3.93
C GLY H 15 53.16 63.83 3.37
N GLN H 16 53.38 62.83 4.23
CA GLN H 16 53.59 61.45 3.80
C GLN H 16 52.30 60.66 3.93
N SER H 17 52.20 59.60 3.13
CA SER H 17 51.04 58.71 3.12
C SER H 17 51.38 57.47 3.94
N ILE H 18 50.55 57.17 4.94
CA ILE H 18 50.79 56.06 5.86
C ILE H 18 49.50 55.26 6.03
N THR H 19 49.63 53.94 6.04
CA THR H 19 48.49 53.04 6.16
C THR H 19 48.67 52.13 7.37
N ILE H 20 47.55 51.81 8.02
CA ILE H 20 47.52 50.94 9.19
C ILE H 20 46.49 49.85 8.93
N SER H 21 46.86 48.61 9.24
CA SER H 21 46.04 47.43 8.96
C SER H 21 45.31 46.97 10.21
N CYS H 22 44.22 46.24 9.98
CA CYS H 22 43.44 45.64 11.07
C CYS H 22 42.70 44.45 10.49
N THR H 23 42.94 43.26 11.03
CA THR H 23 42.47 42.02 10.44
C THR H 23 41.74 41.18 11.47
N GLY H 24 40.90 40.27 10.96
CA GLY H 24 40.16 39.35 11.81
C GLY H 24 39.69 38.17 10.99
N THR H 25 39.01 37.25 11.67
CA THR H 25 38.52 36.05 11.02
C THR H 25 37.39 36.41 10.04
N SER H 26 36.92 35.40 9.31
CA SER H 26 35.88 35.62 8.31
C SER H 26 34.58 36.09 8.95
N SER H 27 34.21 35.51 10.09
CA SER H 27 32.94 35.86 10.73
C SER H 27 32.92 37.32 11.16
N ASP H 28 34.05 37.81 11.69
CA ASP H 28 34.09 39.17 12.21
C ASP H 28 33.94 40.20 11.08
N VAL H 29 34.85 40.15 10.10
CA VAL H 29 34.92 41.17 9.06
C VAL H 29 34.81 40.58 7.65
N GLY H 30 35.11 39.30 7.45
CA GLY H 30 35.08 38.73 6.13
C GLY H 30 33.70 38.63 5.52
N SER H 31 32.74 38.14 6.31
CA SER H 31 31.40 37.88 5.79
C SER H 31 30.49 39.11 5.79
N TYR H 32 30.93 40.23 6.39
CA TYR H 32 30.12 41.43 6.46
C TYR H 32 30.98 42.64 6.09
N ASN H 33 30.31 43.68 5.62
CA ASN H 33 30.96 44.94 5.24
C ASN H 33 30.87 46.00 6.32
N LEU H 34 30.42 45.63 7.52
CA LEU H 34 30.23 46.59 8.62
C LEU H 34 31.54 46.74 9.37
N VAL H 35 32.29 47.79 9.04
CA VAL H 35 33.54 48.13 9.72
C VAL H 35 33.52 49.62 10.02
N SER H 36 34.26 50.01 11.06
CA SER H 36 34.34 51.41 11.43
C SER H 36 35.69 51.69 12.09
N TRP H 37 36.21 52.89 11.85
CA TRP H 37 37.46 53.36 12.43
C TRP H 37 37.18 54.56 13.31
N TYR H 38 37.73 54.54 14.52
CA TYR H 38 37.48 55.57 15.53
C TYR H 38 38.80 56.23 15.93
N GLN H 39 38.76 57.57 15.98
CA GLN H 39 39.89 58.38 16.42
C GLN H 39 39.61 58.87 17.83
N GLN H 40 40.59 58.71 18.72
CA GLN H 40 40.45 59.05 20.13
C GLN H 40 41.69 59.82 20.57
N HIS H 41 41.51 61.08 20.94
CA HIS H 41 42.55 61.83 21.61
C HIS H 41 42.54 61.52 23.10
N PRO H 42 43.62 61.80 23.82
CA PRO H 42 43.62 61.58 25.27
C PRO H 42 42.54 62.42 25.94
N GLY H 43 41.88 61.82 26.94
CA GLY H 43 40.87 62.53 27.71
C GLY H 43 39.53 62.61 27.02
N LYS H 44 39.48 63.23 25.85
CA LYS H 44 38.21 63.45 25.16
C LYS H 44 37.66 62.13 24.62
N ALA H 45 36.38 62.16 24.28
CA ALA H 45 35.69 60.98 23.77
C ALA H 45 36.11 60.67 22.35
N PRO H 46 36.01 59.41 21.92
CA PRO H 46 36.41 59.06 20.55
C PRO H 46 35.44 59.61 19.51
N LYS H 47 35.96 59.80 18.30
CA LYS H 47 35.18 60.24 17.15
C LYS H 47 35.42 59.28 16.00
N LEU H 48 34.34 58.96 15.28
CA LEU H 48 34.42 58.02 14.17
C LEU H 48 34.78 58.75 12.88
N MET H 49 35.32 58.00 11.92
CA MET H 49 35.93 58.57 10.72
C MET H 49 35.42 57.99 9.41
N ILE H 50 34.69 56.88 9.42
CA ILE H 50 34.28 56.23 8.18
C ILE H 50 33.05 55.38 8.45
N TYR H 51 32.15 55.32 7.46
CA TYR H 51 30.98 54.45 7.50
C TYR H 51 31.18 53.30 6.53
N GLU H 52 31.08 52.07 7.04
CA GLU H 52 31.17 50.86 6.22
C GLU H 52 32.48 50.80 5.41
N VAL H 53 33.51 51.48 5.92
CA VAL H 53 34.87 51.47 5.36
C VAL H 53 35.00 52.30 4.09
N SER H 54 33.88 52.70 3.48
CA SER H 54 33.89 53.40 2.20
C SER H 54 33.27 54.78 2.26
N LYS H 55 32.07 54.90 2.82
CA LYS H 55 31.36 56.18 2.82
C LYS H 55 31.94 57.11 3.89
N ARG H 56 32.24 58.35 3.49
CA ARG H 56 32.85 59.31 4.39
C ARG H 56 31.79 59.99 5.26
N PRO H 57 32.14 60.40 6.48
CA PRO H 57 31.20 61.19 7.28
C PRO H 57 31.10 62.62 6.79
N SER H 58 30.05 63.30 7.25
CA SER H 58 29.87 64.71 6.95
C SER H 58 30.70 65.57 7.89
N GLY H 59 31.32 66.61 7.34
CA GLY H 59 32.16 67.49 8.11
C GLY H 59 33.58 67.00 8.33
N VAL H 60 33.96 65.89 7.71
CA VAL H 60 35.29 65.31 7.85
C VAL H 60 36.05 65.55 6.55
N SER H 61 37.31 65.94 6.67
CA SER H 61 38.12 66.25 5.50
C SER H 61 38.35 64.99 4.66
N ASN H 62 38.95 65.19 3.49
CA ASN H 62 39.20 64.12 2.54
C ASN H 62 40.56 63.46 2.73
N ARG H 63 41.32 63.86 3.75
CA ARG H 63 42.65 63.30 3.94
C ARG H 63 42.62 61.82 4.29
N PHE H 64 41.61 61.39 5.05
CA PHE H 64 41.52 60.01 5.48
C PHE H 64 40.80 59.16 4.43
N SER H 65 41.09 57.86 4.45
CA SER H 65 40.42 56.92 3.56
C SER H 65 40.55 55.53 4.16
N GLY H 66 39.74 54.61 3.65
CA GLY H 66 39.78 53.23 4.13
C GLY H 66 39.31 52.27 3.07
N SER H 67 39.81 51.04 3.16
CA SER H 67 39.45 50.02 2.18
C SER H 67 39.64 48.63 2.79
N LYS H 68 38.73 47.73 2.43
CA LYS H 68 38.76 46.35 2.90
C LYS H 68 39.10 45.40 1.76
N SER H 69 39.85 44.36 2.08
CA SER H 69 40.21 43.32 1.12
C SER H 69 40.31 42.00 1.85
N GLY H 70 39.68 40.97 1.32
CA GLY H 70 39.74 39.65 1.91
C GLY H 70 39.23 39.63 3.34
N ASN H 71 40.15 39.45 4.28
CA ASN H 71 39.84 39.43 5.71
C ASN H 71 40.60 40.51 6.48
N THR H 72 40.97 41.61 5.82
CA THR H 72 41.72 42.67 6.46
C THR H 72 41.33 44.03 5.89
N ALA H 73 41.20 45.02 6.77
CA ALA H 73 40.91 46.39 6.39
C ALA H 73 42.15 47.25 6.62
N SER H 74 42.22 48.35 5.88
CA SER H 74 43.35 49.27 5.96
C SER H 74 42.82 50.69 5.99
N LEU H 75 43.33 51.48 6.94
CA LEU H 75 43.03 52.89 7.05
C LEU H 75 44.26 53.66 6.58
N THR H 76 44.08 54.51 5.57
CA THR H 76 45.16 55.27 4.96
C THR H 76 44.98 56.75 5.26
N ILE H 77 46.09 57.41 5.61
CA ILE H 77 46.12 58.84 5.88
C ILE H 77 47.11 59.46 4.90
N SER H 78 46.65 60.46 4.15
CA SER H 78 47.47 61.18 3.18
C SER H 78 47.60 62.63 3.63
N GLY H 79 48.81 63.17 3.54
CA GLY H 79 49.07 64.52 4.00
C GLY H 79 49.03 64.61 5.51
N LEU H 80 49.96 63.94 6.18
CA LEU H 80 49.98 63.93 7.63
C LEU H 80 50.22 65.34 8.18
N GLN H 81 49.57 65.64 9.31
CA GLN H 81 49.73 66.91 9.99
C GLN H 81 49.77 66.65 11.49
N ALA H 82 49.93 67.72 12.26
CA ALA H 82 49.99 67.62 13.72
C ALA H 82 48.66 67.24 14.35
N GLU H 83 47.55 67.36 13.60
CA GLU H 83 46.23 67.05 14.14
C GLU H 83 45.95 65.55 14.19
N ASP H 84 46.77 64.72 13.56
CA ASP H 84 46.56 63.28 13.51
C ASP H 84 47.20 62.55 14.70
N GLU H 85 47.84 63.27 15.62
CA GLU H 85 48.48 62.62 16.76
C GLU H 85 47.43 62.18 17.76
N ALA H 86 46.98 60.93 17.67
CA ALA H 86 45.96 60.38 18.54
C ALA H 86 45.92 58.87 18.33
N ASP H 87 45.02 58.20 19.05
CA ASP H 87 44.85 56.76 18.95
C ASP H 87 43.79 56.43 17.92
N TYR H 88 43.98 55.29 17.25
CA TYR H 88 43.06 54.81 16.22
C TYR H 88 42.65 53.38 16.54
N TYR H 89 41.34 53.11 16.48
CA TYR H 89 40.77 51.81 16.78
C TYR H 89 39.91 51.36 15.61
N CYS H 90 39.82 50.04 15.43
CA CYS H 90 38.94 49.42 14.44
C CYS H 90 37.90 48.57 15.15
N CYS H 91 36.63 48.75 14.79
CA CYS H 91 35.55 47.98 15.37
C CYS H 91 34.66 47.44 14.24
N SER H 92 33.95 46.37 14.54
CA SER H 92 33.16 45.67 13.54
C SER H 92 32.04 44.89 14.22
N TYR H 93 31.23 44.23 13.40
CA TYR H 93 30.07 43.48 13.86
C TYR H 93 30.40 41.99 13.88
N ALA H 94 30.19 41.35 15.04
CA ALA H 94 30.66 40.00 15.29
C ALA H 94 29.55 38.96 15.17
N GLY H 95 28.37 39.34 14.69
CA GLY H 95 27.27 38.40 14.58
C GLY H 95 26.45 38.31 15.85
N SER H 96 25.20 37.88 15.72
CA SER H 96 24.29 37.73 16.86
C SER H 96 24.10 39.04 17.61
N SER H 97 24.11 40.16 16.87
CA SER H 97 23.90 41.49 17.45
C SER H 97 24.95 41.80 18.51
N THR H 98 26.22 41.78 18.08
CA THR H 98 27.34 42.12 18.95
C THR H 98 28.34 42.96 18.16
N VAL H 99 29.10 43.79 18.89
CA VAL H 99 30.09 44.68 18.32
C VAL H 99 31.41 44.41 19.04
N ILE H 100 32.49 44.27 18.26
CA ILE H 100 33.82 43.99 18.79
C ILE H 100 34.78 45.08 18.35
N PHE H 101 35.56 45.58 19.29
CA PHE H 101 36.55 46.64 19.06
C PHE H 101 37.95 46.04 19.01
N GLY H 102 38.82 46.69 18.24
CA GLY H 102 40.19 46.23 18.09
C GLY H 102 41.09 46.69 19.22
N GLY H 103 42.35 46.23 19.16
CA GLY H 103 43.31 46.58 20.18
C GLY H 103 43.66 48.06 20.19
N GLY H 104 43.83 48.64 19.01
CA GLY H 104 44.16 50.04 18.88
C GLY H 104 45.65 50.26 18.64
N THR H 105 45.97 51.48 18.19
CA THR H 105 47.34 51.86 17.86
C THR H 105 47.56 53.31 18.26
N LYS H 106 48.80 53.78 18.07
CA LYS H 106 49.17 55.17 18.27
C LYS H 106 49.95 55.64 17.06
N LEU H 107 49.66 56.86 16.61
CA LEU H 107 50.30 57.45 15.44
C LEU H 107 51.23 58.57 15.90
N THR H 108 52.47 58.53 15.42
CA THR H 108 53.48 59.53 15.74
C THR H 108 53.91 60.26 14.48
N VAL H 109 54.22 61.54 14.63
CA VAL H 109 54.61 62.40 13.52
C VAL H 109 56.10 62.70 13.66
N LEU H 110 56.87 62.40 12.62
CA LEU H 110 58.30 62.67 12.63
C LEU H 110 58.57 64.17 12.52
N GLY H 111 59.71 64.58 13.02
CA GLY H 111 60.11 65.98 12.98
C GLY H 111 59.47 66.80 14.09
N GLU I 2 26.58 -5.89 -63.70
CA GLU I 2 27.30 -4.63 -63.57
C GLU I 2 26.58 -3.70 -62.59
N ASN I 3 25.46 -3.13 -63.04
CA ASN I 3 24.68 -2.25 -62.17
C ASN I 3 24.08 -3.04 -61.03
N LEU I 4 24.04 -2.42 -59.85
CA LEU I 4 23.56 -3.05 -58.63
C LEU I 4 22.55 -2.14 -57.95
N TRP I 5 21.58 -2.75 -57.27
CA TRP I 5 20.46 -2.04 -56.69
C TRP I 5 20.21 -2.53 -55.26
N VAL I 6 19.53 -1.68 -54.49
CA VAL I 6 19.31 -1.93 -53.07
C VAL I 6 18.34 -3.10 -52.89
N THR I 7 18.49 -3.81 -51.78
CA THR I 7 17.55 -4.84 -51.36
C THR I 7 17.53 -4.88 -49.85
N VAL I 8 16.33 -5.03 -49.28
CA VAL I 8 16.12 -4.98 -47.84
C VAL I 8 15.88 -6.41 -47.34
N TYR I 9 16.53 -6.75 -46.24
CA TYR I 9 16.44 -8.07 -45.63
C TYR I 9 15.90 -7.93 -44.20
N TYR I 10 14.91 -8.74 -43.87
CA TYR I 10 14.31 -8.76 -42.55
C TYR I 10 14.67 -10.07 -41.85
N GLY I 11 15.10 -9.96 -40.60
CA GLY I 11 15.55 -11.11 -39.85
C GLY I 11 17.04 -11.33 -39.84
N VAL I 12 17.83 -10.38 -40.32
CA VAL I 12 19.29 -10.53 -40.34
C VAL I 12 19.81 -10.52 -38.91
N PRO I 13 20.64 -11.48 -38.49
CA PRO I 13 21.11 -11.48 -37.10
C PRO I 13 22.20 -10.43 -36.89
N VAL I 14 21.91 -9.45 -36.02
CA VAL I 14 22.87 -8.42 -35.64
C VAL I 14 22.74 -8.21 -34.14
N TRP I 15 23.88 -7.98 -33.48
CA TRP I 15 23.94 -7.83 -32.03
C TRP I 15 24.33 -6.40 -31.70
N LYS I 16 23.62 -5.81 -30.73
CA LYS I 16 23.99 -4.50 -30.19
C LYS I 16 23.86 -4.54 -28.69
N GLU I 17 24.95 -4.31 -27.97
CA GLU I 17 24.90 -4.34 -26.52
C GLU I 17 24.12 -3.13 -25.99
N ALA I 18 23.18 -3.39 -25.10
CA ALA I 18 22.31 -2.34 -24.57
C ALA I 18 21.68 -2.84 -23.28
N LYS I 19 21.03 -1.92 -22.58
CA LYS I 19 20.39 -2.21 -21.30
C LYS I 19 18.97 -2.71 -21.52
N THR I 20 18.51 -3.53 -20.59
CA THR I 20 17.16 -4.10 -20.64
C THR I 20 16.88 -4.76 -19.29
N THR I 21 15.71 -5.39 -19.19
CA THR I 21 15.27 -6.08 -17.99
C THR I 21 15.12 -7.57 -18.26
N LEU I 22 15.38 -8.37 -17.22
CA LEU I 22 15.37 -9.82 -17.30
C LEU I 22 14.28 -10.38 -16.39
N PHE I 23 13.87 -11.60 -16.69
CA PHE I 23 12.87 -12.33 -15.90
C PHE I 23 13.56 -13.43 -15.11
N CYS I 24 12.89 -13.90 -14.07
CA CYS I 24 13.38 -14.98 -13.23
C CYS I 24 12.47 -16.19 -13.35
N ALA I 25 13.08 -17.38 -13.38
CA ALA I 25 12.37 -18.64 -13.47
C ALA I 25 12.98 -19.62 -12.48
N SER I 26 12.18 -20.60 -12.06
CA SER I 26 12.62 -21.59 -11.08
C SER I 26 11.96 -22.92 -11.38
N ASP I 27 12.54 -23.98 -10.82
CA ASP I 27 11.99 -25.31 -11.03
C ASP I 27 10.62 -25.44 -10.37
N ALA I 28 9.80 -26.34 -10.92
CA ALA I 28 8.43 -26.50 -10.47
C ALA I 28 8.32 -27.12 -9.07
N ARG I 29 9.42 -27.63 -8.50
CA ARG I 29 9.35 -28.22 -7.17
C ARG I 29 8.92 -27.18 -6.13
N ALA I 30 9.34 -25.93 -6.31
CA ALA I 30 8.93 -24.87 -5.39
C ALA I 30 7.43 -24.64 -5.43
N TYR I 31 6.83 -24.72 -6.63
CA TYR I 31 5.39 -24.55 -6.75
C TYR I 31 4.60 -25.67 -6.07
N GLU I 32 5.24 -26.81 -5.80
CA GLU I 32 4.56 -27.90 -5.13
C GLU I 32 4.09 -27.50 -3.74
N LYS I 33 4.90 -26.74 -3.01
CA LYS I 33 4.52 -26.30 -1.68
C LYS I 33 3.30 -25.42 -1.73
N GLU I 34 2.35 -25.67 -0.83
CA GLU I 34 1.10 -24.92 -0.84
C GLU I 34 1.34 -23.45 -0.53
N VAL I 35 2.14 -23.15 0.48
CA VAL I 35 2.39 -21.77 0.89
C VAL I 35 3.66 -21.74 1.73
N HIS I 36 4.29 -20.58 1.80
CA HIS I 36 5.47 -20.35 2.63
C HIS I 36 6.62 -21.26 2.21
N ASN I 37 7.01 -21.11 0.94
CA ASN I 37 8.14 -21.83 0.36
C ASN I 37 8.98 -20.83 -0.42
N VAL I 38 9.96 -20.23 0.26
CA VAL I 38 10.91 -19.31 -0.36
C VAL I 38 10.18 -18.12 -0.99
N TRP I 39 10.77 -17.53 -2.05
CA TRP I 39 10.13 -16.50 -2.84
C TRP I 39 10.12 -16.79 -4.34
N ALA I 40 10.86 -17.80 -4.80
CA ALA I 40 10.87 -18.12 -6.23
C ALA I 40 9.49 -18.53 -6.71
N THR I 41 8.79 -19.37 -5.94
CA THR I 41 7.45 -19.80 -6.33
C THR I 41 6.49 -18.63 -6.43
N HIS I 42 6.69 -17.59 -5.62
CA HIS I 42 5.80 -16.43 -5.63
C HIS I 42 6.16 -15.43 -6.71
N ALA I 43 7.45 -15.32 -7.07
CA ALA I 43 7.93 -14.24 -7.92
C ALA I 43 8.55 -14.68 -9.24
N CYS I 44 8.59 -15.98 -9.54
CA CYS I 44 9.25 -16.48 -10.74
C CYS I 44 8.38 -17.53 -11.42
N VAL I 45 8.78 -17.87 -12.64
CA VAL I 45 7.98 -18.72 -13.54
C VAL I 45 8.57 -20.12 -13.55
N PRO I 46 7.78 -21.17 -13.82
CA PRO I 46 8.38 -22.48 -14.10
C PRO I 46 9.31 -22.40 -15.30
N THR I 47 10.41 -23.14 -15.22
CA THR I 47 11.48 -23.10 -16.20
C THR I 47 11.50 -24.38 -17.02
N ASP I 48 12.48 -24.47 -17.92
CA ASP I 48 12.67 -25.62 -18.79
C ASP I 48 14.12 -25.64 -19.27
N PRO I 49 14.88 -26.74 -19.06
CA PRO I 49 16.26 -26.75 -19.56
C PRO I 49 16.36 -26.55 -21.06
N SER I 50 15.41 -27.07 -21.83
CA SER I 50 15.42 -26.87 -23.27
C SER I 50 15.17 -25.40 -23.60
N PRO I 51 15.77 -24.88 -24.69
CA PRO I 51 16.68 -25.52 -25.65
C PRO I 51 18.12 -25.59 -25.14
N GLN I 52 18.96 -26.39 -25.78
CA GLN I 52 20.36 -26.49 -25.38
C GLN I 52 21.12 -25.23 -25.79
N GLU I 53 22.31 -25.07 -25.21
CA GLU I 53 23.15 -23.92 -25.55
C GLU I 53 23.75 -24.10 -26.93
N LEU I 54 23.09 -23.56 -27.95
CA LEU I 54 23.59 -23.68 -29.32
C LEU I 54 24.90 -22.93 -29.48
N VAL I 55 25.84 -23.55 -30.18
CA VAL I 55 27.16 -22.97 -30.41
C VAL I 55 27.22 -22.42 -31.82
N LEU I 56 27.72 -21.19 -31.94
CA LEU I 56 27.82 -20.53 -33.23
C LEU I 56 29.11 -20.92 -33.94
N GLY I 57 29.08 -20.91 -35.26
CA GLY I 57 30.20 -21.39 -36.06
C GLY I 57 31.47 -20.60 -35.89
N ASN I 58 31.46 -19.33 -36.32
CA ASN I 58 32.64 -18.47 -36.26
C ASN I 58 32.18 -17.09 -35.85
N VAL I 59 32.47 -16.71 -34.60
CA VAL I 59 32.06 -15.43 -34.05
C VAL I 59 33.20 -14.83 -33.25
N THR I 60 33.14 -13.51 -33.06
CA THR I 60 34.09 -12.78 -32.23
C THR I 60 33.35 -11.70 -31.48
N GLU I 61 33.67 -11.55 -30.19
CA GLU I 61 32.98 -10.60 -29.34
C GLU I 61 33.91 -10.17 -28.21
N ASN I 62 33.55 -9.06 -27.56
CA ASN I 62 34.29 -8.51 -26.43
C ASN I 62 33.41 -8.60 -25.20
N PHE I 63 33.96 -9.16 -24.12
CA PHE I 63 33.25 -9.37 -22.87
C PHE I 63 33.85 -8.50 -21.78
N ASN I 64 32.98 -7.85 -21.01
CA ASN I 64 33.38 -7.04 -19.86
C ASN I 64 32.58 -7.49 -18.66
N MET I 65 33.27 -7.72 -17.54
CA MET I 65 32.66 -8.22 -16.32
C MET I 65 32.27 -7.10 -15.36
N TRP I 66 33.19 -6.16 -15.11
CA TRP I 66 32.93 -5.13 -14.12
C TRP I 66 31.95 -4.08 -14.64
N LYS I 67 32.04 -3.72 -15.91
CA LYS I 67 31.16 -2.71 -16.51
C LYS I 67 29.89 -3.40 -17.01
N ASN I 68 29.06 -3.82 -16.06
CA ASN I 68 27.80 -4.48 -16.35
C ASN I 68 26.74 -4.01 -15.36
N ASP I 69 25.49 -3.97 -15.82
CA ASP I 69 24.37 -3.52 -15.00
C ASP I 69 23.45 -4.65 -14.55
N MET I 70 23.68 -5.89 -14.98
CA MET I 70 22.82 -6.99 -14.57
C MET I 70 22.91 -7.21 -13.06
N VAL I 71 24.11 -7.09 -12.49
CA VAL I 71 24.28 -7.29 -11.06
C VAL I 71 23.49 -6.24 -10.28
N ASP I 72 23.47 -5.00 -10.77
CA ASP I 72 22.70 -3.95 -10.11
C ASP I 72 21.20 -4.29 -10.15
N GLN I 73 20.72 -4.78 -11.29
CA GLN I 73 19.31 -5.16 -11.38
C GLN I 73 18.99 -6.31 -10.42
N MET I 74 19.89 -7.29 -10.33
CA MET I 74 19.66 -8.40 -9.40
C MET I 74 19.64 -7.90 -7.96
N HIS I 75 20.55 -6.99 -7.61
CA HIS I 75 20.57 -6.44 -6.26
C HIS I 75 19.28 -5.68 -5.96
N GLU I 76 18.81 -4.88 -6.91
CA GLU I 76 17.57 -4.14 -6.70
C GLU I 76 16.39 -5.09 -6.54
N ASP I 77 16.33 -6.14 -7.35
CA ASP I 77 15.23 -7.10 -7.24
C ASP I 77 15.26 -7.81 -5.90
N ILE I 78 16.45 -8.22 -5.45
CA ILE I 78 16.55 -8.91 -4.16
C ILE I 78 16.16 -7.97 -3.02
N ILE I 79 16.59 -6.72 -3.10
CA ILE I 79 16.25 -5.75 -2.06
C ILE I 79 14.74 -5.54 -2.01
N SER I 80 14.11 -5.37 -3.17
CA SER I 80 12.67 -5.16 -3.20
C SER I 80 11.93 -6.38 -2.66
N LEU I 81 12.37 -7.59 -3.03
CA LEU I 81 11.73 -8.80 -2.53
C LEU I 81 11.87 -8.90 -1.01
N TRP I 82 13.06 -8.62 -0.49
CA TRP I 82 13.28 -8.71 0.94
C TRP I 82 12.43 -7.69 1.69
N ASP I 83 12.33 -6.47 1.16
CA ASP I 83 11.50 -5.45 1.80
C ASP I 83 10.03 -5.84 1.77
N GLN I 84 9.57 -6.39 0.65
CA GLN I 84 8.15 -6.75 0.52
C GLN I 84 7.80 -7.93 1.42
N SER I 85 8.72 -8.88 1.58
CA SER I 85 8.41 -10.09 2.32
C SER I 85 8.10 -9.84 3.79
N LEU I 86 8.61 -8.75 4.37
CA LEU I 86 8.44 -8.47 5.79
C LEU I 86 7.22 -7.60 6.09
N LYS I 87 6.45 -7.21 5.07
CA LYS I 87 5.29 -6.34 5.32
C LYS I 87 4.24 -6.99 6.21
N PRO I 88 3.77 -8.22 5.97
CA PRO I 88 2.69 -8.75 6.80
C PRO I 88 3.13 -9.25 8.16
N CYS I 89 4.40 -9.62 8.33
CA CYS I 89 4.86 -10.17 9.60
C CYS I 89 4.80 -9.11 10.69
N VAL I 90 4.60 -9.57 11.93
CA VAL I 90 4.47 -8.66 13.06
C VAL I 90 5.72 -7.81 13.19
N LYS I 91 5.52 -6.50 13.38
CA LYS I 91 6.62 -5.54 13.45
C LYS I 91 7.07 -5.25 14.87
N LEU I 92 6.46 -5.87 15.87
CA LEU I 92 6.79 -5.63 17.29
C LEU I 92 6.58 -4.14 17.57
N THR I 93 7.44 -3.50 18.39
CA THR I 93 7.52 -2.10 18.83
C THR I 93 7.28 -1.95 20.33
N PRO I 94 6.31 -2.68 20.99
CA PRO I 94 6.11 -2.52 22.44
C PRO I 94 7.03 -3.42 23.27
N LEU I 95 8.31 -3.43 22.91
CA LEU I 95 9.28 -4.33 23.52
C LEU I 95 10.58 -3.65 23.93
N CYS I 96 10.77 -2.37 23.60
CA CYS I 96 11.97 -1.65 23.97
C CYS I 96 11.85 -0.96 25.33
N VAL I 97 10.99 -1.47 26.22
CA VAL I 97 10.83 -0.92 27.55
C VAL I 97 12.08 -1.22 28.36
N THR I 98 12.22 -0.58 29.52
CA THR I 98 13.36 -0.80 30.39
C THR I 98 13.45 -2.26 30.82
N LEU I 99 14.53 -2.94 30.45
CA LEU I 99 14.73 -4.34 30.77
C LEU I 99 15.62 -4.46 32.00
N ILE I 100 15.19 -5.25 32.98
CA ILE I 100 15.97 -5.54 34.17
C ILE I 100 16.68 -6.87 33.92
N CYS I 101 17.99 -6.80 33.68
CA CYS I 101 18.78 -7.95 33.26
C CYS I 101 19.73 -8.39 34.37
N SER I 102 19.87 -9.71 34.52
CA SER I 102 20.77 -10.31 35.49
C SER I 102 21.56 -11.42 34.80
N ASP I 103 22.56 -11.92 35.50
CA ASP I 103 23.40 -12.99 34.97
C ASP I 103 22.57 -14.26 34.77
N ALA I 104 22.80 -14.93 33.66
CA ALA I 104 22.08 -16.15 33.33
C ALA I 104 22.59 -17.29 34.22
N THR I 105 21.66 -17.99 34.87
CA THR I 105 21.99 -19.12 35.74
C THR I 105 21.03 -20.25 35.42
N VAL I 106 21.41 -21.11 34.49
CA VAL I 106 20.59 -22.25 34.12
C VAL I 106 20.74 -23.36 35.16
N LYS I 107 19.79 -24.29 35.15
CA LYS I 107 19.82 -25.40 36.10
C LYS I 107 21.09 -26.24 35.95
N THR I 108 21.58 -26.41 34.73
CA THR I 108 22.77 -27.22 34.48
C THR I 108 24.08 -26.48 34.72
N GLY I 109 24.04 -25.16 34.93
CA GLY I 109 25.24 -24.40 35.17
C GLY I 109 25.07 -22.91 34.94
N THR I 110 25.98 -22.31 34.18
CA THR I 110 25.92 -20.90 33.87
C THR I 110 26.49 -20.67 32.47
N VAL I 111 26.01 -19.60 31.83
CA VAL I 111 26.44 -19.23 30.48
C VAL I 111 26.78 -17.74 30.47
N GLU I 112 27.90 -17.40 29.82
CA GLU I 112 28.38 -16.02 29.79
C GLU I 112 27.85 -15.23 28.59
N GLU I 113 27.32 -15.89 27.57
CA GLU I 113 26.89 -15.23 26.35
C GLU I 113 25.41 -14.81 26.38
N MET I 114 24.72 -15.02 27.49
CA MET I 114 23.30 -14.70 27.60
C MET I 114 23.01 -13.98 28.91
N LYS I 115 21.94 -13.19 28.91
CA LYS I 115 21.48 -12.48 30.10
C LYS I 115 19.98 -12.68 30.25
N ASN I 116 19.55 -12.82 31.50
CA ASN I 116 18.16 -13.14 31.86
C ASN I 116 17.43 -11.83 32.13
N CYS I 117 16.80 -11.27 31.10
CA CYS I 117 16.15 -9.98 31.20
C CYS I 117 14.66 -10.15 31.44
N SER I 118 14.13 -9.43 32.42
CA SER I 118 12.72 -9.42 32.76
C SER I 118 12.16 -8.03 32.51
N PHE I 119 10.91 -7.99 32.06
CA PHE I 119 10.26 -6.72 31.71
C PHE I 119 8.75 -6.91 31.70
N ASN I 120 8.05 -5.79 31.75
CA ASN I 120 6.59 -5.79 31.73
C ASN I 120 6.09 -5.74 30.30
N THR I 121 5.06 -6.53 30.01
CA THR I 121 4.45 -6.59 28.68
C THR I 121 2.94 -6.49 28.82
N THR I 122 2.31 -5.88 27.82
CA THR I 122 0.86 -5.72 27.80
C THR I 122 0.20 -7.03 27.37
N THR I 123 -0.82 -7.44 28.11
CA THR I 123 -1.54 -8.67 27.82
C THR I 123 -2.55 -8.41 26.69
N GLU I 124 -3.47 -9.34 26.49
CA GLU I 124 -4.53 -9.15 25.49
C GLU I 124 -5.34 -7.90 25.79
N ILE I 125 -5.47 -7.51 27.06
CA ILE I 125 -6.09 -6.25 27.41
C ILE I 125 -5.22 -5.10 26.94
N ARG I 126 -5.85 -4.05 26.40
CA ARG I 126 -5.10 -2.92 25.87
C ARG I 126 -4.30 -2.23 26.97
N ASP I 127 -4.89 -2.07 28.16
CA ASP I 127 -4.22 -1.44 29.31
C ASP I 127 -4.21 -2.44 30.47
N LYS I 128 -3.20 -3.31 30.48
CA LYS I 128 -2.94 -4.22 31.58
C LYS I 128 -1.58 -4.88 31.34
N GLU I 129 -0.70 -4.86 32.34
CA GLU I 129 0.67 -5.33 32.18
C GLU I 129 0.97 -6.48 33.12
N LYS I 130 1.80 -7.41 32.64
CA LYS I 130 2.29 -8.51 33.46
C LYS I 130 3.78 -8.70 33.19
N LYS I 131 4.47 -9.26 34.18
CA LYS I 131 5.90 -9.49 34.08
C LYS I 131 6.19 -10.70 33.21
N GLU I 132 7.29 -10.63 32.45
CA GLU I 132 7.75 -11.74 31.63
C GLU I 132 9.27 -11.72 31.63
N TYR I 133 9.86 -12.87 31.26
CA TYR I 133 11.30 -13.04 31.27
C TYR I 133 11.75 -13.66 29.95
N ALA I 134 13.00 -13.41 29.59
CA ALA I 134 13.57 -14.01 28.39
C ALA I 134 15.09 -13.89 28.44
N LEU I 135 15.76 -14.81 27.77
CA LEU I 135 17.22 -14.81 27.66
C LEU I 135 17.62 -14.12 26.35
N PHE I 136 18.54 -13.17 26.46
CA PHE I 136 18.99 -12.38 25.31
C PHE I 136 20.51 -12.41 25.21
N TYR I 137 21.00 -12.45 23.99
CA TYR I 137 22.44 -12.44 23.75
C TYR I 137 23.03 -11.08 24.08
N LYS I 138 24.27 -11.09 24.53
CA LYS I 138 24.92 -9.85 24.98
C LYS I 138 25.04 -8.80 23.88
N PRO I 139 25.42 -9.12 22.63
CA PRO I 139 25.55 -8.05 21.62
C PRO I 139 24.27 -7.28 21.38
N ASP I 140 23.11 -7.89 21.61
CA ASP I 140 21.82 -7.21 21.47
C ASP I 140 21.44 -6.42 22.71
N ILE I 141 22.33 -6.31 23.70
CA ILE I 141 22.07 -5.60 24.94
C ILE I 141 23.06 -4.45 25.06
N VAL I 142 22.54 -3.27 25.39
CA VAL I 142 23.34 -2.05 25.49
C VAL I 142 22.97 -1.33 26.78
N PRO I 143 23.92 -0.71 27.50
CA PRO I 143 23.53 0.09 28.67
C PRO I 143 22.62 1.24 28.29
N LEU I 144 21.68 1.56 29.19
CA LEU I 144 20.63 2.51 28.86
C LEU I 144 21.16 3.93 28.77
N SER I 145 21.69 4.44 29.89
CA SER I 145 22.08 5.84 29.99
C SER I 145 23.45 5.95 30.65
N GLU I 146 23.97 7.17 30.69
CA GLU I 146 25.29 7.41 31.30
C GLU I 146 25.29 7.03 32.77
N THR I 147 24.15 7.12 33.45
CA THR I 147 24.06 6.73 34.84
C THR I 147 24.43 5.26 34.99
N ASN I 148 25.54 4.98 35.69
CA ASN I 148 26.09 3.63 35.76
C ASN I 148 25.28 2.79 36.74
N ASN I 149 24.08 2.42 36.30
CA ASN I 149 23.20 1.50 37.02
C ASN I 149 23.23 0.18 36.27
N THR I 150 23.99 -0.78 36.79
CA THR I 150 24.24 -2.03 36.07
C THR I 150 23.02 -2.91 35.95
N SER I 151 21.93 -2.62 36.68
CA SER I 151 20.73 -3.44 36.63
C SER I 151 19.79 -3.06 35.49
N GLU I 152 20.03 -1.95 34.80
CA GLU I 152 19.19 -1.47 33.72
C GLU I 152 19.90 -1.63 32.39
N TYR I 153 19.15 -2.02 31.37
CA TYR I 153 19.70 -2.23 30.02
C TYR I 153 18.62 -1.95 28.99
N ARG I 154 19.03 -1.89 27.73
CA ARG I 154 18.12 -1.67 26.63
C ARG I 154 18.62 -2.43 25.41
N LEU I 155 17.70 -2.81 24.54
CA LEU I 155 18.08 -3.38 23.25
C LEU I 155 18.91 -2.37 22.47
N ILE I 156 19.67 -2.87 21.50
CA ILE I 156 20.46 -2.00 20.64
C ILE I 156 19.54 -1.50 19.53
N ASN I 157 18.69 -0.54 19.86
CA ASN I 157 17.65 -0.05 18.97
C ASN I 157 17.16 1.29 19.51
N CYS I 158 16.26 1.92 18.77
CA CYS I 158 15.64 3.22 19.07
C CYS I 158 16.59 4.40 18.84
N ASN I 159 17.85 4.15 18.45
CA ASN I 159 18.78 5.21 18.11
C ASN I 159 18.97 5.35 16.61
N THR I 160 18.67 4.30 15.83
CA THR I 160 18.79 4.32 14.38
C THR I 160 17.45 4.23 13.68
N SER I 161 16.65 3.22 13.99
CA SER I 161 15.34 3.03 13.37
C SER I 161 14.60 1.95 14.14
N ALA I 162 13.38 1.66 13.70
CA ALA I 162 12.55 0.64 14.32
C ALA I 162 12.98 -0.74 13.82
N CYS I 163 12.19 -1.76 14.15
CA CYS I 163 12.53 -3.14 13.81
C CYS I 163 11.25 -3.89 13.45
N THR I 164 11.44 -5.06 12.84
CA THR I 164 10.33 -5.93 12.48
C THR I 164 10.79 -7.39 12.58
N GLN I 165 9.85 -8.25 12.96
CA GLN I 165 10.13 -9.68 13.10
C GLN I 165 9.73 -10.42 11.83
N ALA I 166 10.64 -11.23 11.32
CA ALA I 166 10.35 -12.05 10.15
C ALA I 166 9.34 -13.13 10.50
N CYS I 167 8.53 -13.51 9.52
CA CYS I 167 7.55 -14.57 9.75
C CYS I 167 8.27 -15.89 10.01
N PRO I 168 7.66 -16.80 10.80
CA PRO I 168 8.34 -18.07 11.10
C PRO I 168 8.19 -19.10 9.99
N LYS I 169 7.10 -19.02 9.23
CA LYS I 169 6.81 -20.01 8.20
C LYS I 169 7.60 -19.81 6.92
N VAL I 170 8.34 -18.72 6.79
CA VAL I 170 9.16 -18.43 5.61
C VAL I 170 10.62 -18.72 5.95
N THR I 171 11.30 -19.44 5.06
CA THR I 171 12.68 -19.85 5.25
C THR I 171 13.61 -19.04 4.34
N PHE I 172 14.88 -19.02 4.70
CA PHE I 172 15.91 -18.28 3.98
C PHE I 172 16.80 -19.19 3.15
N GLU I 173 16.35 -20.41 2.85
CA GLU I 173 17.18 -21.34 2.09
C GLU I 173 17.40 -20.80 0.67
N PRO I 174 18.63 -20.88 0.13
CA PRO I 174 18.87 -20.35 -1.22
C PRO I 174 18.40 -21.32 -2.30
N ILE I 175 17.37 -20.92 -3.02
CA ILE I 175 16.84 -21.69 -4.15
C ILE I 175 17.47 -21.15 -5.43
N PRO I 176 18.00 -22.00 -6.31
CA PRO I 176 18.60 -21.46 -7.55
C PRO I 176 17.56 -20.74 -8.40
N ILE I 177 18.01 -19.66 -9.03
CA ILE I 177 17.16 -18.81 -9.87
C ILE I 177 17.79 -18.73 -11.26
N HIS I 178 16.99 -18.99 -12.29
CA HIS I 178 17.43 -18.89 -13.68
C HIS I 178 17.01 -17.53 -14.21
N TYR I 179 17.99 -16.68 -14.52
CA TYR I 179 17.72 -15.38 -15.13
C TYR I 179 17.62 -15.55 -16.64
N CYS I 180 16.43 -15.34 -17.17
CA CYS I 180 16.17 -15.45 -18.61
C CYS I 180 15.95 -14.06 -19.19
N ALA I 181 16.20 -13.95 -20.52
CA ALA I 181 16.03 -12.68 -21.21
C ALA I 181 14.66 -12.62 -21.90
N PRO I 182 14.11 -11.42 -22.11
CA PRO I 182 12.85 -11.31 -22.82
C PRO I 182 13.04 -11.46 -24.32
N ALA I 183 11.93 -11.68 -25.02
CA ALA I 183 11.98 -11.78 -26.47
C ALA I 183 12.45 -10.46 -27.08
N GLY I 184 13.17 -10.55 -28.18
CA GLY I 184 13.83 -9.42 -28.79
C GLY I 184 15.24 -9.18 -28.29
N TYR I 185 15.68 -9.91 -27.26
CA TYR I 185 17.04 -9.84 -26.76
C TYR I 185 17.60 -11.25 -26.66
N ALA I 186 18.93 -11.34 -26.68
CA ALA I 186 19.63 -12.61 -26.66
C ALA I 186 20.72 -12.59 -25.59
N ILE I 187 21.00 -13.77 -25.04
CA ILE I 187 22.03 -13.96 -24.02
C ILE I 187 23.20 -14.69 -24.67
N LEU I 188 24.37 -14.05 -24.65
CA LEU I 188 25.60 -14.62 -25.17
C LEU I 188 26.46 -15.07 -23.99
N LYS I 189 27.08 -16.25 -24.14
CA LYS I 189 27.85 -16.89 -23.08
C LYS I 189 29.25 -17.16 -23.58
N CYS I 190 30.24 -16.71 -22.79
CA CYS I 190 31.65 -16.98 -23.10
C CYS I 190 31.99 -18.38 -22.60
N ASN I 191 32.17 -19.31 -23.54
CA ASN I 191 32.44 -20.70 -23.19
C ASN I 191 33.87 -20.95 -22.74
N ASP I 192 34.78 -20.01 -22.98
CA ASP I 192 36.17 -20.19 -22.58
C ASP I 192 36.29 -20.26 -21.06
N GLU I 193 36.90 -21.33 -20.56
CA GLU I 193 37.08 -21.49 -19.12
C GLU I 193 38.32 -20.79 -18.59
N THR I 194 39.21 -20.32 -19.46
CA THR I 194 40.41 -19.60 -19.05
C THR I 194 40.26 -18.09 -19.22
N PHE I 195 39.04 -17.59 -19.17
CA PHE I 195 38.79 -16.17 -19.37
C PHE I 195 39.20 -15.39 -18.12
N ASN I 196 40.01 -14.35 -18.31
CA ASN I 196 40.51 -13.55 -17.20
C ASN I 196 39.45 -12.67 -16.57
N GLY I 197 38.36 -12.37 -17.29
CA GLY I 197 37.30 -11.49 -16.82
C GLY I 197 37.03 -10.33 -17.74
N THR I 198 38.08 -9.79 -18.36
CA THR I 198 37.96 -8.72 -19.34
C THR I 198 38.72 -9.11 -20.60
N GLY I 199 38.04 -9.10 -21.73
CA GLY I 199 38.63 -9.46 -23.00
C GLY I 199 37.71 -10.29 -23.86
N PRO I 200 38.15 -10.60 -25.08
CA PRO I 200 37.31 -11.38 -25.99
C PRO I 200 37.35 -12.88 -25.69
N CYS I 201 36.37 -13.59 -26.24
CA CYS I 201 36.28 -15.03 -26.14
C CYS I 201 36.15 -15.61 -27.55
N SER I 202 36.97 -16.62 -27.85
CA SER I 202 36.99 -17.23 -29.17
C SER I 202 35.91 -18.31 -29.34
N ASN I 203 35.14 -18.61 -28.30
CA ASN I 203 34.07 -19.60 -28.37
C ASN I 203 32.88 -19.03 -27.61
N VAL I 204 31.94 -18.43 -28.33
CA VAL I 204 30.78 -17.76 -27.76
C VAL I 204 29.53 -18.53 -28.19
N SER I 205 28.68 -18.86 -27.22
CA SER I 205 27.44 -19.57 -27.45
C SER I 205 26.26 -18.65 -27.16
N THR I 206 25.06 -19.11 -27.53
CA THR I 206 23.83 -18.41 -27.25
C THR I 206 22.96 -19.28 -26.36
N VAL I 207 22.37 -18.66 -25.33
CA VAL I 207 21.60 -19.39 -24.32
C VAL I 207 20.24 -18.72 -24.15
N GLN I 208 19.23 -19.54 -23.90
CA GLN I 208 17.90 -19.00 -23.62
C GLN I 208 17.84 -18.40 -22.23
N CYS I 209 18.05 -19.22 -21.19
CA CYS I 209 18.07 -18.79 -19.82
C CYS I 209 19.37 -19.25 -19.15
N THR I 210 19.81 -18.49 -18.15
CA THR I 210 21.04 -18.80 -17.45
C THR I 210 20.82 -20.00 -16.52
N HIS I 211 21.92 -20.55 -16.01
CA HIS I 211 21.87 -21.70 -15.12
C HIS I 211 21.49 -21.24 -13.72
N GLY I 212 21.53 -22.15 -12.75
CA GLY I 212 21.13 -21.83 -11.40
C GLY I 212 22.09 -20.84 -10.75
N ILE I 213 21.53 -19.89 -10.01
CA ILE I 213 22.28 -18.88 -9.29
C ILE I 213 21.80 -18.89 -7.84
N ARG I 214 22.73 -19.04 -6.90
CA ARG I 214 22.39 -19.14 -5.49
C ARG I 214 22.43 -17.74 -4.88
N PRO I 215 21.31 -17.16 -4.43
CA PRO I 215 21.39 -15.85 -3.75
C PRO I 215 21.84 -15.99 -2.30
N VAL I 216 23.15 -16.17 -2.13
CA VAL I 216 23.74 -16.38 -0.82
C VAL I 216 24.31 -15.05 -0.31
N VAL I 217 24.56 -15.00 0.99
CA VAL I 217 25.10 -13.81 1.65
C VAL I 217 26.37 -14.21 2.38
N SER I 218 27.47 -13.53 2.07
CA SER I 218 28.76 -13.79 2.72
C SER I 218 29.65 -12.58 2.50
N THR I 219 30.68 -12.47 3.34
CA THR I 219 31.62 -11.36 3.31
C THR I 219 33.03 -11.78 2.90
N GLN I 220 33.62 -12.75 3.61
CA GLN I 220 34.99 -13.18 3.33
C GLN I 220 35.05 -14.28 2.28
N LEU I 221 34.31 -15.37 2.47
CA LEU I 221 34.36 -16.53 1.60
C LEU I 221 33.04 -16.69 0.86
N LEU I 222 33.05 -17.55 -0.15
CA LEU I 222 31.87 -17.89 -0.94
C LEU I 222 31.40 -19.28 -0.57
N LEU I 223 30.10 -19.42 -0.35
CA LEU I 223 29.51 -20.69 0.05
C LEU I 223 29.28 -21.54 -1.20
N ASN I 224 28.53 -22.64 -1.07
CA ASN I 224 28.30 -23.55 -2.17
C ASN I 224 27.73 -22.84 -3.39
N GLY I 225 28.25 -23.19 -4.56
CA GLY I 225 27.82 -22.58 -5.80
C GLY I 225 28.51 -23.17 -7.01
N SER I 226 28.99 -22.31 -7.90
CA SER I 226 29.64 -22.78 -9.12
C SER I 226 31.05 -23.31 -8.80
N LEU I 227 31.61 -24.02 -9.78
CA LEU I 227 32.96 -24.57 -9.68
C LEU I 227 33.73 -24.26 -10.95
N ALA I 228 35.05 -24.13 -10.81
CA ALA I 228 35.89 -23.90 -11.97
C ALA I 228 35.98 -25.16 -12.81
N GLU I 229 36.23 -24.98 -14.11
CA GLU I 229 36.22 -26.09 -15.05
C GLU I 229 37.58 -26.78 -15.14
N LYS I 230 38.65 -26.01 -15.31
CA LYS I 230 39.99 -26.56 -15.55
C LYS I 230 40.94 -26.31 -14.39
N GLU I 231 41.10 -25.04 -13.99
CA GLU I 231 42.06 -24.72 -12.94
C GLU I 231 41.70 -23.35 -12.36
N ILE I 232 42.43 -22.96 -11.33
CA ILE I 232 42.13 -21.74 -10.59
C ILE I 232 42.33 -20.53 -11.50
N VAL I 233 41.40 -19.58 -11.41
CA VAL I 233 41.44 -18.35 -12.20
C VAL I 233 41.28 -17.17 -11.26
N ILE I 234 42.07 -16.12 -11.50
CA ILE I 234 42.08 -14.91 -10.68
C ILE I 234 41.46 -13.78 -11.48
N ARG I 235 40.49 -13.09 -10.89
CA ARG I 235 39.79 -11.98 -11.51
C ARG I 235 39.95 -10.74 -10.65
N SER I 236 40.32 -9.62 -11.28
CA SER I 236 40.49 -8.36 -10.56
C SER I 236 40.29 -7.21 -11.53
N GLU I 237 39.74 -6.11 -11.02
CA GLU I 237 39.52 -4.93 -11.86
C GLU I 237 40.84 -4.34 -12.32
N ASN I 238 41.79 -4.18 -11.40
CA ASN I 238 43.12 -3.67 -11.74
C ASN I 238 44.03 -3.89 -10.55
N LEU I 239 45.25 -4.37 -10.81
CA LEU I 239 46.23 -4.61 -9.76
C LEU I 239 47.02 -3.36 -9.39
N THR I 240 46.90 -2.28 -10.16
CA THR I 240 47.60 -1.04 -9.81
C THR I 240 47.09 -0.48 -8.48
N ASN I 241 45.78 -0.52 -8.28
CA ASN I 241 45.15 -0.03 -7.06
C ASN I 241 44.92 -1.20 -6.10
N ASN I 242 45.37 -1.05 -4.86
CA ASN I 242 45.23 -2.09 -3.86
C ASN I 242 43.86 -2.15 -3.22
N ALA I 243 43.03 -1.10 -3.39
CA ALA I 243 41.72 -1.07 -2.76
C ALA I 243 40.72 -2.00 -3.42
N LYS I 244 40.95 -2.42 -4.66
CA LYS I 244 40.01 -3.28 -5.36
C LYS I 244 39.99 -4.68 -4.75
N ILE I 245 38.87 -5.36 -4.91
CA ILE I 245 38.66 -6.68 -4.33
C ILE I 245 39.05 -7.74 -5.37
N ILE I 246 39.86 -8.70 -4.94
CA ILE I 246 40.32 -9.80 -5.79
C ILE I 246 39.45 -11.02 -5.48
N ILE I 247 38.84 -11.58 -6.52
CA ILE I 247 38.02 -12.78 -6.39
C ILE I 247 38.82 -13.96 -6.93
N VAL I 248 38.95 -15.02 -6.12
CA VAL I 248 39.72 -16.21 -6.47
C VAL I 248 38.77 -17.39 -6.50
N HIS I 249 38.80 -18.15 -7.61
CA HIS I 249 37.99 -19.33 -7.76
C HIS I 249 38.79 -20.57 -7.31
N LEU I 250 38.12 -21.72 -7.33
CA LEU I 250 38.72 -22.97 -6.88
C LEU I 250 38.42 -24.08 -7.89
N HIS I 251 39.41 -24.94 -8.11
CA HIS I 251 39.22 -26.09 -8.99
C HIS I 251 38.41 -27.19 -8.31
N THR I 252 38.59 -27.36 -7.00
CA THR I 252 37.84 -28.35 -6.22
C THR I 252 37.29 -27.67 -4.97
N PRO I 253 36.18 -28.16 -4.42
CA PRO I 253 35.60 -27.53 -3.24
C PRO I 253 36.34 -27.94 -1.96
N VAL I 254 36.04 -27.22 -0.88
CA VAL I 254 36.57 -27.51 0.44
C VAL I 254 35.40 -27.67 1.39
N GLU I 255 35.29 -28.83 2.02
CA GLU I 255 34.18 -29.08 2.95
C GLU I 255 34.34 -28.25 4.21
N ILE I 256 33.20 -27.84 4.78
CA ILE I 256 33.17 -27.07 6.03
C ILE I 256 31.90 -27.47 6.77
N VAL I 257 32.01 -27.64 8.08
CA VAL I 257 30.87 -28.05 8.89
C VAL I 257 30.89 -27.31 10.23
N CYS I 258 29.76 -26.72 10.61
CA CYS I 258 29.65 -25.94 11.83
C CYS I 258 28.37 -26.31 12.55
N THR I 259 28.36 -26.12 13.88
CA THR I 259 27.24 -26.58 14.69
C THR I 259 27.17 -25.80 15.99
N ARG I 260 25.99 -25.89 16.63
CA ARG I 260 25.70 -25.24 17.90
C ARG I 260 24.94 -26.26 18.76
N PRO I 261 25.61 -27.01 19.62
CA PRO I 261 24.93 -28.08 20.38
C PRO I 261 24.12 -27.63 21.58
N ASN I 262 23.82 -26.34 21.72
CA ASN I 262 23.21 -25.86 22.95
C ASN I 262 21.82 -26.47 23.16
N ASN I 263 21.12 -26.80 22.09
CA ASN I 263 19.78 -27.39 22.16
C ASN I 263 18.81 -26.45 22.87
N ASN I 264 18.62 -25.26 22.29
CA ASN I 264 17.75 -24.26 22.88
C ASN I 264 16.28 -24.64 22.71
N THR I 265 15.39 -23.96 23.44
CA THR I 265 13.96 -24.16 23.31
C THR I 265 13.28 -22.79 23.25
N ARG I 266 12.09 -22.76 22.68
CA ARG I 266 11.37 -21.53 22.41
C ARG I 266 10.25 -21.32 23.42
N LYS I 267 9.97 -20.05 23.71
CA LYS I 267 8.82 -19.64 24.49
C LYS I 267 7.77 -19.03 23.56
N SER I 268 6.63 -18.64 24.13
CA SER I 268 5.54 -18.03 23.37
C SER I 268 4.94 -16.92 24.20
N VAL I 269 5.28 -15.67 23.87
CA VAL I 269 4.75 -14.49 24.54
C VAL I 269 3.82 -13.79 23.56
N ARG I 270 2.56 -13.63 23.96
CA ARG I 270 1.54 -13.00 23.12
C ARG I 270 1.37 -11.55 23.55
N ILE I 271 1.61 -10.63 22.61
CA ILE I 271 1.45 -9.20 22.83
C ILE I 271 0.55 -8.65 21.72
N GLY I 272 -0.45 -7.87 22.10
CA GLY I 272 -1.36 -7.30 21.14
C GLY I 272 -2.37 -8.29 20.64
N PRO I 273 -3.22 -7.88 19.68
CA PRO I 273 -4.28 -8.76 19.18
C PRO I 273 -3.76 -9.74 18.14
N GLY I 274 -3.72 -11.02 18.51
CA GLY I 274 -3.42 -12.08 17.55
C GLY I 274 -2.04 -12.01 16.94
N GLN I 275 -1.02 -11.72 17.73
CA GLN I 275 0.36 -11.74 17.26
C GLN I 275 1.28 -12.03 18.44
N THR I 276 2.24 -12.93 18.22
CA THR I 276 3.12 -13.43 19.27
C THR I 276 4.57 -13.15 18.92
N PHE I 277 5.40 -13.05 19.96
CA PHE I 277 6.84 -12.84 19.83
C PHE I 277 7.56 -14.01 20.47
N TYR I 278 8.47 -14.63 19.72
CA TYR I 278 9.22 -15.79 20.19
C TYR I 278 10.56 -15.36 20.78
N ALA I 279 11.01 -16.10 21.78
CA ALA I 279 12.29 -15.83 22.42
C ALA I 279 12.79 -17.11 23.08
N THR I 280 14.10 -17.14 23.32
CA THR I 280 14.73 -18.29 23.95
C THR I 280 14.47 -18.27 25.45
N GLY I 281 14.03 -19.40 25.99
CA GLY I 281 13.77 -19.54 27.40
C GLY I 281 14.83 -20.31 28.14
N ASP I 282 14.46 -21.47 28.69
CA ASP I 282 15.39 -22.30 29.41
C ASP I 282 16.30 -23.05 28.43
N ILE I 283 17.39 -23.61 28.96
CA ILE I 283 18.32 -24.44 28.21
C ILE I 283 18.46 -25.76 28.93
N ILE I 284 18.25 -26.86 28.20
CA ILE I 284 18.31 -28.21 28.75
C ILE I 284 19.53 -28.89 28.17
N GLY I 285 20.37 -29.45 29.04
CA GLY I 285 21.61 -30.10 28.65
C GLY I 285 22.81 -29.25 29.04
N ASP I 286 23.98 -29.88 28.94
CA ASP I 286 25.22 -29.22 29.31
C ASP I 286 25.52 -28.07 28.35
N ILE I 287 26.08 -27.00 28.90
CA ILE I 287 26.40 -25.81 28.13
C ILE I 287 27.70 -26.04 27.38
N LYS I 288 27.68 -25.80 26.07
CA LYS I 288 28.85 -25.95 25.22
C LYS I 288 28.92 -24.75 24.28
N GLN I 289 29.94 -24.74 23.42
CA GLN I 289 30.23 -23.64 22.53
C GLN I 289 30.05 -24.08 21.09
N ALA I 290 29.38 -23.23 20.30
CA ALA I 290 29.28 -23.47 18.87
C ALA I 290 30.65 -23.39 18.22
N HIS I 291 30.84 -24.13 17.14
CA HIS I 291 32.15 -24.21 16.51
C HIS I 291 31.99 -24.48 15.02
N CYS I 292 33.10 -24.28 14.31
CA CYS I 292 33.21 -24.56 12.88
C CYS I 292 34.46 -25.38 12.63
N ASN I 293 34.40 -26.19 11.57
CA ASN I 293 35.40 -27.21 11.28
C ASN I 293 35.78 -27.14 9.80
N ILE I 294 37.09 -27.10 9.52
CA ILE I 294 37.61 -27.18 8.17
C ILE I 294 38.76 -28.20 8.18
N SER I 295 39.00 -28.81 7.02
CA SER I 295 40.14 -29.72 6.89
C SER I 295 41.42 -28.92 6.64
N GLU I 296 42.50 -29.40 7.27
CA GLU I 296 43.76 -28.63 7.25
C GLU I 296 44.55 -28.89 5.96
N GLU I 297 44.73 -30.16 5.60
CA GLU I 297 45.55 -30.49 4.44
C GLU I 297 44.95 -29.92 3.15
N LYS I 298 43.63 -30.05 3.00
CA LYS I 298 42.99 -29.51 1.80
C LYS I 298 43.13 -28.00 1.73
N TRP I 299 42.95 -27.32 2.87
CA TRP I 299 43.09 -25.86 2.90
C TRP I 299 44.52 -25.45 2.55
N ASN I 300 45.51 -26.16 3.09
CA ASN I 300 46.90 -25.82 2.79
C ASN I 300 47.22 -26.06 1.32
N ASP I 301 46.72 -27.16 0.75
CA ASP I 301 46.94 -27.41 -0.67
C ASP I 301 46.29 -26.34 -1.53
N THR I 302 45.07 -25.93 -1.19
CA THR I 302 44.41 -24.87 -1.94
C THR I 302 45.18 -23.56 -1.82
N LEU I 303 45.68 -23.25 -0.62
CA LEU I 303 46.44 -22.03 -0.43
C LEU I 303 47.71 -22.03 -1.26
N GLN I 304 48.40 -23.18 -1.30
CA GLN I 304 49.62 -23.27 -2.11
C GLN I 304 49.30 -23.15 -3.60
N LYS I 305 48.20 -23.75 -4.04
CA LYS I 305 47.81 -23.63 -5.45
C LYS I 305 47.52 -22.17 -5.81
N VAL I 306 46.76 -21.48 -4.94
CA VAL I 306 46.48 -20.07 -5.18
C VAL I 306 47.76 -19.26 -5.15
N GLY I 307 48.71 -19.62 -4.28
CA GLY I 307 49.96 -18.89 -4.23
C GLY I 307 50.78 -19.02 -5.51
N ILE I 308 50.91 -20.26 -6.01
CA ILE I 308 51.67 -20.45 -7.24
C ILE I 308 50.96 -19.78 -8.41
N GLU I 309 49.62 -19.78 -8.41
CA GLU I 309 48.90 -19.06 -9.45
C GLU I 309 49.10 -17.55 -9.34
N LEU I 310 49.25 -17.02 -8.13
CA LEU I 310 49.50 -15.60 -7.92
C LEU I 310 50.96 -15.22 -8.15
N GLN I 311 51.87 -16.19 -8.16
CA GLN I 311 53.28 -15.90 -8.37
C GLN I 311 53.55 -15.31 -9.75
N LYS I 312 52.67 -15.61 -10.73
CA LYS I 312 52.89 -15.11 -12.09
C LYS I 312 52.81 -13.59 -12.12
N HIS I 313 51.84 -13.01 -11.40
CA HIS I 313 51.69 -11.55 -11.37
C HIS I 313 52.73 -10.88 -10.50
N PHE I 314 53.24 -11.57 -9.49
CA PHE I 314 54.24 -11.03 -8.57
C PHE I 314 55.38 -12.02 -8.42
N PRO I 315 56.16 -12.24 -9.49
CA PRO I 315 57.26 -13.20 -9.41
C PRO I 315 58.40 -12.74 -8.52
N ASN I 316 58.60 -11.44 -8.36
CA ASN I 316 59.72 -10.91 -7.60
C ASN I 316 59.46 -10.90 -6.09
N LYS I 317 58.26 -11.24 -5.64
CA LYS I 317 57.90 -11.19 -4.23
C LYS I 317 57.28 -12.51 -3.80
N THR I 318 57.51 -12.86 -2.54
CA THR I 318 56.88 -14.03 -1.95
C THR I 318 55.44 -13.69 -1.57
N ILE I 319 54.77 -14.63 -0.91
CA ILE I 319 53.36 -14.50 -0.55
C ILE I 319 53.21 -14.73 0.94
N LYS I 320 52.37 -13.92 1.58
CA LYS I 320 52.10 -14.05 3.00
C LYS I 320 50.64 -13.66 3.25
N TYR I 321 50.08 -14.20 4.32
CA TYR I 321 48.71 -13.88 4.73
C TYR I 321 48.71 -13.37 6.16
N ASN I 322 47.79 -12.44 6.44
CA ASN I 322 47.73 -11.75 7.72
C ASN I 322 46.28 -11.62 8.16
N GLN I 323 46.09 -11.32 9.43
CA GLN I 323 44.75 -11.19 9.99
C GLN I 323 44.03 -10.00 9.37
N SER I 324 42.69 -10.08 9.39
CA SER I 324 41.87 -9.04 8.80
C SER I 324 42.08 -7.71 9.52
N ALA I 325 41.50 -6.65 8.93
CA ALA I 325 41.68 -5.32 9.48
C ALA I 325 41.07 -5.20 10.87
N GLY I 326 39.88 -5.76 11.06
CA GLY I 326 39.19 -5.70 12.34
C GLY I 326 38.08 -4.68 12.36
N GLY I 327 37.84 -4.06 13.51
CA GLY I 327 36.80 -3.07 13.65
C GLY I 327 35.49 -3.67 14.12
N ASP I 328 34.39 -3.30 13.45
CA ASP I 328 33.09 -3.80 13.83
C ASP I 328 32.97 -5.29 13.53
N MET I 329 32.09 -5.97 14.27
CA MET I 329 31.92 -7.40 14.10
C MET I 329 31.41 -7.73 12.70
N GLU I 330 30.46 -6.95 12.20
CA GLU I 330 29.87 -7.24 10.89
C GLU I 330 30.83 -7.06 9.73
N ILE I 331 31.96 -6.37 9.94
CA ILE I 331 32.91 -6.07 8.89
C ILE I 331 34.00 -7.14 8.79
N THR I 332 34.70 -7.39 9.90
CA THR I 332 35.86 -8.27 9.88
C THR I 332 35.53 -9.74 10.07
N THR I 333 34.31 -10.07 10.48
CA THR I 333 33.94 -11.44 10.79
C THR I 333 33.21 -12.09 9.62
N HIS I 334 33.43 -13.40 9.46
CA HIS I 334 32.74 -14.18 8.44
C HIS I 334 31.29 -14.36 8.88
N SER I 335 30.40 -13.58 8.26
CA SER I 335 28.98 -13.58 8.62
C SER I 335 28.20 -14.37 7.58
N PHE I 336 27.39 -15.32 8.04
CA PHE I 336 26.57 -16.11 7.13
C PHE I 336 25.33 -16.58 7.89
N ASN I 337 24.48 -17.34 7.20
CA ASN I 337 23.20 -17.80 7.74
C ASN I 337 23.04 -19.29 7.50
N CYS I 338 22.36 -19.95 8.43
CA CYS I 338 22.07 -21.38 8.31
C CYS I 338 20.81 -21.67 9.11
N GLY I 339 19.77 -22.16 8.44
CA GLY I 339 18.54 -22.53 9.11
C GLY I 339 17.89 -21.39 9.86
N GLY I 340 18.05 -20.16 9.39
CA GLY I 340 17.50 -19.00 10.07
C GLY I 340 18.37 -18.46 11.19
N GLU I 341 19.49 -19.09 11.49
CA GLU I 341 20.42 -18.63 12.53
C GLU I 341 21.63 -18.00 11.87
N PHE I 342 21.99 -16.79 12.33
CA PHE I 342 23.08 -16.03 11.76
C PHE I 342 24.35 -16.28 12.57
N PHE I 343 25.40 -16.75 11.90
CA PHE I 343 26.67 -17.08 12.53
C PHE I 343 27.74 -16.08 12.11
N TYR I 344 28.55 -15.65 13.08
CA TYR I 344 29.67 -14.75 12.85
C TYR I 344 30.93 -15.47 13.35
N CYS I 345 31.74 -15.95 12.41
CA CYS I 345 32.95 -16.70 12.72
C CYS I 345 34.18 -15.79 12.60
N ASN I 346 35.25 -16.20 13.27
CA ASN I 346 36.53 -15.50 13.25
C ASN I 346 37.52 -16.32 12.42
N THR I 347 38.18 -15.65 11.48
CA THR I 347 39.12 -16.29 10.57
C THR I 347 40.58 -16.00 10.94
N SER I 348 40.84 -15.59 12.18
CA SER I 348 42.22 -15.31 12.58
C SER I 348 43.10 -16.55 12.51
N ASN I 349 42.57 -17.71 12.91
CA ASN I 349 43.30 -18.95 12.92
C ASN I 349 43.48 -19.56 11.54
N LEU I 350 42.79 -19.04 10.52
CA LEU I 350 42.83 -19.60 9.17
C LEU I 350 43.84 -18.90 8.28
N PHE I 351 43.76 -17.57 8.16
CA PHE I 351 44.67 -16.81 7.31
C PHE I 351 45.93 -16.47 8.10
N ASN I 352 46.82 -17.46 8.20
CA ASN I 352 48.11 -17.27 8.87
C ASN I 352 49.10 -18.24 8.21
N GLY I 353 49.88 -17.73 7.28
CA GLY I 353 50.85 -18.57 6.59
C GLY I 353 51.64 -17.76 5.58
N THR I 354 52.56 -18.45 4.93
CA THR I 354 53.43 -17.83 3.94
C THR I 354 53.87 -18.90 2.93
N TYR I 355 54.35 -18.44 1.79
CA TYR I 355 54.78 -19.31 0.71
C TYR I 355 55.81 -18.57 -0.13
N ASN I 356 56.97 -19.19 -0.35
CA ASN I 356 58.08 -18.60 -1.07
C ASN I 356 58.40 -19.34 -2.36
N GLY I 357 57.41 -20.02 -2.96
CA GLY I 357 57.62 -20.77 -4.17
C GLY I 357 58.07 -22.21 -3.96
N THR I 358 58.33 -22.62 -2.72
CA THR I 358 58.77 -23.98 -2.42
C THR I 358 57.53 -24.84 -2.16
N TYR I 359 57.12 -25.60 -3.18
CA TYR I 359 55.97 -26.47 -3.05
C TYR I 359 56.26 -27.59 -2.07
N ILE I 360 55.28 -27.89 -1.21
CA ILE I 360 55.38 -28.95 -0.21
C ILE I 360 54.27 -29.95 -0.50
N SER I 361 54.64 -31.22 -0.65
CA SER I 361 53.67 -32.27 -0.94
C SER I 361 52.98 -32.71 0.35
N THR I 362 51.66 -32.89 0.27
CA THR I 362 50.84 -33.33 1.39
C THR I 362 50.28 -34.73 1.16
N ASN I 363 51.02 -35.57 0.44
CA ASN I 363 50.58 -36.93 0.14
C ASN I 363 50.94 -37.92 1.25
N SER I 364 51.63 -37.49 2.30
CA SER I 364 52.01 -38.40 3.38
C SER I 364 50.78 -38.98 4.05
N SER I 365 49.79 -38.14 4.35
CA SER I 365 48.55 -38.56 5.01
C SER I 365 48.85 -39.28 6.32
N ALA I 366 49.76 -38.70 7.11
CA ALA I 366 50.13 -39.30 8.38
C ALA I 366 48.93 -39.36 9.33
N ASN I 367 48.14 -38.29 9.38
CA ASN I 367 46.95 -38.22 10.22
C ASN I 367 45.84 -37.58 9.40
N SER I 368 44.99 -38.42 8.80
CA SER I 368 43.89 -37.92 7.99
C SER I 368 42.80 -37.23 8.80
N THR I 369 42.79 -37.40 10.12
CA THR I 369 41.77 -36.80 10.97
C THR I 369 42.13 -35.40 11.45
N SER I 370 43.28 -34.87 11.05
CA SER I 370 43.65 -33.52 11.45
C SER I 370 42.69 -32.50 10.86
N THR I 371 42.38 -31.47 11.64
CA THR I 371 41.42 -30.46 11.23
C THR I 371 41.71 -29.16 11.97
N ILE I 372 41.13 -28.08 11.47
CA ILE I 372 41.24 -26.75 12.07
C ILE I 372 39.86 -26.32 12.52
N THR I 373 39.80 -25.81 13.75
CA THR I 373 38.56 -25.45 14.41
C THR I 373 38.51 -23.95 14.63
N LEU I 374 37.30 -23.38 14.54
CA LEU I 374 37.07 -21.96 14.73
C LEU I 374 35.91 -21.77 15.69
N GLN I 375 35.99 -20.71 16.50
CA GLN I 375 34.93 -20.33 17.42
C GLN I 375 34.11 -19.19 16.83
N CYS I 376 32.79 -19.25 17.03
CA CYS I 376 31.86 -18.35 16.39
C CYS I 376 30.84 -17.84 17.39
N ARG I 377 30.26 -16.68 17.08
CA ARG I 377 29.21 -16.05 17.87
C ARG I 377 27.91 -16.02 17.07
N ILE I 378 26.83 -15.71 17.79
CA ILE I 378 25.47 -15.71 17.24
C ILE I 378 24.81 -14.39 17.57
N LYS I 379 24.05 -13.86 16.61
CA LYS I 379 23.27 -12.64 16.79
C LYS I 379 21.85 -12.85 16.27
N GLN I 380 20.91 -12.13 16.88
CA GLN I 380 19.51 -12.13 16.45
C GLN I 380 19.14 -10.87 15.68
N ILE I 381 19.48 -9.71 16.21
CA ILE I 381 19.26 -8.46 15.47
C ILE I 381 20.25 -8.38 14.32
N ILE I 382 19.75 -8.14 13.11
CA ILE I 382 20.54 -8.13 11.90
C ILE I 382 20.25 -6.86 11.12
N ASN I 383 21.32 -6.23 10.61
CA ASN I 383 21.24 -5.09 9.70
C ASN I 383 21.86 -5.55 8.39
N MET I 384 21.05 -6.17 7.53
CA MET I 384 21.58 -6.80 6.32
C MET I 384 22.13 -5.75 5.36
N TRP I 385 21.37 -4.69 5.11
CA TRP I 385 21.77 -3.64 4.17
C TRP I 385 21.44 -2.28 4.79
N GLN I 386 21.71 -1.22 4.03
CA GLN I 386 21.56 0.15 4.50
C GLN I 386 20.34 0.80 3.86
N GLY I 387 19.53 1.46 4.70
CA GLY I 387 18.38 2.19 4.20
C GLY I 387 17.33 1.32 3.54
N VAL I 388 17.07 0.14 4.10
CA VAL I 388 16.05 -0.77 3.61
C VAL I 388 15.15 -1.18 4.77
N GLY I 389 15.22 -0.45 5.88
CA GLY I 389 14.69 -0.97 7.13
C GLY I 389 15.60 -2.09 7.61
N ARG I 390 16.82 -1.70 7.97
CA ARG I 390 17.89 -2.68 8.16
C ARG I 390 17.59 -3.66 9.30
N CYS I 391 17.03 -3.16 10.40
CA CYS I 391 16.83 -4.01 11.57
C CYS I 391 15.86 -5.14 11.26
N MET I 392 16.27 -6.36 11.62
CA MET I 392 15.43 -7.55 11.45
C MET I 392 15.73 -8.50 12.60
N TYR I 393 14.69 -9.20 13.04
CA TYR I 393 14.79 -10.15 14.14
C TYR I 393 14.65 -11.57 13.61
N ALA I 394 15.61 -12.43 13.95
CA ALA I 394 15.60 -13.82 13.53
C ALA I 394 15.10 -14.69 14.67
N PRO I 395 13.95 -15.36 14.57
CA PRO I 395 13.47 -16.16 15.70
C PRO I 395 14.35 -17.37 15.92
N PRO I 396 14.38 -17.92 17.13
CA PRO I 396 15.22 -19.09 17.41
C PRO I 396 14.59 -20.36 16.87
N ILE I 397 15.35 -21.46 16.94
CA ILE I 397 14.91 -22.77 16.48
C ILE I 397 15.31 -23.80 17.53
N ALA I 398 14.40 -24.74 17.80
CA ALA I 398 14.68 -25.79 18.77
C ALA I 398 15.63 -26.83 18.19
N GLY I 399 16.27 -27.57 19.09
CA GLY I 399 17.24 -28.58 18.70
C GLY I 399 18.58 -27.97 18.32
N ASN I 400 19.48 -28.83 17.88
CA ASN I 400 20.80 -28.41 17.40
C ASN I 400 20.95 -28.78 15.93
N ILE I 401 21.67 -27.92 15.20
CA ILE I 401 21.68 -27.92 13.74
C ILE I 401 23.06 -28.29 13.23
N THR I 402 23.09 -28.74 11.98
CA THR I 402 24.32 -29.01 11.25
C THR I 402 24.26 -28.26 9.93
N CYS I 403 25.38 -27.64 9.54
CA CYS I 403 25.45 -26.73 8.41
C CYS I 403 26.59 -27.13 7.47
N ARG I 404 26.65 -28.43 7.15
CA ARG I 404 27.66 -28.92 6.22
C ARG I 404 27.50 -28.22 4.88
N SER I 405 28.62 -27.76 4.32
CA SER I 405 28.59 -27.01 3.08
C SER I 405 29.98 -27.07 2.43
N ASN I 406 30.10 -26.40 1.29
CA ASN I 406 31.32 -26.40 0.50
C ASN I 406 31.79 -24.97 0.25
N ILE I 407 33.10 -24.83 0.04
CA ILE I 407 33.75 -23.56 -0.24
C ILE I 407 34.37 -23.67 -1.63
N THR I 408 34.09 -22.67 -2.47
CA THR I 408 34.58 -22.66 -3.85
C THR I 408 35.17 -21.32 -4.28
N GLY I 409 35.31 -20.35 -3.38
CA GLY I 409 35.87 -19.07 -3.76
C GLY I 409 36.29 -18.27 -2.55
N LEU I 410 37.16 -17.29 -2.79
CA LEU I 410 37.70 -16.44 -1.74
C LEU I 410 37.78 -15.00 -2.22
N LEU I 411 37.71 -14.08 -1.27
CA LEU I 411 37.87 -12.65 -1.52
C LEU I 411 39.11 -12.18 -0.78
N LEU I 412 40.07 -11.60 -1.52
CA LEU I 412 41.33 -11.12 -0.97
C LEU I 412 41.51 -9.65 -1.36
N THR I 413 42.43 -8.99 -0.65
CA THR I 413 42.72 -7.59 -0.92
C THR I 413 44.20 -7.33 -0.65
N ARG I 414 44.82 -6.54 -1.51
CA ARG I 414 46.21 -6.17 -1.35
C ARG I 414 46.39 -5.25 -0.15
N ASP I 415 47.52 -5.40 0.53
CA ASP I 415 47.90 -4.54 1.64
C ASP I 415 48.81 -3.42 1.15
N GLY I 416 48.79 -2.31 1.88
CA GLY I 416 49.62 -1.17 1.53
C GLY I 416 51.09 -1.47 1.62
N GLY I 417 51.75 -1.56 0.46
CA GLY I 417 53.18 -1.84 0.46
C GLY I 417 53.98 -0.69 1.04
N THR I 418 55.14 -1.04 1.60
CA THR I 418 56.01 -0.05 2.21
C THR I 418 57.44 -0.58 2.25
N ASN I 419 58.40 0.30 2.02
CA ASN I 419 59.82 -0.01 2.09
C ASN I 419 60.25 -1.07 1.07
N SER I 420 59.45 -1.28 0.03
CA SER I 420 59.72 -2.31 -0.98
C SER I 420 59.89 -3.68 -0.32
N ASN I 421 58.96 -4.00 0.58
CA ASN I 421 59.04 -5.23 1.35
C ASN I 421 59.01 -6.44 0.43
N GLU I 422 59.87 -7.43 0.76
CA GLU I 422 59.96 -8.65 -0.03
C GLU I 422 58.77 -9.58 0.15
N THR I 423 57.91 -9.32 1.13
CA THR I 423 56.84 -10.24 1.53
C THR I 423 55.50 -9.51 1.62
N GLU I 424 55.14 -8.80 0.56
CA GLU I 424 53.84 -8.14 0.50
C GLU I 424 52.72 -9.15 0.70
N THR I 425 51.77 -8.80 1.55
CA THR I 425 50.76 -9.73 2.04
C THR I 425 49.41 -9.48 1.38
N PHE I 426 48.45 -10.36 1.68
CA PHE I 426 47.06 -10.20 1.30
C PHE I 426 46.20 -10.37 2.55
N ARG I 427 45.05 -9.72 2.55
CA ARG I 427 44.14 -9.76 3.70
C ARG I 427 42.72 -10.09 3.24
N PRO I 428 41.95 -10.86 4.01
CA PRO I 428 40.53 -10.99 3.71
C PRO I 428 39.81 -9.65 3.89
N ALA I 429 38.79 -9.44 3.07
CA ALA I 429 38.02 -8.20 3.15
C ALA I 429 36.71 -8.40 2.38
N GLY I 430 35.59 -8.15 3.07
CA GLY I 430 34.28 -8.25 2.47
C GLY I 430 33.77 -6.92 1.97
N GLY I 431 32.46 -6.85 1.77
CA GLY I 431 31.83 -5.63 1.31
C GLY I 431 30.39 -5.84 0.88
N ASP I 432 29.99 -5.16 -0.19
CA ASP I 432 28.63 -5.29 -0.70
C ASP I 432 28.44 -6.65 -1.36
N MET I 433 27.16 -7.04 -1.50
CA MET I 433 26.82 -8.28 -2.17
C MET I 433 27.05 -8.21 -3.68
N ARG I 434 27.34 -7.02 -4.22
CA ARG I 434 27.61 -6.92 -5.65
C ARG I 434 28.83 -7.74 -6.04
N ASP I 435 29.86 -7.73 -5.20
CA ASP I 435 31.04 -8.55 -5.48
C ASP I 435 30.69 -10.03 -5.47
N ASN I 436 29.86 -10.45 -4.51
CA ASN I 436 29.46 -11.86 -4.45
C ASN I 436 28.68 -12.26 -5.69
N TRP I 437 27.74 -11.42 -6.13
CA TRP I 437 26.88 -11.77 -7.25
C TRP I 437 27.55 -11.56 -8.61
N ARG I 438 28.63 -10.79 -8.68
CA ARG I 438 29.32 -10.57 -9.96
C ARG I 438 30.21 -11.75 -10.35
N SER I 439 30.59 -12.60 -9.40
CA SER I 439 31.44 -13.74 -9.71
C SER I 439 30.69 -14.87 -10.43
N GLU I 440 29.36 -14.86 -10.39
CA GLU I 440 28.55 -15.91 -11.01
C GLU I 440 27.81 -15.43 -12.26
N LEU I 441 28.04 -14.20 -12.70
CA LEU I 441 27.41 -13.65 -13.91
C LEU I 441 28.44 -13.10 -14.89
N TYR I 442 29.69 -13.56 -14.81
CA TYR I 442 30.72 -13.05 -15.70
C TYR I 442 30.59 -13.58 -17.11
N LYS I 443 30.00 -14.78 -17.27
CA LYS I 443 29.92 -15.39 -18.59
C LYS I 443 28.87 -14.72 -19.48
N TYR I 444 27.80 -14.21 -18.89
CA TYR I 444 26.62 -13.82 -19.65
C TYR I 444 26.65 -12.34 -20.04
N LYS I 445 26.20 -12.06 -21.26
CA LYS I 445 26.00 -10.70 -21.75
C LYS I 445 24.66 -10.67 -22.48
N VAL I 446 24.04 -9.49 -22.49
CA VAL I 446 22.73 -9.28 -23.09
C VAL I 446 22.88 -8.38 -24.31
N VAL I 447 22.24 -8.77 -25.42
CA VAL I 447 22.31 -8.02 -26.67
C VAL I 447 20.92 -7.86 -27.24
N LYS I 448 20.73 -6.79 -28.01
CA LYS I 448 19.50 -6.48 -28.72
C LYS I 448 19.69 -6.80 -30.20
N ILE I 449 18.60 -7.21 -30.85
CA ILE I 449 18.62 -7.67 -32.23
C ILE I 449 18.07 -6.57 -33.13
N GLU I 450 18.81 -6.25 -34.19
CA GLU I 450 18.37 -5.33 -35.23
C GLU I 450 18.09 -6.12 -36.50
N PRO I 451 16.90 -6.73 -36.64
CA PRO I 451 16.68 -7.66 -37.76
C PRO I 451 16.71 -7.02 -39.13
N LEU I 452 16.55 -5.70 -39.24
CA LEU I 452 16.47 -5.03 -40.52
C LEU I 452 17.86 -4.73 -41.06
N GLY I 453 18.06 -4.95 -42.36
CA GLY I 453 19.32 -4.65 -42.99
C GLY I 453 19.14 -4.37 -44.47
N VAL I 454 20.20 -3.86 -45.10
CA VAL I 454 20.22 -3.54 -46.52
C VAL I 454 21.47 -4.13 -47.14
N ALA I 455 21.39 -4.41 -48.45
CA ALA I 455 22.55 -4.90 -49.18
C ALA I 455 22.30 -4.73 -50.67
N PRO I 456 23.35 -4.59 -51.49
CA PRO I 456 23.15 -4.50 -52.93
C PRO I 456 23.11 -5.85 -53.61
N THR I 457 22.44 -5.90 -54.76
CA THR I 457 22.37 -7.11 -55.56
C THR I 457 21.98 -6.74 -56.98
N ARG I 458 22.19 -7.70 -57.89
CA ARG I 458 21.89 -7.50 -59.31
C ARG I 458 20.42 -7.87 -59.57
N CYS I 459 19.53 -7.04 -59.05
CA CYS I 459 18.09 -7.28 -59.19
C CYS I 459 17.37 -5.94 -59.20
N LYS I 460 16.15 -5.95 -59.74
CA LYS I 460 15.32 -4.76 -59.80
C LYS I 460 13.87 -5.15 -59.54
N ARG I 461 13.07 -4.15 -59.16
CA ARG I 461 11.66 -4.37 -58.92
C ARG I 461 10.91 -4.44 -60.24
N ARG I 462 10.01 -5.43 -60.35
CA ARG I 462 9.18 -5.58 -61.54
C ARG I 462 8.07 -4.55 -61.53
N VAL I 463 7.88 -3.86 -62.66
CA VAL I 463 6.83 -2.85 -62.79
C VAL I 463 5.57 -3.50 -63.34
N ALA J 1 26.21 -27.03 -42.81
CA ALA J 1 25.67 -26.54 -44.07
C ALA J 1 24.18 -26.24 -43.94
N VAL J 2 23.59 -25.69 -45.01
CA VAL J 2 22.17 -25.33 -45.01
C VAL J 2 21.27 -26.49 -45.45
N GLY J 3 21.84 -27.58 -45.96
CA GLY J 3 21.06 -28.70 -46.43
C GLY J 3 20.69 -29.68 -45.34
N ILE J 4 20.30 -29.18 -44.16
CA ILE J 4 19.92 -30.05 -43.06
C ILE J 4 18.60 -30.74 -43.37
N GLY J 5 17.66 -30.04 -44.01
CA GLY J 5 16.32 -30.54 -44.24
C GLY J 5 15.32 -29.86 -43.32
N ALA J 6 14.87 -30.58 -42.29
CA ALA J 6 14.03 -29.99 -41.27
C ALA J 6 14.87 -29.02 -40.44
N VAL J 7 14.60 -27.73 -40.55
CA VAL J 7 15.45 -26.72 -39.93
C VAL J 7 15.24 -26.72 -38.42
N PHE J 8 16.32 -26.84 -37.68
CA PHE J 8 16.33 -26.70 -36.22
C PHE J 8 17.54 -25.89 -35.78
N LEU J 9 17.90 -24.88 -36.57
CA LEU J 9 19.10 -24.07 -36.33
C LEU J 9 18.99 -23.14 -35.14
N GLY J 10 17.92 -23.16 -34.35
CA GLY J 10 17.86 -22.28 -33.19
C GLY J 10 17.59 -20.85 -33.59
N PHE J 11 17.80 -19.96 -32.60
CA PHE J 11 17.48 -18.55 -32.80
C PHE J 11 18.52 -17.84 -33.67
N LEU J 12 19.80 -18.12 -33.42
CA LEU J 12 20.91 -17.43 -34.10
C LEU J 12 21.98 -18.42 -34.52
N GLY J 13 21.57 -19.57 -35.06
CA GLY J 13 22.53 -20.57 -35.49
C GLY J 13 23.25 -20.19 -36.77
N ALA J 14 22.64 -19.35 -37.60
CA ALA J 14 23.21 -18.97 -38.89
C ALA J 14 24.11 -17.74 -38.81
N ALA J 15 24.20 -17.09 -37.66
CA ALA J 15 25.04 -15.91 -37.54
C ALA J 15 26.51 -16.28 -37.68
N GLY J 16 27.28 -15.37 -38.28
CA GLY J 16 28.69 -15.59 -38.51
C GLY J 16 29.05 -16.33 -39.76
N SER J 17 28.07 -16.82 -40.52
CA SER J 17 28.32 -17.55 -41.75
C SER J 17 28.33 -16.58 -42.94
N THR J 18 28.50 -17.13 -44.13
CA THR J 18 28.50 -16.32 -45.35
C THR J 18 27.10 -15.78 -45.63
N MET J 19 27.06 -14.70 -46.41
CA MET J 19 25.77 -14.09 -46.74
C MET J 19 24.90 -15.04 -47.55
N GLY J 20 25.49 -15.75 -48.52
CA GLY J 20 24.70 -16.65 -49.34
C GLY J 20 24.09 -17.79 -48.54
N ALA J 21 24.88 -18.41 -47.66
CA ALA J 21 24.34 -19.48 -46.83
C ALA J 21 23.37 -18.92 -45.79
N ALA J 22 23.70 -17.77 -45.20
CA ALA J 22 22.83 -17.16 -44.20
C ALA J 22 21.61 -16.49 -44.79
N SER J 23 21.54 -16.33 -46.11
CA SER J 23 20.38 -15.70 -46.73
C SER J 23 19.12 -16.53 -46.48
N MET J 24 19.25 -17.85 -46.54
CA MET J 24 18.13 -18.74 -46.25
C MET J 24 17.95 -18.89 -44.74
N THR J 25 16.82 -19.49 -44.37
CA THR J 25 16.50 -19.76 -42.96
C THR J 25 16.36 -18.47 -42.15
N LEU J 26 15.88 -17.40 -42.79
CA LEU J 26 15.62 -16.15 -42.08
C LEU J 26 14.31 -16.17 -41.32
N THR J 27 13.44 -17.14 -41.56
CA THR J 27 12.14 -17.17 -40.91
C THR J 27 12.27 -17.40 -39.41
N VAL J 28 13.21 -18.24 -39.00
CA VAL J 28 13.33 -18.59 -37.59
C VAL J 28 13.73 -17.38 -36.76
N GLN J 29 14.57 -16.49 -37.30
CA GLN J 29 14.98 -15.31 -36.56
C GLN J 29 13.79 -14.40 -36.26
N ALA J 30 12.91 -14.21 -37.25
CA ALA J 30 11.77 -13.31 -37.08
C ALA J 30 10.66 -13.97 -36.25
N ARG J 31 10.47 -15.28 -36.38
CA ARG J 31 9.35 -15.93 -35.73
C ARG J 31 9.48 -15.87 -34.21
N ASN J 32 10.68 -16.12 -33.68
CA ASN J 32 10.88 -16.22 -32.23
C ASN J 32 11.03 -14.83 -31.64
N LEU J 33 9.87 -14.20 -31.38
CA LEU J 33 9.84 -12.86 -30.79
C LEU J 33 8.72 -12.74 -29.76
N LEU J 34 8.39 -13.82 -29.06
CA LEU J 34 7.30 -13.81 -28.09
C LEU J 34 7.60 -14.79 -26.97
N SER J 35 7.43 -14.34 -25.72
CA SER J 35 7.61 -15.18 -24.53
C SER J 35 7.24 -14.36 -23.31
N GLY J 36 7.05 -15.05 -22.19
CA GLY J 36 6.83 -14.39 -20.91
C GLY J 36 5.47 -14.67 -20.27
N THR J 37 5.38 -14.48 -18.95
CA THR J 37 4.12 -14.61 -18.24
C THR J 37 4.15 -13.67 -17.03
N VAL J 38 2.95 -13.37 -16.52
CA VAL J 38 2.76 -12.21 -15.65
C VAL J 38 3.44 -12.41 -14.30
N TRP J 39 4.13 -11.36 -13.85
CA TRP J 39 4.49 -11.21 -12.43
C TRP J 39 4.75 -9.73 -12.17
N GLY J 40 3.82 -9.05 -11.51
CA GLY J 40 4.04 -7.67 -11.12
C GLY J 40 3.90 -6.69 -12.27
N ILE J 41 4.10 -5.41 -11.92
CA ILE J 41 3.93 -4.34 -12.91
C ILE J 41 5.07 -4.36 -13.92
N LYS J 42 6.30 -4.63 -13.47
CA LYS J 42 7.44 -4.55 -14.37
C LYS J 42 7.39 -5.63 -15.45
N GLN J 43 6.88 -6.81 -15.12
CA GLN J 43 6.74 -7.87 -16.12
C GLN J 43 5.79 -7.43 -17.23
N LEU J 44 4.65 -6.85 -16.88
CA LEU J 44 3.73 -6.39 -17.90
C LEU J 44 4.29 -5.20 -18.67
N GLN J 45 5.10 -4.37 -18.00
CA GLN J 45 5.79 -3.29 -18.70
C GLN J 45 6.72 -3.86 -19.77
N ALA J 46 7.49 -4.88 -19.42
CA ALA J 46 8.39 -5.50 -20.39
C ALA J 46 7.64 -6.34 -21.42
N ARG J 47 6.39 -6.73 -21.12
CA ARG J 47 5.63 -7.58 -22.03
C ARG J 47 5.15 -6.84 -23.27
N VAL J 48 5.32 -5.52 -23.34
CA VAL J 48 5.19 -4.84 -24.63
C VAL J 48 6.16 -5.46 -25.62
N LEU J 49 7.38 -5.75 -25.16
CA LEU J 49 8.28 -6.72 -25.78
C LEU J 49 8.57 -6.29 -27.21
N ALA J 50 8.41 -7.16 -28.21
CA ALA J 50 8.60 -6.80 -29.60
C ALA J 50 7.34 -6.25 -30.25
N VAL J 51 6.23 -6.15 -29.52
CA VAL J 51 4.98 -5.68 -30.11
C VAL J 51 5.13 -4.26 -30.64
N GLU J 52 6.00 -3.46 -30.03
CA GLU J 52 6.28 -2.11 -30.52
C GLU J 52 7.32 -2.12 -31.62
N ARG J 53 8.44 -2.83 -31.41
CA ARG J 53 9.49 -2.86 -32.43
C ARG J 53 9.06 -3.63 -33.66
N TYR J 54 8.28 -4.70 -33.49
CA TYR J 54 7.75 -5.42 -34.64
C TYR J 54 6.83 -4.53 -35.46
N LEU J 55 5.98 -3.75 -34.80
CA LEU J 55 5.12 -2.82 -35.53
C LEU J 55 5.94 -1.74 -36.21
N ARG J 56 7.00 -1.26 -35.56
CA ARG J 56 7.91 -0.32 -36.21
C ARG J 56 8.47 -0.91 -37.50
N ASP J 57 8.98 -2.14 -37.43
CA ASP J 57 9.55 -2.78 -38.61
C ASP J 57 8.49 -2.98 -39.68
N GLN J 58 7.29 -3.39 -39.29
CA GLN J 58 6.22 -3.58 -40.28
C GLN J 58 5.86 -2.27 -40.95
N GLN J 59 5.77 -1.19 -40.20
CA GLN J 59 5.49 0.12 -40.79
C GLN J 59 6.57 0.51 -41.78
N LEU J 60 7.84 0.36 -41.37
CA LEU J 60 8.95 0.75 -42.25
C LEU J 60 8.95 -0.09 -43.52
N LEU J 61 8.69 -1.40 -43.40
CA LEU J 61 8.72 -2.27 -44.56
C LEU J 61 7.54 -2.03 -45.49
N GLY J 62 6.34 -1.86 -44.92
CA GLY J 62 5.16 -1.63 -45.76
C GLY J 62 5.21 -0.29 -46.47
N ILE J 63 5.72 0.74 -45.80
CA ILE J 63 5.81 2.05 -46.42
C ILE J 63 6.72 1.99 -47.65
N TRP J 64 7.78 1.20 -47.57
CA TRP J 64 8.72 1.08 -48.70
C TRP J 64 8.14 0.30 -49.86
N GLY J 65 7.00 -0.38 -49.69
CA GLY J 65 6.37 -1.11 -50.77
C GLY J 65 6.78 -2.58 -50.81
N CYS J 66 6.65 -3.26 -49.68
CA CYS J 66 7.01 -4.67 -49.58
C CYS J 66 5.99 -5.38 -48.71
N SER J 67 5.48 -6.51 -49.20
CA SER J 67 4.53 -7.34 -48.47
C SER J 67 5.16 -8.70 -48.22
N GLY J 68 5.10 -9.16 -46.98
CA GLY J 68 5.72 -10.40 -46.58
C GLY J 68 7.05 -10.17 -45.88
N LYS J 69 7.33 -10.96 -44.83
CA LYS J 69 8.54 -10.80 -44.03
C LYS J 69 9.67 -11.60 -44.67
N LEU J 70 10.02 -11.21 -45.89
CA LEU J 70 11.08 -11.86 -46.65
C LEU J 70 11.85 -10.79 -47.41
N ILE J 71 12.70 -11.22 -48.35
CA ILE J 71 13.47 -10.28 -49.14
C ILE J 71 12.54 -9.43 -50.00
N CYS J 72 13.07 -8.29 -50.45
CA CYS J 72 12.30 -7.37 -51.27
C CYS J 72 13.27 -6.47 -52.02
N CYS J 73 13.30 -6.59 -53.34
CA CYS J 73 14.20 -5.81 -54.18
C CYS J 73 13.53 -4.50 -54.59
N THR J 74 14.24 -3.40 -54.38
CA THR J 74 13.76 -2.06 -54.70
C THR J 74 14.40 -1.59 -56.01
N ASN J 75 14.11 -0.34 -56.38
CA ASN J 75 14.61 0.27 -57.61
C ASN J 75 15.54 1.44 -57.37
N VAL J 76 15.86 1.76 -56.11
CA VAL J 76 16.74 2.90 -55.83
C VAL J 76 18.15 2.57 -56.33
N PRO J 77 18.81 3.45 -57.10
CA PRO J 77 20.19 3.15 -57.50
C PRO J 77 21.13 3.12 -56.30
N TRP J 78 22.14 2.25 -56.40
CA TRP J 78 23.14 2.10 -55.35
C TRP J 78 24.29 3.04 -55.65
N ASN J 79 24.30 4.19 -55.00
CA ASN J 79 25.40 5.13 -55.14
C ASN J 79 26.67 4.51 -54.57
N SER J 80 27.70 4.40 -55.42
CA SER J 80 28.94 3.73 -55.05
C SER J 80 29.72 4.49 -53.97
N SER J 81 29.39 5.74 -53.70
CA SER J 81 30.15 6.52 -52.72
C SER J 81 30.05 5.91 -51.33
N TRP J 82 28.96 5.21 -51.02
CA TRP J 82 28.80 4.66 -49.69
C TRP J 82 29.85 3.58 -49.40
N SER J 83 30.00 2.62 -50.32
CA SER J 83 30.91 1.49 -50.12
C SER J 83 32.06 1.50 -51.11
N ASN J 84 31.77 1.52 -52.42
CA ASN J 84 32.82 1.46 -53.45
C ASN J 84 33.69 0.22 -53.27
N ARG J 85 33.05 -0.93 -53.08
CA ARG J 85 33.73 -2.19 -52.83
C ARG J 85 33.26 -3.25 -53.82
N ASN J 86 34.10 -4.27 -54.00
CA ASN J 86 33.81 -5.35 -54.93
C ASN J 86 32.63 -6.18 -54.45
N LEU J 87 31.84 -6.67 -55.41
CA LEU J 87 30.68 -7.49 -55.07
C LEU J 87 31.09 -8.79 -54.40
N SER J 88 32.14 -9.43 -54.93
CA SER J 88 32.55 -10.74 -54.39
C SER J 88 33.01 -10.64 -52.95
N GLU J 89 33.72 -9.57 -52.58
CA GLU J 89 34.24 -9.43 -51.23
C GLU J 89 33.14 -9.23 -50.19
N ILE J 90 31.91 -8.92 -50.61
CA ILE J 90 30.80 -8.65 -49.70
C ILE J 90 29.85 -9.84 -49.60
N TRP J 91 29.49 -10.42 -50.75
CA TRP J 91 28.40 -11.38 -50.82
C TRP J 91 28.85 -12.83 -50.70
N ASP J 92 30.15 -13.08 -50.50
CA ASP J 92 30.69 -14.44 -50.47
C ASP J 92 31.50 -14.75 -49.22
N ASN J 93 32.26 -13.79 -48.71
CA ASN J 93 33.20 -14.03 -47.61
C ASN J 93 33.05 -13.05 -46.45
N MET J 94 31.93 -12.33 -46.37
CA MET J 94 31.70 -11.35 -45.33
C MET J 94 30.41 -11.67 -44.60
N THR J 95 30.42 -11.49 -43.28
CA THR J 95 29.25 -11.71 -42.44
C THR J 95 28.48 -10.42 -42.25
N TRP J 96 27.30 -10.54 -41.64
CA TRP J 96 26.40 -9.39 -41.53
C TRP J 96 26.87 -8.40 -40.48
N LEU J 97 27.53 -8.86 -39.42
CA LEU J 97 27.91 -7.97 -38.34
C LEU J 97 28.90 -6.90 -38.81
N GLN J 98 29.99 -7.32 -39.44
CA GLN J 98 30.99 -6.36 -39.91
C GLN J 98 30.45 -5.51 -41.05
N TRP J 99 29.59 -6.09 -41.90
CA TRP J 99 28.97 -5.29 -42.95
C TRP J 99 28.11 -4.18 -42.37
N ASP J 100 27.32 -4.50 -41.35
CA ASP J 100 26.51 -3.48 -40.68
C ASP J 100 27.40 -2.44 -40.01
N LYS J 101 28.51 -2.88 -39.40
CA LYS J 101 29.46 -1.95 -38.81
C LYS J 101 29.99 -0.98 -39.85
N GLU J 102 30.33 -1.48 -41.03
CA GLU J 102 30.85 -0.62 -42.09
C GLU J 102 29.79 0.34 -42.62
N ILE J 103 28.56 -0.15 -42.80
CA ILE J 103 27.51 0.61 -43.49
C ILE J 103 26.52 1.23 -42.50
N SER J 104 26.93 1.42 -41.25
CA SER J 104 26.03 1.99 -40.25
C SER J 104 25.87 3.50 -40.36
N ASN J 105 26.67 4.17 -41.19
CA ASN J 105 26.68 5.63 -41.25
C ASN J 105 25.80 6.21 -42.34
N TYR J 106 25.10 5.38 -43.13
CA TYR J 106 24.30 5.85 -44.26
C TYR J 106 22.93 5.21 -44.24
N THR J 107 22.21 5.34 -43.12
CA THR J 107 20.90 4.71 -42.96
C THR J 107 19.74 5.67 -43.20
N GLN J 108 19.89 6.94 -42.84
CA GLN J 108 18.75 7.86 -42.90
C GLN J 108 18.39 8.21 -44.34
N ILE J 109 19.38 8.51 -45.17
CA ILE J 109 19.10 8.99 -46.54
C ILE J 109 18.40 7.91 -47.35
N ILE J 110 18.86 6.66 -47.24
CA ILE J 110 18.27 5.59 -48.03
C ILE J 110 16.83 5.33 -47.61
N TYR J 111 16.56 5.33 -46.30
CA TYR J 111 15.19 5.17 -45.83
C TYR J 111 14.31 6.31 -46.31
N GLY J 112 14.81 7.55 -46.25
CA GLY J 112 14.03 8.69 -46.71
C GLY J 112 13.70 8.60 -48.18
N LEU J 113 14.67 8.20 -49.00
CA LEU J 113 14.41 8.07 -50.43
C LEU J 113 13.42 6.93 -50.71
N LEU J 114 13.56 5.81 -50.01
CA LEU J 114 12.64 4.70 -50.20
C LEU J 114 11.23 5.06 -49.77
N GLU J 115 11.09 5.96 -48.78
CA GLU J 115 9.76 6.35 -48.33
C GLU J 115 8.96 7.01 -49.45
N GLU J 116 9.60 7.90 -50.23
CA GLU J 116 8.90 8.61 -51.28
C GLU J 116 8.91 7.88 -52.62
N SER J 117 9.87 6.97 -52.84
CA SER J 117 9.89 6.23 -54.10
C SER J 117 8.64 5.38 -54.25
N GLN J 118 8.24 4.67 -53.18
CA GLN J 118 7.05 3.84 -53.23
C GLN J 118 5.80 4.67 -53.49
N ASN J 119 5.69 5.83 -52.83
CA ASN J 119 4.54 6.69 -53.03
C ASN J 119 4.48 7.19 -54.47
N GLN J 120 5.63 7.58 -55.03
CA GLN J 120 5.66 8.03 -56.42
C GLN J 120 5.22 6.92 -57.36
N GLN J 121 5.74 5.70 -57.15
CA GLN J 121 5.36 4.59 -58.02
C GLN J 121 3.87 4.28 -57.89
N GLU J 122 3.34 4.32 -56.66
CA GLU J 122 1.92 4.04 -56.45
C GLU J 122 1.06 5.08 -57.16
N LYS J 123 1.43 6.36 -57.06
CA LYS J 123 0.66 7.40 -57.72
C LYS J 123 0.73 7.25 -59.24
N ASN J 124 1.91 6.92 -59.78
CA ASN J 124 2.03 6.71 -61.21
C ASN J 124 1.16 5.55 -61.68
N GLU J 125 1.17 4.44 -60.92
CA GLU J 125 0.33 3.30 -61.28
C GLU J 125 -1.15 3.65 -61.19
N GLN J 126 -1.54 4.43 -60.17
CA GLN J 126 -2.93 4.85 -60.06
C GLN J 126 -3.35 5.70 -61.25
N ASP J 127 -2.49 6.63 -61.66
CA ASP J 127 -2.79 7.46 -62.82
C ASP J 127 -2.89 6.61 -64.09
N LEU J 128 -1.99 5.65 -64.25
CA LEU J 128 -2.02 4.79 -65.43
C LEU J 128 -3.32 3.99 -65.47
N LEU J 129 -3.74 3.44 -64.33
CA LEU J 129 -4.97 2.65 -64.30
C LEU J 129 -6.20 3.53 -64.47
N ALA J 130 -6.16 4.76 -63.98
CA ALA J 130 -7.30 5.66 -64.10
C ALA J 130 -7.43 6.26 -65.49
N LEU J 131 -6.33 6.31 -66.25
CA LEU J 131 -6.40 6.91 -67.58
C LEU J 131 -7.35 6.15 -68.50
N ASP J 132 -7.32 4.82 -68.45
CA ASP J 132 -8.21 4.01 -69.28
C ASP J 132 -9.66 4.15 -68.80
N GLN K 1 47.31 -48.25 38.73
CA GLN K 1 46.06 -48.20 37.92
C GLN K 1 45.09 -47.17 38.50
N VAL K 2 44.02 -46.90 37.75
CA VAL K 2 42.99 -45.97 38.23
C VAL K 2 42.33 -46.55 39.47
N GLN K 3 42.20 -45.73 40.50
CA GLN K 3 41.64 -46.15 41.78
C GLN K 3 40.57 -45.18 42.23
N LEU K 4 39.52 -45.72 42.86
CA LEU K 4 38.43 -44.94 43.43
C LEU K 4 38.12 -45.49 44.81
N VAL K 5 38.04 -44.60 45.80
CA VAL K 5 37.70 -45.02 47.16
C VAL K 5 36.65 -44.08 47.73
N GLN K 6 35.98 -44.56 48.77
CA GLN K 6 34.89 -43.84 49.43
C GLN K 6 35.00 -44.06 50.94
N SER K 7 34.06 -43.48 51.67
CA SER K 7 34.03 -43.65 53.11
C SER K 7 33.59 -45.06 53.48
N GLY K 8 33.94 -45.47 54.70
CA GLY K 8 33.64 -46.80 55.16
C GLY K 8 32.16 -47.08 55.34
N ALA K 9 31.54 -46.39 56.29
CA ALA K 9 30.12 -46.57 56.57
C ALA K 9 29.58 -45.31 57.24
N GLU K 10 28.26 -45.14 57.14
CA GLU K 10 27.58 -44.00 57.73
C GLU K 10 26.21 -44.42 58.21
N VAL K 11 25.82 -43.92 59.37
CA VAL K 11 24.50 -44.17 59.96
C VAL K 11 23.93 -42.84 60.44
N LYS K 12 22.65 -42.62 60.18
CA LYS K 12 21.99 -41.36 60.54
C LYS K 12 20.55 -41.65 60.94
N LYS K 13 19.98 -40.71 61.69
CA LYS K 13 18.60 -40.81 62.11
C LYS K 13 17.66 -40.57 60.92
N PRO K 14 16.43 -41.08 60.97
CA PRO K 14 15.48 -40.77 59.90
C PRO K 14 15.16 -39.29 59.84
N GLY K 15 15.06 -38.77 58.61
CA GLY K 15 14.81 -37.36 58.41
C GLY K 15 16.01 -36.45 58.58
N ALA K 16 17.19 -37.01 58.87
CA ALA K 16 18.40 -36.23 59.06
C ALA K 16 19.10 -36.04 57.71
N SER K 17 20.34 -35.55 57.74
CA SER K 17 21.12 -35.32 56.54
C SER K 17 22.45 -36.07 56.66
N VAL K 18 22.94 -36.54 55.51
CA VAL K 18 24.17 -37.32 55.44
C VAL K 18 25.03 -36.77 54.31
N LYS K 19 26.34 -37.02 54.42
CA LYS K 19 27.31 -36.61 53.41
C LYS K 19 28.22 -37.78 53.07
N VAL K 20 28.58 -37.88 51.79
CA VAL K 20 29.41 -38.96 51.27
C VAL K 20 30.52 -38.35 50.44
N SER K 21 31.74 -38.86 50.62
CA SER K 21 32.92 -38.39 49.91
C SER K 21 33.51 -39.52 49.08
N CYS K 22 33.85 -39.20 47.82
CA CYS K 22 34.45 -40.16 46.90
C CYS K 22 35.67 -39.53 46.27
N LYS K 23 36.82 -40.22 46.33
CA LYS K 23 38.07 -39.71 45.81
C LYS K 23 38.63 -40.64 44.75
N ALA K 24 39.35 -40.04 43.79
CA ALA K 24 39.88 -40.74 42.63
C ALA K 24 41.37 -40.48 42.52
N SER K 25 42.08 -41.44 41.93
CA SER K 25 43.51 -41.32 41.71
C SER K 25 43.87 -42.08 40.44
N GLY K 26 44.97 -41.65 39.80
CA GLY K 26 45.47 -42.27 38.60
C GLY K 26 45.14 -41.53 37.32
N TYR K 27 44.31 -40.50 37.38
CA TYR K 27 43.96 -39.73 36.19
C TYR K 27 43.59 -38.31 36.60
N THR K 28 43.55 -37.43 35.61
CA THR K 28 43.20 -36.04 35.85
C THR K 28 41.74 -35.93 36.27
N PHE K 29 41.49 -35.31 37.42
CA PHE K 29 40.14 -35.21 37.95
C PHE K 29 39.28 -34.22 37.18
N THR K 30 39.88 -33.23 36.53
CA THR K 30 39.15 -32.19 35.81
C THR K 30 38.83 -32.57 34.37
N GLY K 31 39.21 -33.78 33.93
CA GLY K 31 39.03 -34.17 32.55
C GLY K 31 37.83 -35.04 32.27
N TYR K 32 37.10 -35.44 33.32
CA TYR K 32 35.97 -36.36 33.17
C TYR K 32 34.85 -35.95 34.12
N TYR K 33 33.63 -36.36 33.75
CA TYR K 33 32.47 -36.17 34.61
C TYR K 33 32.51 -37.18 35.75
N MET K 34 31.50 -37.11 36.62
CA MET K 34 31.33 -38.08 37.70
C MET K 34 29.85 -38.38 37.88
N HIS K 35 29.48 -39.64 37.70
CA HIS K 35 28.11 -40.09 37.88
C HIS K 35 27.96 -40.69 39.27
N TRP K 36 26.78 -40.51 39.88
CA TRP K 36 26.47 -41.09 41.17
C TRP K 36 25.23 -41.97 41.06
N VAL K 37 25.31 -43.18 41.60
CA VAL K 37 24.21 -44.14 41.52
C VAL K 37 23.95 -44.72 42.90
N ARG K 38 22.70 -45.16 43.09
CA ARG K 38 22.23 -45.75 44.33
C ARG K 38 21.63 -47.11 44.03
N GLN K 39 21.91 -48.09 44.89
CA GLN K 39 21.42 -49.45 44.73
C GLN K 39 20.77 -49.90 46.04
N ALA K 40 19.48 -50.19 45.99
CA ALA K 40 18.76 -50.74 47.11
C ALA K 40 19.06 -52.23 47.25
N PRO K 41 18.90 -52.80 48.46
CA PRO K 41 19.22 -54.23 48.63
C PRO K 41 18.29 -55.14 47.85
N GLY K 42 18.83 -55.83 46.84
CA GLY K 42 18.07 -56.79 46.07
C GLY K 42 17.13 -56.19 45.05
N GLN K 43 17.23 -54.90 44.76
CA GLN K 43 16.36 -54.22 43.82
C GLN K 43 17.20 -53.54 42.74
N GLY K 44 16.53 -53.16 41.66
CA GLY K 44 17.21 -52.49 40.56
C GLY K 44 17.84 -51.18 40.97
N LEU K 45 19.11 -51.00 40.63
CA LEU K 45 19.83 -49.79 41.01
C LEU K 45 19.27 -48.58 40.27
N GLU K 46 19.26 -47.44 40.96
CA GLU K 46 18.72 -46.20 40.44
C GLU K 46 19.84 -45.18 40.24
N TRP K 47 19.70 -44.40 39.17
CA TRP K 47 20.67 -43.36 38.82
C TRP K 47 20.20 -42.02 39.36
N MET K 48 21.05 -41.36 40.14
CA MET K 48 20.69 -40.09 40.77
C MET K 48 21.04 -38.91 39.88
N GLY K 49 22.30 -38.75 39.51
CA GLY K 49 22.70 -37.62 38.71
C GLY K 49 24.17 -37.67 38.35
N TRP K 50 24.62 -36.58 37.72
CA TRP K 50 26.01 -36.42 37.32
C TRP K 50 26.49 -35.03 37.67
N ILE K 51 27.81 -34.90 37.80
CA ILE K 51 28.46 -33.66 38.20
C ILE K 51 29.70 -33.47 37.32
N ASN K 52 29.89 -32.23 36.86
CA ASN K 52 31.06 -31.83 36.09
C ASN K 52 32.01 -31.06 37.01
N PRO K 53 33.22 -31.56 37.31
CA PRO K 53 34.06 -30.85 38.28
C PRO K 53 34.70 -29.58 37.75
N ASN K 54 34.60 -29.30 36.44
CA ASN K 54 35.26 -28.13 35.88
C ASN K 54 34.60 -26.85 36.35
N SER K 55 33.34 -26.64 35.97
CA SER K 55 32.59 -25.44 36.32
C SER K 55 31.67 -25.64 37.51
N GLY K 56 31.63 -26.84 38.08
CA GLY K 56 30.75 -27.13 39.20
C GLY K 56 29.31 -27.43 38.82
N GLY K 57 28.98 -27.41 37.54
CA GLY K 57 27.62 -27.73 37.14
C GLY K 57 27.25 -29.17 37.45
N THR K 58 26.00 -29.36 37.84
CA THR K 58 25.48 -30.68 38.18
C THR K 58 24.06 -30.81 37.65
N ASN K 59 23.66 -32.05 37.42
CA ASN K 59 22.28 -32.36 37.04
C ASN K 59 21.83 -33.60 37.78
N TYR K 60 20.53 -33.63 38.07
CA TYR K 60 19.92 -34.73 38.82
C TYR K 60 18.65 -35.18 38.11
N ALA K 61 18.30 -36.44 38.32
CA ALA K 61 17.08 -36.99 37.76
C ALA K 61 15.87 -36.55 38.60
N GLN K 62 14.69 -36.88 38.10
CA GLN K 62 13.47 -36.56 38.83
C GLN K 62 13.42 -37.34 40.14
N LYS K 63 12.50 -36.94 41.01
CA LYS K 63 12.30 -37.46 42.36
C LYS K 63 13.41 -37.04 43.32
N PHE K 64 14.36 -36.20 42.89
CA PHE K 64 15.45 -35.74 43.74
C PHE K 64 15.74 -34.25 43.57
N GLN K 65 14.78 -33.48 43.02
CA GLN K 65 15.01 -32.08 42.77
C GLN K 65 15.09 -31.31 44.09
N GLY K 66 16.28 -30.79 44.40
CA GLY K 66 16.49 -29.99 45.58
C GLY K 66 16.79 -30.75 46.85
N ARG K 67 16.67 -32.08 46.84
CA ARG K 67 16.92 -32.89 48.02
C ARG K 67 18.36 -33.38 48.12
N VAL K 68 19.09 -33.40 47.00
CA VAL K 68 20.48 -33.86 46.96
C VAL K 68 21.32 -32.79 46.28
N THR K 69 22.47 -32.48 46.88
CA THR K 69 23.40 -31.48 46.35
C THR K 69 24.78 -32.09 46.20
N MET K 70 25.38 -31.92 45.03
CA MET K 70 26.68 -32.50 44.71
C MET K 70 27.67 -31.38 44.40
N THR K 71 28.83 -31.43 45.06
CA THR K 71 29.90 -30.46 44.84
C THR K 71 31.23 -31.23 44.78
N ARG K 72 32.32 -30.49 44.61
CA ARG K 72 33.62 -31.13 44.53
C ARG K 72 34.70 -30.17 45.02
N ASP K 73 35.85 -30.74 45.37
CA ASP K 73 37.05 -30.00 45.74
C ASP K 73 38.14 -30.37 44.74
N THR K 74 38.54 -29.39 43.93
CA THR K 74 39.51 -29.64 42.86
C THR K 74 40.94 -29.76 43.38
N SER K 75 41.28 -29.03 44.44
CA SER K 75 42.64 -29.07 44.95
C SER K 75 43.01 -30.46 45.44
N ILE K 76 42.10 -31.12 46.17
CA ILE K 76 42.30 -32.49 46.62
C ILE K 76 41.63 -33.50 45.72
N SER K 77 40.85 -33.06 44.73
CA SER K 77 40.21 -33.95 43.76
C SER K 77 39.29 -34.96 44.45
N THR K 78 38.25 -34.42 45.10
CA THR K 78 37.24 -35.23 45.76
C THR K 78 35.86 -34.74 45.36
N ALA K 79 34.87 -35.63 45.45
CA ALA K 79 33.49 -35.30 45.15
C ALA K 79 32.63 -35.58 46.39
N TYR K 80 31.80 -34.61 46.75
CA TYR K 80 30.96 -34.68 47.93
C TYR K 80 29.50 -34.65 47.51
N MET K 81 28.71 -35.55 48.08
CA MET K 81 27.27 -35.63 47.86
C MET K 81 26.56 -35.50 49.21
N GLU K 82 25.67 -34.54 49.32
CA GLU K 82 24.91 -34.28 50.54
C GLU K 82 23.44 -34.57 50.28
N LEU K 83 22.83 -35.34 51.17
CA LEU K 83 21.42 -35.72 51.08
C LEU K 83 20.71 -35.31 52.37
N SER K 84 19.44 -34.97 52.23
CA SER K 84 18.63 -34.50 53.36
C SER K 84 17.25 -35.13 53.27
N ARG K 85 16.53 -35.08 54.40
CA ARG K 85 15.19 -35.65 54.50
C ARG K 85 15.22 -37.15 54.18
N LEU K 86 16.01 -37.88 54.96
CA LEU K 86 16.14 -39.31 54.78
C LEU K 86 14.82 -40.02 55.12
N ARG K 87 14.59 -41.13 54.43
CA ARG K 87 13.40 -41.96 54.62
C ARG K 87 13.81 -43.38 54.97
N SER K 88 12.84 -44.14 55.49
CA SER K 88 13.12 -45.50 55.94
C SER K 88 13.58 -46.39 54.80
N ASP K 89 13.16 -46.10 53.57
CA ASP K 89 13.56 -46.87 52.41
C ASP K 89 14.88 -46.41 51.81
N ASP K 90 15.60 -45.50 52.48
CA ASP K 90 16.86 -44.99 51.97
C ASP K 90 18.04 -45.88 52.31
N THR K 91 17.85 -46.94 53.11
CA THR K 91 18.92 -47.88 53.40
C THR K 91 19.38 -48.54 52.11
N ALA K 92 20.61 -48.25 51.69
CA ALA K 92 21.05 -48.65 50.36
C ALA K 92 22.58 -48.53 50.29
N VAL K 93 23.12 -48.67 49.08
CA VAL K 93 24.53 -48.49 48.82
C VAL K 93 24.67 -47.41 47.73
N TYR K 94 25.78 -46.68 47.79
CA TYR K 94 26.05 -45.59 46.86
C TYR K 94 27.39 -45.82 46.18
N TYR K 95 27.43 -45.54 44.87
CA TYR K 95 28.63 -45.70 44.07
C TYR K 95 28.89 -44.46 43.22
N CYS K 96 30.16 -44.16 43.03
CA CYS K 96 30.63 -43.10 42.14
C CYS K 96 31.35 -43.73 40.95
N ALA K 97 31.06 -43.22 39.75
CA ALA K 97 31.56 -43.80 38.51
C ALA K 97 32.13 -42.71 37.62
N ARG K 98 33.10 -43.09 36.81
CA ARG K 98 33.79 -42.18 35.89
C ARG K 98 33.19 -42.31 34.50
N GLY K 99 32.62 -41.21 34.00
CA GLY K 99 31.90 -41.23 32.75
C GLY K 99 32.75 -40.84 31.55
N GLY K 100 32.19 -40.03 30.65
CA GLY K 100 32.84 -39.67 29.42
C GLY K 100 33.84 -38.55 29.59
N TRP K 101 34.44 -38.16 28.46
CA TRP K 101 35.48 -37.14 28.40
C TRP K 101 34.86 -35.77 28.16
N ILE K 102 35.41 -34.76 28.81
CA ILE K 102 34.97 -33.38 28.61
C ILE K 102 35.62 -32.85 27.34
N SER K 103 34.81 -32.56 26.33
CA SER K 103 35.29 -32.16 25.02
C SER K 103 35.21 -30.66 24.78
N LEU K 104 34.22 -29.97 25.34
CA LEU K 104 33.99 -28.54 25.16
C LEU K 104 33.50 -28.18 23.76
N TYR K 105 33.23 -29.18 22.91
CA TYR K 105 32.71 -28.96 21.56
C TYR K 105 31.45 -29.75 21.28
N TYR K 106 31.35 -30.98 21.80
CA TYR K 106 30.16 -31.81 21.64
C TYR K 106 29.76 -32.38 23.00
N ASP K 107 28.46 -32.49 23.22
CA ASP K 107 27.96 -32.97 24.50
C ASP K 107 28.36 -34.43 24.73
N SER K 108 28.76 -34.73 25.97
CA SER K 108 29.12 -36.09 26.35
C SER K 108 28.59 -36.46 27.74
N SER K 109 27.71 -35.65 28.31
CA SER K 109 27.18 -35.94 29.64
C SER K 109 26.26 -37.15 29.63
N GLY K 110 25.48 -37.29 28.56
CA GLY K 110 24.46 -38.31 28.50
C GLY K 110 24.92 -39.70 28.11
N TYR K 111 26.17 -39.88 27.74
CA TYR K 111 26.65 -41.20 27.37
C TYR K 111 26.70 -42.09 28.61
N PRO K 112 26.04 -43.26 28.62
CA PRO K 112 25.97 -44.06 29.84
C PRO K 112 27.14 -45.01 30.07
N ASN K 113 28.25 -44.84 29.35
CA ASN K 113 29.38 -45.76 29.44
C ASN K 113 30.34 -45.28 30.52
N PHE K 114 30.35 -45.97 31.66
CA PHE K 114 31.32 -45.75 32.73
C PHE K 114 31.85 -47.10 33.19
N ASP K 115 33.18 -47.22 33.25
CA ASP K 115 33.84 -48.49 33.48
C ASP K 115 34.47 -48.61 34.86
N TYR K 116 35.13 -47.57 35.34
CA TYR K 116 35.85 -47.62 36.61
C TYR K 116 34.90 -47.27 37.75
N TRP K 117 34.81 -48.16 38.74
CA TRP K 117 33.94 -48.02 39.90
C TRP K 117 34.77 -48.11 41.17
N GLY K 118 34.09 -48.03 42.32
CA GLY K 118 34.73 -48.18 43.61
C GLY K 118 33.96 -49.18 44.46
N GLN K 119 34.45 -49.36 45.69
CA GLN K 119 33.81 -50.30 46.62
C GLN K 119 32.48 -49.79 47.15
N GLY K 120 32.13 -48.52 46.90
CA GLY K 120 30.86 -47.99 47.33
C GLY K 120 30.84 -47.65 48.81
N THR K 121 29.66 -47.23 49.27
CA THR K 121 29.44 -46.95 50.68
C THR K 121 28.03 -47.35 51.06
N LEU K 122 27.91 -48.01 52.21
CA LEU K 122 26.63 -48.50 52.72
C LEU K 122 26.06 -47.47 53.69
N VAL K 123 24.77 -47.15 53.52
CA VAL K 123 24.06 -46.25 54.41
C VAL K 123 22.80 -46.96 54.91
N THR K 124 22.55 -46.87 56.21
CA THR K 124 21.41 -47.52 56.84
C THR K 124 20.73 -46.54 57.77
N VAL K 125 19.41 -46.68 57.89
CA VAL K 125 18.59 -45.83 58.77
C VAL K 125 17.76 -46.78 59.62
N SER K 126 18.27 -47.11 60.81
CA SER K 126 17.56 -48.04 61.69
C SER K 126 16.32 -47.37 62.30
N GLY K 127 16.53 -46.27 63.01
CA GLY K 127 15.42 -45.56 63.64
C GLY K 127 14.94 -46.23 64.91
N GLN L 1 9.15 -46.07 38.23
CA GLN L 1 9.17 -45.26 36.99
C GLN L 1 9.01 -46.15 35.75
N SER L 2 8.92 -45.52 34.58
CA SER L 2 8.78 -46.25 33.32
C SER L 2 10.18 -46.66 32.82
N ALA L 3 10.79 -47.57 33.57
CA ALA L 3 12.12 -48.06 33.24
C ALA L 3 12.03 -49.05 32.08
N LEU L 4 13.15 -49.66 31.71
CA LEU L 4 13.19 -50.61 30.62
C LEU L 4 12.63 -51.95 31.09
N THR L 5 11.59 -52.42 30.42
CA THR L 5 11.02 -53.73 30.73
C THR L 5 12.04 -54.82 30.42
N GLN L 6 12.17 -55.78 31.33
CA GLN L 6 13.18 -56.81 31.23
C GLN L 6 12.63 -58.09 31.82
N PRO L 7 13.06 -59.28 31.34
CA PRO L 7 12.54 -60.53 31.93
C PRO L 7 13.00 -60.75 33.35
N ALA L 8 12.65 -61.91 33.92
CA ALA L 8 13.00 -62.24 35.30
C ALA L 8 14.32 -63.00 35.39
N SER L 9 14.40 -64.16 34.75
CA SER L 9 15.59 -65.00 34.83
C SER L 9 15.65 -65.92 33.62
N VAL L 10 16.84 -66.46 33.39
CA VAL L 10 17.10 -67.40 32.31
C VAL L 10 18.01 -68.51 32.84
N SER L 11 18.26 -69.51 32.01
CA SER L 11 19.10 -70.63 32.41
C SER L 11 19.71 -71.26 31.17
N GLY L 12 20.79 -72.00 31.37
CA GLY L 12 21.45 -72.68 30.28
C GLY L 12 22.57 -73.56 30.80
N SER L 13 22.91 -74.56 30.01
CA SER L 13 23.96 -75.50 30.35
C SER L 13 25.32 -74.97 29.89
N PRO L 14 26.41 -75.51 30.44
CA PRO L 14 27.74 -75.09 29.95
C PRO L 14 27.92 -75.41 28.48
N GLY L 15 28.59 -74.52 27.77
CA GLY L 15 28.80 -74.68 26.35
C GLY L 15 27.62 -74.29 25.48
N GLN L 16 26.53 -73.82 26.08
CA GLN L 16 25.32 -73.46 25.34
C GLN L 16 25.28 -71.95 25.10
N SER L 17 24.56 -71.56 24.05
CA SER L 17 24.38 -70.16 23.68
C SER L 17 23.03 -69.69 24.19
N ILE L 18 23.03 -68.61 24.97
CA ILE L 18 21.82 -68.09 25.59
C ILE L 18 21.76 -66.59 25.41
N THR L 19 20.57 -66.07 25.09
CA THR L 19 20.36 -64.66 24.84
C THR L 19 19.31 -64.11 25.79
N ILE L 20 19.49 -62.86 26.19
CA ILE L 20 18.57 -62.15 27.08
C ILE L 20 18.21 -60.82 26.44
N SER L 21 16.92 -60.50 26.46
CA SER L 21 16.38 -59.32 25.79
C SER L 21 16.14 -58.19 26.78
N CYS L 22 16.11 -56.97 26.25
CA CYS L 22 15.82 -55.78 27.03
C CYS L 22 15.28 -54.72 26.08
N THR L 23 14.06 -54.25 26.34
CA THR L 23 13.34 -53.41 25.40
C THR L 23 12.82 -52.15 26.08
N GLY L 24 12.55 -51.14 25.27
CA GLY L 24 12.01 -49.88 25.75
C GLY L 24 11.38 -49.13 24.60
N THR L 25 10.82 -47.97 24.94
CA THR L 25 10.16 -47.14 23.95
C THR L 25 11.20 -46.57 22.97
N SER L 26 10.69 -45.85 21.95
CA SER L 26 11.57 -45.31 20.92
C SER L 26 12.51 -44.26 21.49
N SER L 27 12.03 -43.41 22.40
CA SER L 27 12.85 -42.34 22.94
C SER L 27 14.02 -42.90 23.73
N ASP L 28 13.80 -43.97 24.49
CA ASP L 28 14.85 -44.51 25.34
C ASP L 28 15.97 -45.13 24.51
N VAL L 29 15.64 -46.11 23.68
CA VAL L 29 16.63 -46.88 22.94
C VAL L 29 16.43 -46.84 21.44
N GLY L 30 15.22 -46.55 20.95
CA GLY L 30 14.96 -46.57 19.52
C GLY L 30 15.67 -45.47 18.75
N SER L 31 15.61 -44.24 19.27
CA SER L 31 16.15 -43.09 18.54
C SER L 31 17.65 -42.89 18.75
N TYR L 32 18.27 -43.64 19.65
CA TYR L 32 19.69 -43.50 19.95
C TYR L 32 20.35 -44.87 20.00
N ASN L 33 21.66 -44.89 19.72
CA ASN L 33 22.45 -46.11 19.76
C ASN L 33 23.22 -46.28 21.07
N LEU L 34 22.94 -45.45 22.07
CA LEU L 34 23.67 -45.48 23.33
C LEU L 34 23.01 -46.49 24.25
N VAL L 35 23.59 -47.70 24.30
CA VAL L 35 23.13 -48.76 25.19
C VAL L 35 24.36 -49.37 25.86
N SER L 36 24.15 -49.94 27.04
CA SER L 36 25.24 -50.57 27.77
C SER L 36 24.69 -51.70 28.63
N TRP L 37 25.49 -52.76 28.76
CA TRP L 37 25.16 -53.91 29.59
C TRP L 37 26.17 -54.04 30.71
N TYR L 38 25.68 -54.20 31.94
CA TYR L 38 26.52 -54.24 33.14
C TYR L 38 26.36 -55.58 33.85
N GLN L 39 27.49 -56.16 34.24
CA GLN L 39 27.56 -57.39 35.00
C GLN L 39 27.87 -57.05 36.45
N GLN L 40 27.10 -57.62 37.38
CA GLN L 40 27.23 -57.33 38.80
C GLN L 40 27.18 -58.64 39.58
N HIS L 41 28.29 -58.99 40.21
CA HIS L 41 28.30 -60.07 41.19
C HIS L 41 27.79 -59.56 42.53
N PRO L 42 27.37 -60.46 43.42
CA PRO L 42 26.95 -60.02 44.76
C PRO L 42 28.09 -59.33 45.49
N GLY L 43 27.75 -58.26 46.21
CA GLY L 43 28.74 -57.55 47.00
C GLY L 43 29.60 -56.58 46.22
N LYS L 44 30.34 -57.11 45.24
CA LYS L 44 31.27 -56.28 44.48
C LYS L 44 30.52 -55.33 43.56
N ALA L 45 31.24 -54.32 43.08
CA ALA L 45 30.67 -53.30 42.21
C ALA L 45 30.42 -53.85 40.81
N PRO L 46 29.47 -53.27 40.08
CA PRO L 46 29.20 -53.77 38.72
C PRO L 46 30.33 -53.44 37.75
N LYS L 47 30.42 -54.25 36.69
CA LYS L 47 31.38 -54.05 35.61
C LYS L 47 30.63 -54.07 34.28
N LEU L 48 31.02 -53.17 33.38
CA LEU L 48 30.36 -53.06 32.09
C LEU L 48 31.01 -54.01 31.09
N MET L 49 30.25 -54.34 30.03
CA MET L 49 30.62 -55.41 29.11
C MET L 49 30.60 -55.00 27.64
N ILE L 50 30.03 -53.86 27.28
CA ILE L 50 29.89 -53.50 25.87
C ILE L 50 29.74 -51.98 25.76
N TYR L 51 30.30 -51.43 24.70
CA TYR L 51 30.15 -50.01 24.37
C TYR L 51 29.23 -49.88 23.16
N GLU L 52 28.16 -49.10 23.32
CA GLU L 52 27.21 -48.81 22.24
C GLU L 52 26.63 -50.08 21.62
N VAL L 53 26.61 -51.18 22.39
CA VAL L 53 26.01 -52.45 22.01
C VAL L 53 26.86 -53.24 21.02
N SER L 54 27.86 -52.60 20.41
CA SER L 54 28.65 -53.24 19.36
C SER L 54 30.13 -53.33 19.70
N LYS L 55 30.75 -52.23 20.13
CA LYS L 55 32.19 -52.22 20.37
C LYS L 55 32.51 -52.90 21.69
N ARG L 56 33.48 -53.81 21.66
CA ARG L 56 33.83 -54.58 22.85
C ARG L 56 34.80 -53.79 23.73
N PRO L 57 34.78 -54.00 25.05
CA PRO L 57 35.79 -53.37 25.90
C PRO L 57 37.14 -54.06 25.79
N SER L 58 38.17 -53.36 26.28
CA SER L 58 39.51 -53.93 26.32
C SER L 58 39.66 -54.82 27.54
N GLY L 59 40.33 -55.96 27.35
CA GLY L 59 40.53 -56.90 28.43
C GLY L 59 39.36 -57.85 28.68
N VAL L 60 38.33 -57.80 27.85
CA VAL L 60 37.14 -58.65 28.00
C VAL L 60 37.18 -59.70 26.90
N SER L 61 36.86 -60.94 27.27
CA SER L 61 36.90 -62.04 26.32
C SER L 61 35.85 -61.86 25.23
N ASN L 62 35.91 -62.72 24.23
CA ASN L 62 35.03 -62.66 23.07
C ASN L 62 33.75 -63.47 23.25
N ARG L 63 33.55 -64.07 24.42
CA ARG L 63 32.37 -64.92 24.62
C ARG L 63 31.08 -64.12 24.57
N PHE L 64 31.08 -62.89 25.07
CA PHE L 64 29.89 -62.06 25.13
C PHE L 64 29.70 -61.31 23.81
N SER L 65 28.45 -60.95 23.52
CA SER L 65 28.13 -60.15 22.36
C SER L 65 26.80 -59.47 22.59
N GLY L 66 26.49 -58.46 21.77
CA GLY L 66 25.23 -57.75 21.89
C GLY L 66 24.83 -57.15 20.56
N SER L 67 23.52 -56.99 20.40
CA SER L 67 22.99 -56.44 19.15
C SER L 67 21.62 -55.82 19.39
N LYS L 68 21.37 -54.70 18.72
CA LYS L 68 20.11 -53.98 18.83
C LYS L 68 19.33 -54.10 17.53
N SER L 69 18.00 -54.19 17.67
CA SER L 69 17.11 -54.23 16.51
C SER L 69 15.80 -53.54 16.89
N GLY L 70 15.33 -52.65 16.03
CA GLY L 70 14.09 -51.95 16.28
C GLY L 70 14.09 -51.17 17.57
N ASN L 71 13.32 -51.66 18.56
CA ASN L 71 13.24 -51.06 19.88
C ASN L 71 13.64 -52.04 20.98
N THR L 72 14.50 -53.01 20.67
CA THR L 72 14.92 -54.00 21.65
C THR L 72 16.36 -54.41 21.40
N ALA L 73 17.12 -54.56 22.48
CA ALA L 73 18.49 -55.04 22.43
C ALA L 73 18.57 -56.43 23.03
N SER L 74 19.57 -57.19 22.61
CA SER L 74 19.78 -58.55 23.06
C SER L 74 21.25 -58.76 23.37
N LEU L 75 21.51 -59.33 24.55
CA LEU L 75 22.84 -59.72 24.99
C LEU L 75 22.95 -61.23 24.89
N THR L 76 23.93 -61.70 24.11
CA THR L 76 24.13 -63.12 23.85
C THR L 76 25.43 -63.58 24.49
N ILE L 77 25.38 -64.75 25.13
CA ILE L 77 26.53 -65.37 25.75
C ILE L 77 26.71 -66.73 25.11
N SER L 78 27.92 -66.98 24.58
CA SER L 78 28.27 -68.23 23.94
C SER L 78 29.36 -68.91 24.75
N GLY L 79 29.23 -70.22 24.95
CA GLY L 79 30.16 -70.95 25.77
C GLY L 79 30.03 -70.61 27.23
N LEU L 80 28.88 -70.95 27.82
CA LEU L 80 28.63 -70.62 29.21
C LEU L 80 29.60 -71.36 30.12
N GLN L 81 30.00 -70.68 31.20
CA GLN L 81 30.90 -71.24 32.21
C GLN L 81 30.41 -70.81 33.58
N ALA L 82 31.11 -71.27 34.61
CA ALA L 82 30.75 -70.94 35.99
C ALA L 82 31.00 -69.48 36.33
N GLU L 83 31.78 -68.75 35.52
CA GLU L 83 32.09 -67.36 35.81
C GLU L 83 30.95 -66.41 35.43
N ASP L 84 29.94 -66.88 34.71
CA ASP L 84 28.82 -66.04 34.27
C ASP L 84 27.70 -65.98 35.29
N GLU L 85 27.82 -66.65 36.43
CA GLU L 85 26.78 -66.63 37.45
C GLU L 85 26.77 -65.28 38.17
N ALA L 86 25.94 -64.36 37.70
CA ALA L 86 25.85 -63.03 38.28
C ALA L 86 24.63 -62.35 37.67
N ASP L 87 24.39 -61.10 38.09
CA ASP L 87 23.27 -60.31 37.62
C ASP L 87 23.69 -59.48 36.40
N TYR L 88 22.73 -59.27 35.49
CA TYR L 88 22.95 -58.50 34.28
C TYR L 88 21.90 -57.41 34.18
N TYR L 89 22.34 -56.19 33.89
CA TYR L 89 21.46 -55.03 33.77
C TYR L 89 21.70 -54.34 32.42
N CYS L 90 20.66 -53.70 31.91
CA CYS L 90 20.74 -52.90 30.70
C CYS L 90 20.42 -51.45 31.04
N CYS L 91 21.28 -50.53 30.58
CA CYS L 91 21.07 -49.11 30.80
C CYS L 91 21.25 -48.37 29.48
N SER L 92 20.64 -47.18 29.41
CA SER L 92 20.61 -46.42 28.17
C SER L 92 20.40 -44.94 28.50
N TYR L 93 20.38 -44.13 27.44
CA TYR L 93 20.26 -42.69 27.55
C TYR L 93 18.83 -42.26 27.23
N ALA L 94 18.20 -41.54 28.15
CA ALA L 94 16.77 -41.25 28.10
C ALA L 94 16.46 -39.85 27.58
N GLY L 95 17.46 -39.13 27.08
CA GLY L 95 17.23 -37.78 26.61
C GLY L 95 17.37 -36.74 27.70
N SER L 96 17.64 -35.49 27.32
CA SER L 96 17.79 -34.38 28.25
C SER L 96 18.88 -34.65 29.28
N SER L 97 19.94 -35.35 28.88
CA SER L 97 21.08 -35.66 29.74
C SER L 97 20.65 -36.46 30.97
N THR L 98 20.06 -37.63 30.70
CA THR L 98 19.65 -38.55 31.75
C THR L 98 19.98 -39.97 31.33
N VAL L 99 20.18 -40.83 32.33
CA VAL L 99 20.53 -42.23 32.14
C VAL L 99 19.52 -43.07 32.91
N ILE L 100 19.00 -44.11 32.26
CA ILE L 100 18.00 -44.99 32.87
C ILE L 100 18.52 -46.42 32.83
N PHE L 101 18.40 -47.11 33.97
CA PHE L 101 18.83 -48.48 34.13
C PHE L 101 17.63 -49.42 34.10
N GLY L 102 17.87 -50.65 33.64
CA GLY L 102 16.81 -51.64 33.54
C GLY L 102 16.56 -52.37 34.85
N GLY L 103 15.55 -53.24 34.82
CA GLY L 103 15.20 -53.99 36.01
C GLY L 103 16.28 -54.97 36.44
N GLY L 104 16.88 -55.66 35.48
CA GLY L 104 17.92 -56.63 35.74
C GLY L 104 17.41 -58.06 35.74
N THR L 105 18.34 -59.00 35.66
CA THR L 105 18.03 -60.42 35.61
C THR L 105 19.09 -61.19 36.40
N LYS L 106 18.89 -62.50 36.49
CA LYS L 106 19.85 -63.41 37.07
C LYS L 106 20.06 -64.59 36.14
N LEU L 107 21.31 -65.01 35.98
CA LEU L 107 21.68 -66.10 35.09
C LEU L 107 22.10 -67.30 35.91
N THR L 108 21.52 -68.46 35.61
CA THR L 108 21.80 -69.72 36.29
C THR L 108 22.41 -70.70 35.31
N VAL L 109 23.32 -71.54 35.82
CA VAL L 109 24.04 -72.53 35.03
C VAL L 109 23.51 -73.90 35.42
N LEU L 110 23.05 -74.66 34.43
CA LEU L 110 22.56 -76.00 34.68
C LEU L 110 23.70 -76.95 34.99
N GLY L 111 23.39 -78.02 35.73
CA GLY L 111 24.38 -79.01 36.09
C GLY L 111 25.23 -78.58 37.28
#